data_9BU8
#
_entry.id   9BU8
#
_cell.length_a   1.00
_cell.length_b   1.00
_cell.length_c   1.00
_cell.angle_alpha   90.00
_cell.angle_beta   90.00
_cell.angle_gamma   90.00
#
_symmetry.space_group_name_H-M   'P 1'
#
loop_
_entity.id
_entity.type
_entity.pdbx_description
1 polymer 'Hemagglutinin HA1'
2 polymer 'Hemagglutinin HA2'
3 polymer 'Fab c115.131 heavy chain'
4 polymer 'Fab c115.131 light chain'
5 branched beta-D-mannopyranose-(1-4)-2-acetamido-2-deoxy-beta-D-glucopyranose-(1-4)-2-acetamido-2-deoxy-beta-D-glucopyranose
6 non-polymer 2-acetamido-2-deoxy-beta-D-glucopyranose
#
loop_
_entity_poly.entity_id
_entity_poly.type
_entity_poly.pdbx_seq_one_letter_code
_entity_poly.pdbx_strand_id
1 'polypeptide(L)'
;GLDKICLGHHAVANGTIVKTLTNEQEEVTNATETVESTGINRLCMKGRKHKDLGNCHPIGMLIGTPACDLHLTGMWDTLI
ERENAIAYCYPGATVNVEALRQKIMESGGINKISTGFTYGSSINSAGTTRACMRNGGNSFYAELKWLVSKSKGQNFPQTT
NTYRNTDTAEHLIMWGIHHPSSTQEKNDLYGTQSLSISVGSSTYRNNFVPVVGARPQVNGQSGRIDFHWTLVQPGDNITF
SHNGGLIAPSRVSKLIGRGLGIQSDAPIDNNCESKCFWRGGSINTRLPFQNLSPRTVGQCPKYVNRRSLMLATGMRNVPE
LIQGR
;
A,E,J
2 'polypeptide(L)'
;GLFGAIAGFLENGWEGMVDGWYGFRHQNAQGTGQAADYKSTQAAIDQITGKLNRLVEKTNTEFESIESEFSEIEHQIGNV
INWTKDSITDIWTYQAELLVAMENQHTIDMADSEMLNLYERVRKQLRQNAEEDGKGCFEIYHACDDSCMESIRNNTYDHS
QYREEALLNRLNINPVTGSGYIPEAPRDGQAYVRKDGEWVLLSTFLGSGLNDIFEAQKIEWHEGHHHHHH
;
B,G,L
3 'polypeptide(L)'
;EVQLLESGGGLVQPGGSLRLSCVASGFTFSAYAMSWVRQAPGKGLEWVSSVSGGGYNTNYADSVRGRFTASIDNSKRTLY
LQMNSLRAEDTAVYYCAKDRNWDPPYYFDSWGQGTLVTVSS
;
C,F,I
4 'polypeptide(L)'
;EVVMTQSPATLSVSPGERATLSCRASQSVSSKLAWYQQTPGQAPRLLIYGASTRATDIPARFSGSGSGTEFTLTISGLQS
EDFAVYYCQQYNNWPRTFGQGTKLEIK
;
D,H,K
#
loop_
_chem_comp.id
_chem_comp.type
_chem_comp.name
_chem_comp.formula
BMA D-saccharide, beta linking beta-D-mannopyranose 'C6 H12 O6'
NAG D-saccharide, beta linking 2-acetamido-2-deoxy-beta-D-glucopyranose 'C8 H15 N O6'
#
# COMPACT_ATOMS: atom_id res chain seq x y z
N GLY A 1 -1.41 35.64 -43.85
CA GLY A 1 -2.44 35.24 -42.86
C GLY A 1 -2.37 36.03 -41.57
N LEU A 2 -3.39 35.88 -40.73
CA LEU A 2 -3.43 36.60 -39.46
C LEU A 2 -2.31 36.13 -38.55
N ASP A 3 -1.98 36.96 -37.56
CA ASP A 3 -0.97 36.61 -36.59
C ASP A 3 -1.46 35.46 -35.71
N LYS A 4 -0.51 34.69 -35.17
CA LYS A 4 -0.84 33.49 -34.43
C LYS A 4 0.17 33.28 -33.32
N ILE A 5 -0.28 32.58 -32.28
CA ILE A 5 0.56 32.18 -31.15
C ILE A 5 -0.18 31.10 -30.40
N CYS A 6 0.55 30.08 -29.93
CA CYS A 6 -0.07 29.07 -29.09
C CYS A 6 0.94 28.16 -28.43
N LEU A 7 0.43 27.28 -27.58
CA LEU A 7 1.19 26.67 -26.50
C LEU A 7 1.15 25.16 -26.62
N GLY A 8 2.25 24.51 -26.27
CA GLY A 8 2.32 23.07 -26.29
C GLY A 8 3.58 22.53 -25.63
N HIS A 9 3.50 21.29 -25.14
CA HIS A 9 4.66 20.65 -24.55
C HIS A 9 5.49 19.97 -25.64
N HIS A 10 6.59 19.34 -25.23
CA HIS A 10 7.53 18.75 -26.16
C HIS A 10 7.22 17.28 -26.41
N ALA A 11 7.78 16.75 -27.49
CA ALA A 11 7.63 15.35 -27.85
C ALA A 11 8.91 14.86 -28.50
N VAL A 12 9.09 13.53 -28.50
CA VAL A 12 10.28 12.91 -29.05
C VAL A 12 9.86 11.82 -30.04
N ALA A 13 10.77 11.50 -30.96
CA ALA A 13 10.43 10.57 -32.04
C ALA A 13 10.08 9.19 -31.50
N ASN A 14 10.95 8.61 -30.67
CA ASN A 14 10.75 7.27 -30.13
C ASN A 14 10.69 7.36 -28.61
N GLY A 15 9.66 6.73 -28.02
CA GLY A 15 9.41 6.83 -26.60
C GLY A 15 9.78 5.58 -25.84
N THR A 16 9.23 5.49 -24.62
CA THR A 16 9.50 4.36 -23.74
C THR A 16 8.17 3.91 -23.13
N ILE A 17 8.14 2.65 -22.69
CA ILE A 17 6.92 1.99 -22.23
C ILE A 17 6.96 1.90 -20.71
N VAL A 18 5.89 2.37 -20.07
CA VAL A 18 5.76 2.33 -18.62
C VAL A 18 4.34 1.89 -18.26
N LYS A 19 4.19 1.35 -17.07
CA LYS A 19 2.88 0.91 -16.60
C LYS A 19 2.09 2.09 -16.01
N THR A 20 0.82 1.86 -15.78
CA THR A 20 -0.07 2.85 -15.18
C THR A 20 -1.38 2.17 -14.83
N LEU A 21 -2.30 2.93 -14.23
CA LEU A 21 -3.56 2.38 -13.76
C LEU A 21 -4.55 2.09 -14.87
N THR A 22 -4.46 2.77 -16.02
CA THR A 22 -5.44 2.61 -17.07
C THR A 22 -4.77 1.88 -18.23
N ASN A 23 -3.70 2.40 -18.80
CA ASN A 23 -3.03 1.72 -19.91
C ASN A 23 -2.04 0.69 -19.38
N GLU A 24 -1.79 -0.33 -20.20
CA GLU A 24 -0.81 -1.36 -19.87
C GLU A 24 0.54 -1.13 -20.53
N GLN A 25 0.58 -0.38 -21.63
CA GLN A 25 1.82 0.07 -22.24
C GLN A 25 1.60 1.52 -22.70
N GLU A 26 2.04 2.46 -21.84
CA GLU A 26 1.85 3.87 -22.10
C GLU A 26 3.12 4.48 -22.67
N GLU A 27 2.94 5.50 -23.52
CA GLU A 27 4.05 6.15 -24.21
C GLU A 27 4.38 7.45 -23.49
N VAL A 28 5.64 7.59 -23.06
CA VAL A 28 6.12 8.77 -22.38
C VAL A 28 7.46 9.16 -22.98
N THR A 29 7.87 10.41 -22.72
CA THR A 29 9.09 10.94 -23.30
C THR A 29 10.34 10.51 -22.54
N ASN A 30 10.20 10.02 -21.31
CA ASN A 30 11.36 9.72 -20.49
C ASN A 30 10.95 8.73 -19.40
N ALA A 31 11.95 8.02 -18.87
CA ALA A 31 11.72 7.06 -17.80
C ALA A 31 13.06 6.64 -17.22
N THR A 32 13.01 6.09 -16.02
CA THR A 32 14.21 5.62 -15.31
C THR A 32 13.89 4.32 -14.59
N GLU A 33 14.70 3.30 -14.86
CA GLU A 33 14.53 2.01 -14.17
C GLU A 33 14.87 2.17 -12.70
N THR A 34 14.05 1.57 -11.84
CA THR A 34 14.23 1.71 -10.39
C THR A 34 15.01 0.56 -9.78
N VAL A 35 15.19 -0.55 -10.50
CA VAL A 35 15.77 -1.76 -9.95
C VAL A 35 17.24 -1.83 -10.37
N GLU A 36 18.13 -1.90 -9.38
CA GLU A 36 19.54 -2.17 -9.65
C GLU A 36 19.72 -3.63 -10.05
N SER A 37 20.60 -3.87 -11.03
CA SER A 37 20.79 -5.23 -11.52
C SER A 37 22.26 -5.57 -11.74
N THR A 38 23.18 -4.84 -11.12
CA THR A 38 24.59 -5.16 -11.20
C THR A 38 25.29 -4.59 -9.97
N GLY A 39 26.24 -5.36 -9.45
CA GLY A 39 26.94 -4.96 -8.24
C GLY A 39 28.41 -5.34 -8.33
N ILE A 40 29.20 -4.69 -7.46
CA ILE A 40 30.63 -4.94 -7.39
C ILE A 40 30.84 -6.40 -7.00
N ASN A 41 31.79 -7.07 -7.66
CA ASN A 41 32.05 -8.48 -7.38
C ASN A 41 33.17 -8.64 -6.37
N ARG A 42 33.32 -7.65 -5.48
CA ARG A 42 34.36 -7.68 -4.46
C ARG A 42 33.80 -7.09 -3.18
N LEU A 43 34.42 -7.46 -2.05
CA LEU A 43 33.98 -6.98 -0.74
C LEU A 43 34.68 -5.67 -0.44
N CYS A 44 33.93 -4.57 -0.51
CA CYS A 44 34.46 -3.27 -0.11
C CYS A 44 34.56 -3.21 1.40
N MET A 45 35.74 -2.84 1.90
CA MET A 45 36.00 -2.91 3.34
C MET A 45 36.78 -1.71 3.86
N LYS A 46 36.61 -0.53 3.27
CA LYS A 46 37.29 0.66 3.77
C LYS A 46 36.71 1.08 5.11
N GLY A 47 37.57 1.55 6.00
CA GLY A 47 37.12 2.06 7.29
C GLY A 47 36.95 0.98 8.34
N ARG A 48 36.25 -0.09 7.99
CA ARG A 48 35.98 -1.16 8.95
C ARG A 48 37.27 -1.84 9.36
N LYS A 49 37.40 -2.13 10.65
CA LYS A 49 38.54 -2.90 11.17
C LYS A 49 38.29 -4.39 10.96
N HIS A 50 38.19 -4.76 9.68
CA HIS A 50 37.75 -6.11 9.32
C HIS A 50 38.79 -7.16 9.72
N LYS A 51 38.30 -8.37 9.98
CA LYS A 51 39.13 -9.54 10.17
C LYS A 51 38.69 -10.62 9.19
N ASP A 52 39.64 -11.19 8.47
CA ASP A 52 39.36 -12.24 7.49
C ASP A 52 39.89 -13.56 8.05
N LEU A 53 39.04 -14.58 8.04
CA LEU A 53 39.36 -15.86 8.65
C LEU A 53 39.96 -16.87 7.67
N GLY A 54 39.72 -16.70 6.37
CA GLY A 54 40.28 -17.60 5.39
C GLY A 54 39.83 -19.03 5.56
N ASN A 55 40.74 -19.88 6.03
CA ASN A 55 40.46 -21.31 6.21
C ASN A 55 39.91 -21.63 7.59
N CYS A 56 39.50 -20.62 8.37
CA CYS A 56 39.11 -20.82 9.76
C CYS A 56 37.61 -20.70 9.90
N HIS A 57 36.99 -21.68 10.55
CA HIS A 57 35.55 -21.71 10.76
C HIS A 57 35.24 -21.01 12.09
N PRO A 58 34.30 -20.06 12.13
CA PRO A 58 34.12 -19.25 13.34
C PRO A 58 33.99 -20.03 14.64
N ILE A 59 33.44 -21.25 14.63
CA ILE A 59 33.43 -22.02 15.87
C ILE A 59 34.86 -22.35 16.30
N GLY A 60 35.79 -22.39 15.34
CA GLY A 60 37.14 -22.84 15.65
C GLY A 60 37.96 -21.83 16.43
N MET A 61 37.58 -20.55 16.38
CA MET A 61 38.34 -19.53 17.09
C MET A 61 38.02 -19.50 18.59
N LEU A 62 36.98 -20.20 19.02
CA LEU A 62 36.70 -20.36 20.45
C LEU A 62 37.47 -21.50 21.08
N ILE A 63 38.04 -22.40 20.27
CA ILE A 63 38.71 -23.59 20.78
C ILE A 63 40.13 -23.65 20.25
N GLY A 64 40.41 -22.90 19.19
CA GLY A 64 41.75 -22.83 18.66
C GLY A 64 42.16 -24.05 17.85
N THR A 65 41.40 -24.35 16.81
CA THR A 65 41.81 -25.40 15.88
C THR A 65 43.05 -24.93 15.11
N PRO A 66 43.88 -25.86 14.64
CA PRO A 66 45.15 -25.44 14.01
C PRO A 66 44.98 -24.40 12.91
N ALA A 67 43.92 -24.51 12.11
CA ALA A 67 43.69 -23.53 11.06
C ALA A 67 43.43 -22.14 11.61
N CYS A 68 42.95 -22.03 12.86
CA CYS A 68 42.68 -20.75 13.49
C CYS A 68 43.75 -20.33 14.48
N ASP A 69 44.92 -20.98 14.47
CA ASP A 69 45.92 -20.75 15.51
C ASP A 69 46.46 -19.33 15.49
N LEU A 70 46.55 -18.71 14.32
CA LEU A 70 47.29 -17.46 14.20
C LEU A 70 46.54 -16.27 14.79
N HIS A 71 45.22 -16.36 14.97
CA HIS A 71 44.47 -15.22 15.51
C HIS A 71 43.27 -15.76 16.28
N LEU A 72 43.40 -15.80 17.61
CA LEU A 72 42.28 -16.12 18.50
C LEU A 72 41.65 -14.83 19.01
N THR A 73 42.44 -14.00 19.70
CA THR A 73 41.96 -12.72 20.19
C THR A 73 41.91 -11.71 19.04
N GLY A 74 41.07 -10.69 19.21
CA GLY A 74 40.99 -9.64 18.21
C GLY A 74 39.87 -8.67 18.55
N MET A 75 39.88 -7.55 17.82
CA MET A 75 38.85 -6.54 17.91
C MET A 75 38.39 -6.21 16.49
N TRP A 76 37.08 -6.09 16.31
CA TRP A 76 36.53 -5.90 14.97
C TRP A 76 35.11 -5.38 15.08
N ASP A 77 34.56 -5.01 13.93
CA ASP A 77 33.13 -4.72 13.77
C ASP A 77 32.58 -5.40 12.53
N THR A 78 33.37 -6.28 11.93
CA THR A 78 32.93 -7.05 10.76
C THR A 78 33.78 -8.31 10.68
N LEU A 79 33.13 -9.47 10.69
CA LEU A 79 33.81 -10.76 10.69
C LEU A 79 33.46 -11.47 9.38
N ILE A 80 34.49 -11.89 8.65
CA ILE A 80 34.34 -12.50 7.33
C ILE A 80 34.61 -13.99 7.44
N GLU A 81 33.75 -14.80 6.82
CA GLU A 81 33.90 -16.25 6.79
C GLU A 81 33.86 -16.74 5.36
N ARG A 82 34.57 -17.83 5.10
CA ARG A 82 34.74 -18.34 3.75
C ARG A 82 34.11 -19.72 3.61
N GLU A 83 34.07 -20.21 2.37
CA GLU A 83 33.44 -21.49 2.06
C GLU A 83 34.20 -22.65 2.70
N ASN A 84 33.47 -23.70 3.04
CA ASN A 84 34.02 -24.98 3.49
C ASN A 84 35.28 -24.81 4.34
N ALA A 85 35.19 -23.91 5.32
CA ALA A 85 36.32 -23.66 6.20
C ALA A 85 36.58 -24.87 7.08
N ILE A 86 37.84 -25.04 7.47
CA ILE A 86 38.21 -26.14 8.35
C ILE A 86 37.82 -25.81 9.78
N ALA A 87 37.04 -26.70 10.39
CA ALA A 87 36.51 -26.46 11.73
C ALA A 87 37.07 -27.46 12.73
N TYR A 88 36.95 -28.75 12.43
CA TYR A 88 37.29 -29.82 13.37
C TYR A 88 38.44 -30.63 12.80
N CYS A 89 39.65 -30.36 13.30
CA CYS A 89 40.77 -31.24 12.99
C CYS A 89 40.56 -32.63 13.56
N TYR A 90 39.88 -32.73 14.70
CA TYR A 90 39.39 -33.99 15.24
C TYR A 90 37.87 -34.03 15.06
N PRO A 91 37.33 -34.99 14.32
CA PRO A 91 35.91 -34.91 13.93
C PRO A 91 34.97 -34.84 15.13
N GLY A 92 33.93 -34.04 14.99
CA GLY A 92 32.95 -33.90 16.06
C GLY A 92 31.89 -32.89 15.68
N ALA A 93 30.96 -32.68 16.61
CA ALA A 93 29.88 -31.73 16.41
C ALA A 93 29.42 -31.21 17.76
N THR A 94 28.75 -30.06 17.74
CA THR A 94 28.29 -29.39 18.95
C THR A 94 26.77 -29.33 18.95
N VAL A 95 26.19 -29.45 20.15
CA VAL A 95 24.74 -29.41 20.29
C VAL A 95 24.24 -27.99 20.09
N ASN A 96 23.17 -27.84 19.31
CA ASN A 96 22.59 -26.54 19.00
C ASN A 96 23.64 -25.58 18.45
N VAL A 97 24.48 -26.08 17.54
CA VAL A 97 25.56 -25.27 16.99
C VAL A 97 25.01 -24.06 16.25
N GLU A 98 23.83 -24.17 15.67
CA GLU A 98 23.25 -23.05 14.93
C GLU A 98 22.93 -21.86 15.84
N ALA A 99 22.87 -22.07 17.15
CA ALA A 99 22.67 -20.95 18.07
C ALA A 99 23.99 -20.28 18.41
N LEU A 100 25.02 -21.08 18.72
CA LEU A 100 26.32 -20.54 19.04
C LEU A 100 26.94 -19.83 17.84
N ARG A 101 26.74 -20.39 16.64
CA ARG A 101 27.38 -19.84 15.45
C ARG A 101 26.93 -18.40 15.18
N GLN A 102 25.63 -18.11 15.34
CA GLN A 102 25.15 -16.75 15.12
C GLN A 102 25.65 -15.79 16.18
N LYS A 103 25.83 -16.25 17.42
CA LYS A 103 26.28 -15.36 18.49
C LYS A 103 27.65 -14.78 18.17
N ILE A 104 28.58 -15.63 17.71
CA ILE A 104 29.91 -15.15 17.37
C ILE A 104 29.86 -14.16 16.22
N MET A 105 29.09 -14.47 15.19
CA MET A 105 28.99 -13.59 14.02
C MET A 105 28.25 -12.30 14.33
N GLU A 106 27.62 -12.19 15.50
CA GLU A 106 26.97 -10.96 15.93
C GLU A 106 27.75 -10.19 16.97
N SER A 107 28.81 -10.78 17.53
CA SER A 107 29.60 -10.15 18.58
C SER A 107 30.61 -9.17 17.97
N GLY A 108 31.33 -8.48 18.85
CA GLY A 108 32.26 -7.46 18.44
C GLY A 108 33.68 -7.66 18.92
N GLY A 109 34.14 -8.90 18.96
CA GLY A 109 35.48 -9.20 19.42
C GLY A 109 35.49 -10.09 20.65
N ILE A 110 36.53 -10.89 20.81
CA ILE A 110 36.61 -11.90 21.86
C ILE A 110 37.85 -11.64 22.71
N ASN A 111 37.65 -11.56 24.02
CA ASN A 111 38.73 -11.52 24.99
C ASN A 111 38.86 -12.90 25.64
N LYS A 112 39.71 -13.01 26.66
CA LYS A 112 39.95 -14.29 27.30
C LYS A 112 40.28 -14.08 28.78
N ILE A 113 40.12 -15.15 29.56
CA ILE A 113 40.60 -15.21 30.93
C ILE A 113 40.95 -16.66 31.21
N SER A 114 42.06 -16.86 31.91
CA SER A 114 42.54 -18.21 32.20
C SER A 114 41.67 -18.88 33.24
N THR A 115 41.45 -20.18 33.07
CA THR A 115 40.61 -20.92 34.02
C THR A 115 41.22 -20.93 35.41
N GLY A 116 42.53 -21.14 35.49
CA GLY A 116 43.18 -21.38 36.77
C GLY A 116 43.10 -22.81 37.23
N PHE A 117 42.56 -23.71 36.41
CA PHE A 117 42.42 -25.10 36.79
C PHE A 117 43.77 -25.77 36.95
N THR A 118 43.88 -26.66 37.93
CA THR A 118 45.06 -27.49 38.11
C THR A 118 44.61 -28.91 38.44
N TYR A 119 45.44 -29.88 38.10
CA TYR A 119 45.08 -31.29 38.19
C TYR A 119 46.18 -32.07 38.88
N GLY A 120 45.82 -33.26 39.37
CA GLY A 120 46.71 -34.04 40.18
C GLY A 120 47.79 -34.75 39.38
N SER A 121 48.59 -35.54 40.10
CA SER A 121 49.72 -36.24 39.50
C SER A 121 49.29 -37.37 38.56
N SER A 122 48.08 -37.89 38.71
CA SER A 122 47.59 -38.99 37.88
C SER A 122 46.83 -38.49 36.65
N ILE A 123 46.77 -37.17 36.45
CA ILE A 123 46.08 -36.58 35.31
C ILE A 123 47.09 -35.76 34.52
N ASN A 124 46.99 -35.84 33.19
CA ASN A 124 47.93 -35.15 32.31
C ASN A 124 47.22 -34.63 31.06
N SER A 125 47.99 -34.09 30.11
CA SER A 125 47.41 -33.60 28.86
C SER A 125 48.24 -34.03 27.65
N ALA A 126 48.74 -35.27 27.65
CA ALA A 126 49.53 -35.81 26.55
C ALA A 126 48.74 -36.79 25.69
N GLY A 127 47.49 -36.47 25.39
CA GLY A 127 46.63 -37.38 24.65
C GLY A 127 47.24 -37.81 23.32
N THR A 128 46.67 -38.89 22.80
CA THR A 128 47.15 -39.48 21.54
C THR A 128 46.50 -38.79 20.34
N THR A 129 47.04 -37.65 19.93
CA THR A 129 46.49 -36.89 18.83
C THR A 129 47.48 -36.84 17.67
N ARG A 130 46.96 -37.07 16.46
CA ARG A 130 47.77 -37.04 15.25
C ARG A 130 47.17 -36.12 14.19
N ALA A 131 45.84 -36.10 14.10
CA ALA A 131 45.16 -35.45 12.99
C ALA A 131 45.28 -33.93 12.99
N CYS A 132 45.54 -33.32 14.14
CA CYS A 132 45.65 -31.85 14.23
C CYS A 132 47.12 -31.51 14.06
N MET A 133 47.44 -30.78 12.99
CA MET A 133 48.81 -30.61 12.54
C MET A 133 49.44 -29.39 13.22
N ARG A 134 50.64 -29.59 13.78
CA ARG A 134 51.49 -28.51 14.23
C ARG A 134 52.93 -29.00 14.28
N ASN A 135 53.84 -28.22 13.70
CA ASN A 135 55.25 -28.58 13.65
C ASN A 135 55.45 -29.94 13.01
N GLY A 136 54.58 -30.30 12.07
CA GLY A 136 54.69 -31.53 11.34
C GLY A 136 54.16 -32.76 12.05
N GLY A 137 53.42 -32.61 13.14
CA GLY A 137 52.95 -33.77 13.88
C GLY A 137 51.93 -33.53 14.96
N ASN A 138 52.10 -34.21 16.09
CA ASN A 138 51.06 -34.31 17.10
C ASN A 138 50.81 -32.96 17.77
N SER A 139 49.54 -32.66 18.01
CA SER A 139 49.13 -31.48 18.78
C SER A 139 47.62 -31.54 18.97
N PHE A 140 47.15 -30.84 19.98
CA PHE A 140 45.72 -30.75 20.27
C PHE A 140 45.27 -29.30 20.13
N TYR A 141 43.97 -29.06 20.35
CA TYR A 141 43.44 -27.72 20.28
C TYR A 141 44.23 -26.78 21.20
N ALA A 142 44.08 -25.48 20.95
CA ALA A 142 44.89 -24.50 21.65
C ALA A 142 44.51 -24.38 23.12
N GLU A 143 43.19 -24.37 23.41
CA GLU A 143 42.71 -24.01 24.75
C GLU A 143 41.84 -25.09 25.39
N LEU A 144 41.81 -26.30 24.84
CA LEU A 144 41.11 -27.42 25.46
C LEU A 144 42.11 -28.53 25.73
N LYS A 145 41.88 -29.26 26.83
CA LYS A 145 42.80 -30.28 27.31
C LYS A 145 42.13 -31.65 27.25
N TRP A 146 42.79 -32.59 26.57
CA TRP A 146 42.31 -33.98 26.47
C TRP A 146 42.94 -34.76 27.61
N LEU A 147 42.19 -34.86 28.72
CA LEU A 147 42.70 -35.54 29.89
C LEU A 147 42.68 -37.04 29.71
N VAL A 148 43.79 -37.69 30.08
CA VAL A 148 43.89 -39.14 30.10
C VAL A 148 44.69 -39.55 31.32
N SER A 149 44.68 -40.84 31.62
CA SER A 149 45.39 -41.34 32.80
C SER A 149 46.90 -41.27 32.61
N LYS A 150 47.61 -41.21 33.74
CA LYS A 150 49.07 -41.22 33.70
C LYS A 150 49.60 -42.61 33.38
N SER A 151 49.27 -43.58 34.24
CA SER A 151 49.73 -44.95 34.04
C SER A 151 48.81 -45.70 33.09
N LYS A 152 49.29 -46.85 32.62
CA LYS A 152 48.50 -47.72 31.78
C LYS A 152 47.83 -48.80 32.62
N GLY A 153 46.51 -48.93 32.45
CA GLY A 153 45.77 -49.92 33.20
C GLY A 153 45.27 -49.45 34.55
N GLN A 154 45.23 -48.14 34.78
CA GLN A 154 44.75 -47.57 36.04
C GLN A 154 43.65 -46.56 35.73
N ASN A 155 42.69 -46.46 36.64
CA ASN A 155 41.46 -45.74 36.36
C ASN A 155 41.63 -44.24 36.55
N PHE A 156 40.67 -43.50 36.02
CA PHE A 156 40.67 -42.04 36.13
C PHE A 156 40.13 -41.63 37.50
N PRO A 157 40.87 -40.84 38.28
CA PRO A 157 40.39 -40.50 39.62
C PRO A 157 39.12 -39.68 39.61
N GLN A 158 38.43 -39.69 40.76
CA GLN A 158 37.22 -38.89 40.94
C GLN A 158 37.63 -37.48 41.37
N THR A 159 37.75 -36.58 40.40
CA THR A 159 38.20 -35.22 40.69
C THR A 159 37.08 -34.22 40.45
N THR A 160 36.83 -33.36 41.44
CA THR A 160 35.86 -32.29 41.27
C THR A 160 36.57 -30.96 41.02
N ASN A 161 35.94 -30.11 40.21
CA ASN A 161 36.53 -28.84 39.82
C ASN A 161 35.45 -27.78 39.81
N THR A 162 35.86 -26.54 40.04
CA THR A 162 34.92 -25.41 40.09
C THR A 162 35.58 -24.18 39.49
N TYR A 163 34.74 -23.29 38.98
CA TYR A 163 35.18 -22.04 38.37
C TYR A 163 34.36 -20.89 38.93
N ARG A 164 35.02 -19.75 39.12
CA ARG A 164 34.40 -18.56 39.69
C ARG A 164 34.58 -17.39 38.75
N ASN A 165 33.55 -16.56 38.66
CA ASN A 165 33.56 -15.36 37.83
C ASN A 165 33.61 -14.13 38.72
N THR A 166 34.65 -13.31 38.57
CA THR A 166 34.81 -12.08 39.33
C THR A 166 34.78 -10.85 38.43
N ASP A 167 34.41 -11.00 37.18
CA ASP A 167 34.33 -9.88 36.25
C ASP A 167 32.95 -9.25 36.30
N THR A 168 32.84 -8.07 35.69
CA THR A 168 31.58 -7.32 35.66
C THR A 168 30.75 -7.64 34.42
N ALA A 169 31.03 -8.75 33.74
CA ALA A 169 30.30 -9.10 32.53
C ALA A 169 30.18 -10.61 32.43
N GLU A 170 29.23 -11.05 31.60
CA GLU A 170 29.00 -12.48 31.41
C GLU A 170 30.11 -13.11 30.59
N HIS A 171 30.32 -14.40 30.79
CA HIS A 171 31.32 -15.17 30.07
C HIS A 171 30.64 -16.28 29.27
N LEU A 172 31.46 -17.14 28.67
CA LEU A 172 30.98 -18.27 27.86
C LEU A 172 32.02 -19.38 27.97
N ILE A 173 31.63 -20.51 28.53
CA ILE A 173 32.54 -21.61 28.83
C ILE A 173 32.17 -22.80 27.97
N MET A 174 33.17 -23.42 27.34
CA MET A 174 32.98 -24.56 26.45
C MET A 174 33.76 -25.75 26.97
N TRP A 175 33.19 -26.95 26.78
CA TRP A 175 33.87 -28.19 27.11
C TRP A 175 33.37 -29.26 26.15
N GLY A 176 33.87 -30.49 26.31
CA GLY A 176 33.50 -31.58 25.43
C GLY A 176 33.62 -32.92 26.10
N ILE A 177 33.09 -33.94 25.43
CA ILE A 177 33.10 -35.32 25.92
C ILE A 177 33.65 -36.22 24.84
N HIS A 178 34.24 -37.34 25.24
CA HIS A 178 34.95 -38.23 24.35
C HIS A 178 34.13 -39.50 24.14
N HIS A 179 33.91 -39.85 22.86
CA HIS A 179 33.21 -41.08 22.50
C HIS A 179 34.20 -42.08 21.91
N PRO A 180 34.82 -42.95 22.71
CA PRO A 180 35.74 -43.95 22.15
C PRO A 180 35.02 -44.86 21.17
N SER A 181 35.74 -45.28 20.14
CA SER A 181 35.17 -46.03 19.02
C SER A 181 35.29 -47.54 19.19
N SER A 182 35.94 -48.01 20.25
CA SER A 182 36.08 -49.44 20.48
C SER A 182 36.36 -49.66 21.96
N THR A 183 35.91 -50.82 22.46
CA THR A 183 36.12 -51.15 23.86
C THR A 183 37.59 -51.22 24.23
N GLN A 184 38.46 -51.51 23.26
CA GLN A 184 39.89 -51.52 23.51
C GLN A 184 40.45 -50.14 23.84
N GLU A 185 39.68 -49.08 23.59
CA GLU A 185 40.16 -47.72 23.83
C GLU A 185 39.89 -47.28 25.27
N LYS A 186 38.62 -47.34 25.69
CA LYS A 186 38.23 -46.72 26.95
C LYS A 186 38.91 -47.37 28.14
N ASN A 187 39.06 -48.70 28.13
CA ASN A 187 39.65 -49.37 29.28
C ASN A 187 41.11 -48.96 29.47
N ASP A 188 41.77 -48.50 28.40
CA ASP A 188 43.16 -48.06 28.51
C ASP A 188 43.23 -46.59 28.92
N LEU A 189 42.39 -45.75 28.30
CA LEU A 189 42.49 -44.31 28.50
C LEU A 189 41.92 -43.88 29.85
N TYR A 190 40.74 -44.38 30.20
CA TYR A 190 39.99 -43.86 31.35
C TYR A 190 39.81 -44.86 32.47
N GLY A 191 39.62 -46.14 32.17
CA GLY A 191 39.44 -47.17 33.16
C GLY A 191 38.29 -48.08 32.80
N THR A 192 37.97 -49.00 33.72
CA THR A 192 36.95 -50.01 33.50
C THR A 192 35.62 -49.69 34.18
N GLN A 193 35.53 -48.58 34.90
CA GLN A 193 34.28 -48.24 35.57
C GLN A 193 33.34 -47.53 34.60
N SER A 194 32.10 -47.32 35.05
CA SER A 194 31.07 -46.67 34.25
C SER A 194 31.30 -45.16 34.33
N LEU A 195 31.80 -44.58 33.24
CA LEU A 195 32.11 -43.16 33.22
C LEU A 195 30.84 -42.33 33.29
N SER A 196 30.95 -41.14 33.89
CA SER A 196 29.83 -40.23 34.00
C SER A 196 30.36 -38.82 34.18
N ILE A 197 29.51 -37.84 33.89
CA ILE A 197 29.83 -36.44 34.06
C ILE A 197 28.55 -35.66 34.34
N SER A 198 28.64 -34.72 35.28
CA SER A 198 27.55 -33.82 35.57
C SER A 198 28.09 -32.40 35.68
N VAL A 199 27.31 -31.45 35.18
CA VAL A 199 27.67 -30.04 35.19
C VAL A 199 26.56 -29.27 35.86
N GLY A 200 26.91 -28.48 36.88
CA GLY A 200 25.90 -27.70 37.58
C GLY A 200 26.35 -26.31 37.95
N SER A 201 25.63 -25.31 37.43
CA SER A 201 25.74 -23.93 37.86
C SER A 201 24.52 -23.58 38.72
N SER A 202 24.36 -22.30 39.03
CA SER A 202 23.17 -21.83 39.71
C SER A 202 22.00 -21.61 38.76
N THR A 203 22.20 -21.84 37.45
CA THR A 203 21.15 -21.65 36.46
C THR A 203 21.07 -22.80 35.48
N TYR A 204 22.10 -23.66 35.45
CA TYR A 204 22.20 -24.73 34.47
C TYR A 204 22.47 -26.05 35.18
N ARG A 205 21.99 -27.13 34.59
CA ARG A 205 22.12 -28.47 35.18
C ARG A 205 21.92 -29.51 34.09
N ASN A 206 22.88 -30.43 33.96
CA ASN A 206 22.83 -31.43 32.89
C ASN A 206 23.75 -32.59 33.26
N ASN A 207 23.67 -33.65 32.46
CA ASN A 207 24.45 -34.85 32.69
C ASN A 207 24.67 -35.57 31.36
N PHE A 208 25.85 -36.20 31.24
CA PHE A 208 26.21 -36.92 30.03
C PHE A 208 26.87 -38.24 30.42
N VAL A 209 27.04 -39.11 29.42
CA VAL A 209 27.65 -40.43 29.63
C VAL A 209 28.40 -40.85 28.37
N PRO A 210 29.65 -41.30 28.47
CA PRO A 210 30.33 -41.86 27.30
C PRO A 210 29.69 -43.19 26.89
N VAL A 211 29.75 -43.47 25.58
CA VAL A 211 29.22 -44.72 25.05
C VAL A 211 30.10 -45.17 23.88
N VAL A 212 30.42 -46.46 23.86
CA VAL A 212 31.35 -47.00 22.86
C VAL A 212 30.60 -47.89 21.88
N GLY A 213 31.13 -48.00 20.67
CA GLY A 213 30.53 -48.84 19.66
C GLY A 213 31.29 -48.75 18.35
N ALA A 214 31.14 -49.79 17.54
CA ALA A 214 31.79 -49.82 16.24
C ALA A 214 31.25 -48.69 15.36
N ARG A 215 32.15 -48.03 14.64
CA ARG A 215 31.80 -46.84 13.88
C ARG A 215 32.64 -46.81 12.61
N PRO A 216 32.36 -45.87 11.70
CA PRO A 216 33.13 -45.79 10.45
C PRO A 216 34.53 -45.24 10.64
N GLN A 217 35.24 -45.04 9.52
CA GLN A 217 36.59 -44.50 9.52
C GLN A 217 36.56 -43.11 8.89
N VAL A 218 37.40 -42.22 9.42
CA VAL A 218 37.49 -40.85 8.95
C VAL A 218 38.92 -40.36 9.14
N ASN A 219 39.26 -39.23 8.52
CA ASN A 219 40.62 -38.71 8.59
C ASN A 219 41.13 -38.56 10.01
N GLY A 220 40.24 -38.49 11.00
CA GLY A 220 40.66 -38.39 12.39
C GLY A 220 40.49 -39.69 13.14
N GLN A 221 40.83 -40.80 12.49
CA GLN A 221 40.67 -42.13 13.07
C GLN A 221 39.20 -42.39 13.41
N SER A 222 38.90 -43.59 13.89
CA SER A 222 37.54 -43.90 14.30
C SER A 222 37.30 -43.37 15.71
N GLY A 223 36.33 -42.48 15.85
CA GLY A 223 36.02 -41.87 17.13
C GLY A 223 35.41 -40.50 16.92
N ARG A 224 34.75 -40.01 17.97
CA ARG A 224 34.09 -38.72 17.93
C ARG A 224 34.18 -38.05 19.29
N ILE A 225 34.07 -36.73 19.29
CA ILE A 225 33.91 -35.94 20.51
C ILE A 225 32.89 -34.85 20.22
N ASP A 226 31.96 -34.66 21.17
CA ASP A 226 30.91 -33.66 21.05
C ASP A 226 31.10 -32.62 22.15
N PHE A 227 30.88 -31.35 21.79
CA PHE A 227 31.13 -30.24 22.68
C PHE A 227 29.83 -29.68 23.25
N HIS A 228 29.94 -29.03 24.41
CA HIS A 228 28.80 -28.40 25.07
C HIS A 228 29.24 -27.05 25.61
N TRP A 229 28.27 -26.20 25.91
CA TRP A 229 28.56 -24.84 26.35
C TRP A 229 27.42 -24.32 27.21
N THR A 230 27.71 -23.26 27.95
CA THR A 230 26.72 -22.60 28.80
C THR A 230 27.22 -21.21 29.15
N LEU A 231 26.29 -20.34 29.54
CA LEU A 231 26.64 -18.99 29.95
C LEU A 231 26.79 -18.90 31.47
N VAL A 232 27.60 -17.95 31.91
CA VAL A 232 27.86 -17.73 33.34
C VAL A 232 27.67 -16.25 33.64
N GLN A 233 27.12 -15.97 34.81
CA GLN A 233 26.73 -14.62 35.21
C GLN A 233 27.73 -14.05 36.21
N PRO A 234 27.75 -12.72 36.36
CA PRO A 234 28.62 -12.11 37.38
C PRO A 234 28.29 -12.60 38.77
N GLY A 235 29.32 -12.76 39.59
CA GLY A 235 29.13 -13.26 40.94
C GLY A 235 28.49 -14.62 41.02
N ASP A 236 28.82 -15.52 40.10
CA ASP A 236 28.21 -16.83 40.06
C ASP A 236 29.27 -17.85 39.63
N ASN A 237 29.23 -19.03 40.22
CA ASN A 237 30.21 -20.08 39.95
C ASN A 237 29.58 -21.18 39.10
N ILE A 238 30.43 -22.12 38.68
CA ILE A 238 30.01 -23.33 37.97
C ILE A 238 30.93 -24.46 38.42
N THR A 239 30.36 -25.65 38.52
CA THR A 239 31.09 -26.80 39.05
C THR A 239 31.09 -27.93 38.04
N PHE A 240 32.22 -28.62 37.95
CA PHE A 240 32.38 -29.78 37.08
C PHE A 240 32.70 -30.99 37.93
N SER A 241 31.85 -32.02 37.84
CA SER A 241 32.07 -33.29 38.52
C SER A 241 32.22 -34.37 37.47
N HIS A 242 33.29 -35.16 37.57
CA HIS A 242 33.61 -36.14 36.54
C HIS A 242 34.55 -37.19 37.09
N ASN A 243 34.63 -38.32 36.38
CA ASN A 243 35.66 -39.32 36.63
C ASN A 243 36.20 -39.86 35.30
N GLY A 244 36.20 -39.04 34.27
CA GLY A 244 36.73 -39.42 32.99
C GLY A 244 35.84 -38.95 31.86
N GLY A 245 36.49 -38.69 30.72
CA GLY A 245 35.78 -38.35 29.50
C GLY A 245 35.72 -36.87 29.19
N LEU A 246 35.96 -36.02 30.19
CA LEU A 246 35.86 -34.58 29.98
C LEU A 246 37.05 -34.09 29.15
N ILE A 247 36.76 -33.30 28.12
CA ILE A 247 37.78 -32.52 27.44
C ILE A 247 37.83 -31.17 28.15
N ALA A 248 38.57 -31.11 29.26
CA ALA A 248 38.48 -29.98 30.16
C ALA A 248 39.09 -28.73 29.54
N PRO A 249 38.41 -27.59 29.57
CA PRO A 249 39.03 -26.36 29.08
C PRO A 249 40.12 -25.87 30.03
N SER A 250 41.09 -25.15 29.47
CA SER A 250 42.10 -24.45 30.25
C SER A 250 42.03 -22.95 30.13
N ARG A 251 41.44 -22.40 29.07
CA ARG A 251 41.17 -20.98 28.94
C ARG A 251 39.76 -20.81 28.40
N VAL A 252 39.05 -19.83 28.95
CA VAL A 252 37.64 -19.60 28.63
C VAL A 252 37.52 -18.31 27.84
N SER A 253 36.46 -18.21 27.05
CA SER A 253 36.25 -17.05 26.20
C SER A 253 35.38 -16.02 26.89
N LYS A 254 35.34 -14.82 26.30
CA LYS A 254 34.50 -13.73 26.78
C LYS A 254 34.21 -12.80 25.62
N LEU A 255 32.94 -12.48 25.43
CA LEU A 255 32.48 -11.71 24.28
C LEU A 255 32.06 -10.31 24.72
N ILE A 256 32.54 -9.30 23.99
CA ILE A 256 32.23 -7.91 24.29
C ILE A 256 31.92 -7.18 22.99
N GLY A 257 31.18 -6.07 23.12
CA GLY A 257 30.86 -5.25 21.98
C GLY A 257 29.88 -5.94 21.04
N ARG A 258 29.85 -5.47 19.80
CA ARG A 258 29.01 -6.05 18.76
C ARG A 258 29.68 -5.83 17.42
N GLY A 259 29.29 -6.65 16.44
CA GLY A 259 29.86 -6.58 15.12
C GLY A 259 28.86 -6.82 14.00
N LEU A 260 29.31 -7.47 12.93
CA LEU A 260 28.46 -7.77 11.79
C LEU A 260 29.07 -8.93 11.03
N GLY A 261 28.28 -9.96 10.76
CA GLY A 261 28.79 -11.14 10.09
C GLY A 261 28.46 -11.15 8.61
N ILE A 262 29.46 -11.47 7.80
CA ILE A 262 29.30 -11.63 6.36
C ILE A 262 29.90 -12.97 5.97
N GLN A 263 29.16 -13.72 5.15
CA GLN A 263 29.51 -15.09 4.79
C GLN A 263 29.47 -15.19 3.26
N SER A 264 30.63 -15.09 2.62
CA SER A 264 30.70 -15.03 1.18
C SER A 264 32.06 -15.55 0.72
N ASP A 265 32.37 -15.33 -0.56
CA ASP A 265 33.65 -15.75 -1.14
C ASP A 265 33.95 -14.80 -2.29
N ALA A 266 34.82 -13.82 -2.04
CA ALA A 266 35.21 -12.84 -3.04
C ALA A 266 36.44 -12.09 -2.55
N PRO A 267 37.20 -11.47 -3.44
CA PRO A 267 38.37 -10.70 -3.01
C PRO A 267 37.97 -9.52 -2.14
N ILE A 268 38.87 -9.15 -1.24
CA ILE A 268 38.66 -8.00 -0.36
C ILE A 268 39.24 -6.76 -1.01
N ASP A 269 38.64 -5.60 -0.69
CA ASP A 269 39.09 -4.31 -1.22
C ASP A 269 39.11 -3.31 -0.06
N ASN A 270 40.29 -2.78 0.25
CA ASN A 270 40.41 -1.79 1.31
C ASN A 270 40.25 -0.36 0.81
N ASN A 271 40.14 -0.15 -0.49
CA ASN A 271 40.06 1.18 -1.08
C ASN A 271 38.63 1.61 -1.41
N CYS A 272 37.63 0.81 -1.04
CA CYS A 272 36.24 1.07 -1.41
C CYS A 272 35.35 0.94 -0.18
N GLU A 273 34.23 1.66 -0.20
CA GLU A 273 33.27 1.64 0.89
C GLU A 273 32.00 0.91 0.47
N SER A 274 31.26 0.45 1.48
CA SER A 274 29.99 -0.22 1.26
C SER A 274 29.26 -0.35 2.59
N LYS A 275 27.98 -0.70 2.53
CA LYS A 275 27.16 -0.81 3.72
C LYS A 275 26.29 -2.07 3.74
N CYS A 276 26.14 -2.79 2.64
CA CYS A 276 25.44 -4.06 2.63
C CYS A 276 26.11 -5.00 1.64
N PHE A 277 26.02 -6.30 1.94
CA PHE A 277 26.76 -7.31 1.19
C PHE A 277 25.86 -8.53 0.97
N TRP A 278 26.26 -9.37 0.02
CA TRP A 278 25.55 -10.61 -0.26
C TRP A 278 26.58 -11.67 -0.66
N ARG A 279 26.09 -12.78 -1.20
CA ARG A 279 26.96 -13.94 -1.47
C ARG A 279 28.04 -13.59 -2.49
N GLY A 280 27.67 -12.92 -3.57
CA GLY A 280 28.55 -12.71 -4.70
C GLY A 280 29.34 -11.43 -4.70
N GLY A 281 29.22 -10.60 -3.68
CA GLY A 281 29.97 -9.36 -3.63
C GLY A 281 29.20 -8.30 -2.87
N SER A 282 29.16 -7.11 -3.45
CA SER A 282 28.53 -5.94 -2.83
C SER A 282 27.49 -5.35 -3.76
N ILE A 283 26.50 -4.67 -3.16
CA ILE A 283 25.39 -4.09 -3.91
C ILE A 283 25.38 -2.60 -3.68
N ASN A 284 26.56 -2.00 -3.54
CA ASN A 284 26.69 -0.55 -3.32
C ASN A 284 25.93 0.17 -4.43
N THR A 285 24.86 0.85 -4.07
CA THR A 285 24.05 1.61 -5.02
C THR A 285 23.16 2.55 -4.23
N ARG A 286 22.43 3.39 -4.97
CA ARG A 286 21.54 4.39 -4.38
C ARG A 286 20.20 4.38 -5.10
N LEU A 287 19.63 3.19 -5.27
CA LEU A 287 18.30 3.01 -5.84
C LEU A 287 17.39 2.31 -4.84
N PRO A 288 16.07 2.54 -4.92
CA PRO A 288 15.18 2.00 -3.89
C PRO A 288 15.11 0.48 -3.86
N PHE A 289 15.16 -0.19 -5.01
CA PHE A 289 14.91 -1.63 -5.08
C PHE A 289 16.07 -2.33 -5.78
N GLN A 290 16.24 -3.61 -5.45
CA GLN A 290 17.31 -4.44 -6.00
C GLN A 290 16.75 -5.79 -6.41
N ASN A 291 17.49 -6.47 -7.30
CA ASN A 291 17.08 -7.77 -7.81
C ASN A 291 18.24 -8.77 -7.85
N LEU A 292 19.27 -8.57 -7.03
CA LEU A 292 20.45 -9.43 -7.08
C LEU A 292 20.29 -10.70 -6.24
N SER A 293 19.68 -10.61 -5.06
CA SER A 293 19.57 -11.77 -4.20
C SER A 293 18.46 -11.56 -3.19
N PRO A 294 17.67 -12.59 -2.86
CA PRO A 294 16.68 -12.43 -1.78
C PRO A 294 17.31 -12.26 -0.41
N ARG A 295 18.56 -12.65 -0.23
CA ARG A 295 19.22 -12.64 1.07
C ARG A 295 20.30 -11.56 1.08
N THR A 296 20.27 -10.72 2.12
CA THR A 296 21.28 -9.69 2.30
C THR A 296 21.52 -9.49 3.80
N VAL A 297 22.58 -8.76 4.12
CA VAL A 297 22.92 -8.42 5.49
C VAL A 297 23.30 -6.95 5.54
N GLY A 298 22.87 -6.27 6.60
CA GLY A 298 23.10 -4.85 6.72
C GLY A 298 21.99 -4.04 6.08
N GLN A 299 22.12 -2.72 6.18
CA GLN A 299 21.14 -1.83 5.59
C GLN A 299 21.25 -1.88 4.07
N CYS A 300 20.33 -2.61 3.43
CA CYS A 300 20.35 -2.85 2.00
C CYS A 300 18.95 -2.65 1.45
N PRO A 301 18.82 -2.33 0.17
CA PRO A 301 17.48 -2.16 -0.40
C PRO A 301 16.65 -3.43 -0.30
N LYS A 302 15.35 -3.28 -0.58
CA LYS A 302 14.43 -4.40 -0.51
C LYS A 302 14.49 -5.23 -1.77
N TYR A 303 14.27 -6.54 -1.64
CA TYR A 303 14.27 -7.43 -2.80
C TYR A 303 12.88 -7.46 -3.43
N VAL A 304 12.82 -7.13 -4.71
CA VAL A 304 11.57 -7.15 -5.48
C VAL A 304 11.72 -8.23 -6.55
N ASN A 305 10.77 -9.15 -6.58
CA ASN A 305 10.91 -10.38 -7.37
C ASN A 305 10.33 -10.21 -8.78
N ARG A 306 11.04 -9.44 -9.60
CA ARG A 306 10.82 -9.43 -11.04
C ARG A 306 11.95 -8.69 -11.72
N ARG A 307 11.89 -8.68 -13.06
CA ARG A 307 13.04 -8.26 -13.85
C ARG A 307 13.28 -6.76 -13.73
N SER A 308 12.31 -5.95 -14.18
CA SER A 308 12.50 -4.51 -14.21
C SER A 308 11.18 -3.82 -13.93
N LEU A 309 11.27 -2.56 -13.49
CA LEU A 309 10.09 -1.78 -13.11
C LEU A 309 10.40 -0.32 -13.42
N MET A 310 9.93 0.14 -14.58
CA MET A 310 10.26 1.48 -15.04
C MET A 310 9.46 2.51 -14.26
N LEU A 311 10.10 3.63 -13.93
CA LEU A 311 9.47 4.75 -13.25
C LEU A 311 9.52 5.97 -14.16
N ALA A 312 8.35 6.59 -14.37
CA ALA A 312 8.27 7.71 -15.29
C ALA A 312 9.00 8.93 -14.72
N THR A 313 9.62 9.69 -15.62
CA THR A 313 10.28 10.94 -15.27
C THR A 313 9.96 12.00 -16.34
N GLY A 314 8.80 11.86 -16.97
CA GLY A 314 8.41 12.81 -17.99
C GLY A 314 6.90 12.87 -18.11
N MET A 315 6.44 13.26 -19.29
CA MET A 315 5.02 13.36 -19.59
C MET A 315 4.69 12.47 -20.78
N ARG A 316 3.39 12.38 -21.09
CA ARG A 316 2.94 11.50 -22.16
C ARG A 316 3.49 11.97 -23.50
N ASN A 317 3.82 11.00 -24.35
CA ASN A 317 4.35 11.28 -25.68
C ASN A 317 3.29 11.06 -26.75
N VAL A 318 3.16 12.04 -27.63
CA VAL A 318 2.26 11.94 -28.78
C VAL A 318 3.00 12.45 -30.01
N PRO A 319 3.54 11.57 -30.85
CA PRO A 319 4.29 12.03 -32.02
C PRO A 319 3.38 12.65 -33.07
N GLU A 320 4.01 13.31 -34.04
CA GLU A 320 3.30 14.09 -35.04
C GLU A 320 2.87 13.20 -36.21
N LEU A 321 2.17 13.83 -37.16
CA LEU A 321 1.74 13.18 -38.38
C LEU A 321 2.04 14.10 -39.56
N ILE A 322 1.98 13.52 -40.76
CA ILE A 322 2.36 14.23 -41.98
C ILE A 322 1.09 14.75 -42.65
N GLN A 323 1.05 16.06 -42.90
CA GLN A 323 -0.05 16.69 -43.62
C GLN A 323 0.31 16.86 -45.10
N GLY A 324 0.35 15.73 -45.81
CA GLY A 324 0.70 15.72 -47.21
C GLY A 324 -0.41 16.05 -48.16
N ARG A 325 -1.61 16.34 -47.66
CA ARG A 325 -2.74 16.66 -48.53
C ARG A 325 -2.47 17.93 -49.33
N GLY B 1 0.13 20.50 -47.81
CA GLY B 1 0.30 21.65 -48.74
C GLY B 1 1.74 21.88 -49.15
N LEU B 2 2.19 23.13 -49.06
CA LEU B 2 3.56 23.47 -49.45
C LEU B 2 4.48 23.55 -48.24
N PHE B 3 4.10 24.31 -47.22
CA PHE B 3 4.90 24.47 -46.02
C PHE B 3 4.49 23.42 -44.99
N GLY B 4 4.99 23.57 -43.76
CA GLY B 4 4.67 22.63 -42.70
C GLY B 4 3.38 22.95 -41.98
N ALA B 5 3.41 22.96 -40.65
CA ALA B 5 2.24 23.25 -39.84
C ALA B 5 2.68 24.08 -38.64
N ILE B 6 1.71 24.64 -37.93
CA ILE B 6 1.98 25.54 -36.81
C ILE B 6 1.15 25.15 -35.59
N ALA B 7 0.26 24.18 -35.75
CA ALA B 7 -0.69 23.83 -34.71
C ALA B 7 0.02 23.34 -33.45
N GLY B 8 -0.57 23.64 -32.30
CA GLY B 8 -0.05 23.24 -31.01
C GLY B 8 -0.73 21.99 -30.48
N PHE B 9 -0.85 21.94 -29.15
CA PHE B 9 -1.41 20.74 -28.52
C PHE B 9 -2.90 20.63 -28.80
N LEU B 10 -3.53 19.56 -28.29
CA LEU B 10 -4.87 19.13 -28.69
C LEU B 10 -4.83 18.45 -30.05
N GLU B 11 -3.70 18.56 -30.74
CA GLU B 11 -3.49 17.83 -31.99
C GLU B 11 -2.28 16.91 -31.89
N ASN B 12 -1.15 17.46 -31.48
CA ASN B 12 0.08 16.68 -31.32
C ASN B 12 1.09 17.54 -30.58
N GLY B 13 2.12 16.89 -30.05
CA GLY B 13 3.17 17.60 -29.36
C GLY B 13 4.27 18.08 -30.28
N TRP B 14 4.98 19.11 -29.84
CA TRP B 14 6.12 19.62 -30.59
C TRP B 14 7.14 18.50 -30.77
N GLU B 15 7.60 18.30 -32.02
CA GLU B 15 8.58 17.27 -32.28
C GLU B 15 10.01 17.79 -32.08
N GLY B 16 10.26 19.03 -32.53
CA GLY B 16 11.58 19.63 -32.35
C GLY B 16 11.61 20.68 -31.26
N MET B 17 12.22 20.34 -30.13
CA MET B 17 12.39 21.29 -29.03
C MET B 17 13.28 20.67 -27.97
N VAL B 18 14.28 21.41 -27.50
CA VAL B 18 15.28 20.87 -26.58
C VAL B 18 15.42 21.76 -25.35
N ASP B 19 14.92 22.99 -25.43
CA ASP B 19 15.16 23.96 -24.37
C ASP B 19 14.36 23.61 -23.12
N GLY B 20 13.04 23.58 -23.21
CA GLY B 20 12.21 23.37 -22.05
C GLY B 20 10.94 22.61 -22.40
N TRP B 21 10.30 22.08 -21.36
CA TRP B 21 9.07 21.32 -21.56
C TRP B 21 7.96 22.20 -22.10
N TYR B 22 7.56 23.22 -21.34
CA TYR B 22 6.44 24.07 -21.71
C TYR B 22 6.96 25.31 -22.42
N GLY B 23 6.44 25.55 -23.62
CA GLY B 23 6.82 26.71 -24.40
C GLY B 23 5.76 26.99 -25.45
N PHE B 24 6.00 28.03 -26.25
CA PHE B 24 5.08 28.37 -27.31
C PHE B 24 5.84 29.03 -28.46
N ARG B 25 5.23 29.00 -29.64
CA ARG B 25 5.81 29.56 -30.85
C ARG B 25 4.76 30.42 -31.54
N HIS B 26 5.21 31.46 -32.22
CA HIS B 26 4.34 32.46 -32.82
C HIS B 26 4.49 32.45 -34.34
N GLN B 27 3.74 33.34 -34.98
CA GLN B 27 3.84 33.53 -36.42
C GLN B 27 3.32 34.92 -36.78
N ASN B 28 3.95 35.53 -37.76
CA ASN B 28 3.50 36.82 -38.30
C ASN B 28 4.30 37.08 -39.58
N ALA B 29 4.04 38.24 -40.19
CA ALA B 29 4.69 38.57 -41.45
C ALA B 29 6.22 38.58 -41.32
N GLN B 30 6.73 39.00 -40.16
CA GLN B 30 8.17 39.11 -39.99
C GLN B 30 8.86 37.76 -40.09
N GLY B 31 8.29 36.72 -39.47
CA GLY B 31 8.89 35.41 -39.55
C GLY B 31 8.24 34.42 -38.60
N THR B 32 9.07 33.57 -38.00
CA THR B 32 8.61 32.54 -37.08
C THR B 32 9.69 32.32 -36.03
N GLY B 33 9.28 31.80 -34.89
CA GLY B 33 10.21 31.64 -33.79
C GLY B 33 9.81 30.53 -32.85
N GLN B 34 10.43 30.56 -31.67
CA GLN B 34 10.21 29.58 -30.61
C GLN B 34 10.66 30.21 -29.30
N ALA B 35 10.25 29.59 -28.20
CA ALA B 35 10.60 30.10 -26.88
C ALA B 35 10.35 28.99 -25.85
N ALA B 36 10.59 29.30 -24.59
CA ALA B 36 10.37 28.37 -23.50
C ALA B 36 10.01 29.14 -22.24
N ASP B 37 9.03 28.64 -21.50
CA ASP B 37 8.59 29.26 -20.25
C ASP B 37 9.42 28.65 -19.12
N TYR B 38 10.44 29.38 -18.66
CA TYR B 38 11.39 28.83 -17.72
C TYR B 38 10.80 28.73 -16.31
N LYS B 39 10.02 29.73 -15.90
CA LYS B 39 9.50 29.72 -14.54
C LYS B 39 8.58 28.53 -14.31
N SER B 40 7.74 28.19 -15.29
CA SER B 40 6.89 27.03 -15.16
C SER B 40 7.67 25.74 -15.33
N THR B 41 8.64 25.72 -16.27
CA THR B 41 9.42 24.52 -16.49
C THR B 41 10.22 24.13 -15.26
N GLN B 42 10.83 25.11 -14.59
CA GLN B 42 11.61 24.82 -13.39
C GLN B 42 10.73 24.24 -12.29
N ALA B 43 9.52 24.78 -12.13
CA ALA B 43 8.60 24.24 -11.13
C ALA B 43 8.23 22.81 -11.45
N ALA B 44 7.96 22.51 -12.73
CA ALA B 44 7.57 21.17 -13.12
C ALA B 44 8.72 20.19 -12.99
N ILE B 45 9.91 20.57 -13.48
CA ILE B 45 11.05 19.66 -13.45
C ILE B 45 11.48 19.38 -12.02
N ASP B 46 11.41 20.38 -11.14
CA ASP B 46 11.83 20.20 -9.77
C ASP B 46 10.90 19.27 -8.99
N GLN B 47 9.59 19.36 -9.23
CA GLN B 47 8.64 18.57 -8.47
C GLN B 47 8.55 17.13 -8.97
N ILE B 48 8.92 16.87 -10.22
CA ILE B 48 8.79 15.54 -10.80
C ILE B 48 10.08 14.74 -10.68
N THR B 49 11.22 15.39 -10.92
CA THR B 49 12.49 14.65 -10.98
C THR B 49 12.88 14.08 -9.62
N GLY B 50 12.55 14.77 -8.53
CA GLY B 50 12.96 14.34 -7.21
C GLY B 50 12.14 13.19 -6.65
N LYS B 51 11.17 12.68 -7.40
CA LYS B 51 10.33 11.60 -6.91
C LYS B 51 11.15 10.34 -6.64
N LEU B 52 12.24 10.16 -7.38
CA LEU B 52 13.05 8.94 -7.22
C LEU B 52 13.61 8.84 -5.81
N ASN B 53 14.13 9.94 -5.28
CA ASN B 53 14.74 9.90 -3.96
C ASN B 53 13.71 9.63 -2.87
N ARG B 54 12.50 10.16 -3.03
CA ARG B 54 11.48 10.03 -2.00
C ARG B 54 11.00 8.60 -1.79
N LEU B 55 11.30 7.68 -2.71
CA LEU B 55 10.95 6.28 -2.52
C LEU B 55 11.91 5.57 -1.58
N VAL B 56 13.19 5.91 -1.63
CA VAL B 56 14.19 5.28 -0.77
C VAL B 56 14.25 6.04 0.55
N GLU B 57 13.35 5.70 1.47
CA GLU B 57 13.30 6.39 2.76
C GLU B 57 14.35 5.80 3.70
N LYS B 58 15.10 6.68 4.36
CA LYS B 58 16.17 6.25 5.26
C LYS B 58 15.67 5.89 6.65
N THR B 59 14.68 5.01 6.76
CA THR B 59 14.33 4.40 8.03
C THR B 59 15.23 3.20 8.25
N ASN B 60 16.52 3.45 8.43
CA ASN B 60 17.52 2.39 8.38
C ASN B 60 17.27 1.34 9.45
N THR B 61 17.43 0.08 9.06
CA THR B 61 17.34 -1.06 9.97
C THR B 61 18.51 -1.98 9.68
N GLU B 62 19.20 -2.42 10.74
CA GLU B 62 20.38 -3.27 10.59
C GLU B 62 19.95 -4.74 10.61
N PHE B 63 19.44 -5.18 9.46
CA PHE B 63 19.08 -6.58 9.30
C PHE B 63 20.33 -7.45 9.37
N GLU B 64 20.13 -8.70 9.81
CA GLU B 64 21.23 -9.63 9.93
C GLU B 64 20.75 -11.01 9.48
N SER B 65 21.71 -11.87 9.14
CA SER B 65 21.38 -13.16 8.56
C SER B 65 20.67 -14.06 9.56
N ILE B 66 19.71 -14.82 9.06
CA ILE B 66 19.05 -15.87 9.84
C ILE B 66 19.15 -17.23 9.17
N GLU B 67 19.69 -17.29 7.95
CA GLU B 67 19.86 -18.53 7.21
C GLU B 67 21.34 -18.74 6.95
N SER B 68 21.84 -19.93 7.30
CA SER B 68 23.24 -20.26 7.04
C SER B 68 23.40 -20.72 5.60
N GLU B 69 24.20 -19.96 4.83
CA GLU B 69 24.43 -20.34 3.44
C GLU B 69 25.16 -21.68 3.34
N PHE B 70 26.12 -21.93 4.23
CA PHE B 70 26.73 -23.25 4.36
C PHE B 70 25.87 -24.07 5.34
N SER B 71 24.71 -24.47 4.84
CA SER B 71 23.57 -24.82 5.69
C SER B 71 23.62 -26.27 6.14
N GLU B 72 23.12 -26.49 7.36
CA GLU B 72 22.88 -27.81 7.92
C GLU B 72 21.59 -27.79 8.73
N ILE B 73 20.64 -26.97 8.28
CA ILE B 73 19.46 -26.59 9.06
C ILE B 73 18.59 -27.80 9.34
N GLU B 74 17.69 -27.68 10.31
CA GLU B 74 16.63 -28.65 10.55
C GLU B 74 15.65 -28.61 9.38
N HIS B 75 14.59 -29.39 9.44
CA HIS B 75 13.59 -29.41 8.38
C HIS B 75 12.28 -28.73 8.75
N GLN B 76 11.90 -28.70 10.03
CA GLN B 76 10.65 -28.06 10.41
C GLN B 76 10.80 -26.54 10.43
N ILE B 77 11.71 -26.02 11.25
CA ILE B 77 11.90 -24.58 11.34
C ILE B 77 12.36 -24.01 10.01
N GLY B 78 13.04 -24.80 9.18
CA GLY B 78 13.43 -24.35 7.85
C GLY B 78 12.22 -24.01 7.01
N ASN B 79 11.20 -24.86 7.05
CA ASN B 79 9.97 -24.58 6.31
C ASN B 79 9.25 -23.37 6.87
N VAL B 80 9.27 -23.18 8.18
CA VAL B 80 8.62 -22.02 8.78
C VAL B 80 9.27 -20.73 8.31
N ILE B 81 10.60 -20.68 8.30
CA ILE B 81 11.30 -19.49 7.83
C ILE B 81 11.07 -19.29 6.33
N ASN B 82 11.03 -20.37 5.57
CA ASN B 82 10.83 -20.25 4.12
C ASN B 82 9.47 -19.65 3.79
N TRP B 83 8.43 -20.05 4.52
CA TRP B 83 7.08 -19.59 4.20
C TRP B 83 6.98 -18.07 4.36
N THR B 84 7.48 -17.53 5.47
CA THR B 84 7.33 -16.10 5.71
C THR B 84 8.11 -15.28 4.70
N LYS B 85 9.29 -15.76 4.29
CA LYS B 85 10.12 -14.99 3.36
C LYS B 85 9.39 -14.76 2.05
N ASP B 86 8.76 -15.81 1.50
CA ASP B 86 7.99 -15.64 0.27
C ASP B 86 6.81 -14.71 0.48
N SER B 87 6.09 -14.88 1.60
CA SER B 87 4.91 -14.05 1.83
C SER B 87 5.28 -12.57 1.89
N ILE B 88 6.37 -12.24 2.58
CA ILE B 88 6.82 -10.85 2.61
C ILE B 88 7.34 -10.43 1.25
N THR B 89 8.02 -11.33 0.53
CA THR B 89 8.53 -10.99 -0.80
C THR B 89 7.40 -10.68 -1.76
N ASP B 90 6.32 -11.48 -1.74
CA ASP B 90 5.16 -11.15 -2.56
C ASP B 90 4.52 -9.84 -2.11
N ILE B 91 4.48 -9.59 -0.81
CA ILE B 91 3.96 -8.32 -0.31
C ILE B 91 4.77 -7.16 -0.89
N TRP B 92 6.09 -7.25 -0.80
CA TRP B 92 6.94 -6.20 -1.34
C TRP B 92 6.82 -6.11 -2.86
N THR B 93 6.81 -7.26 -3.53
CA THR B 93 6.67 -7.26 -4.98
C THR B 93 5.31 -6.72 -5.40
N TYR B 94 4.24 -7.15 -4.73
CA TYR B 94 2.91 -6.63 -5.03
C TYR B 94 2.80 -5.16 -4.63
N GLN B 95 3.36 -4.80 -3.48
CA GLN B 95 3.30 -3.40 -3.04
C GLN B 95 4.12 -2.51 -3.96
N ALA B 96 5.32 -2.97 -4.34
CA ALA B 96 6.21 -2.13 -5.14
C ALA B 96 5.59 -1.79 -6.49
N GLU B 97 5.00 -2.78 -7.16
CA GLU B 97 4.41 -2.51 -8.47
C GLU B 97 3.27 -1.51 -8.39
N LEU B 98 2.30 -1.74 -7.49
CA LEU B 98 1.14 -0.87 -7.44
C LEU B 98 1.53 0.55 -7.03
N LEU B 99 2.57 0.68 -6.21
CA LEU B 99 3.04 2.02 -5.82
C LEU B 99 3.58 2.78 -7.03
N VAL B 100 4.41 2.13 -7.84
CA VAL B 100 4.96 2.78 -9.02
C VAL B 100 3.85 3.04 -10.05
N ALA B 101 2.95 2.08 -10.23
CA ALA B 101 1.86 2.28 -11.17
C ALA B 101 0.97 3.43 -10.74
N MET B 102 0.66 3.52 -9.43
CA MET B 102 -0.17 4.61 -8.94
C MET B 102 0.51 5.95 -9.12
N GLU B 103 1.83 6.03 -8.86
CA GLU B 103 2.55 7.29 -8.98
C GLU B 103 2.66 7.74 -10.42
N ASN B 104 2.82 6.80 -11.37
CA ASN B 104 2.88 7.18 -12.78
C ASN B 104 1.58 7.85 -13.21
N GLN B 105 0.45 7.39 -12.68
CA GLN B 105 -0.84 7.99 -13.04
C GLN B 105 -0.88 9.45 -12.60
N HIS B 106 -0.40 9.75 -11.40
CA HIS B 106 -0.41 11.12 -10.92
C HIS B 106 0.47 12.02 -11.77
N THR B 107 1.66 11.55 -12.13
CA THR B 107 2.57 12.35 -12.93
C THR B 107 1.96 12.70 -14.27
N ILE B 108 1.37 11.72 -14.95
CA ILE B 108 0.73 11.98 -16.24
C ILE B 108 -0.46 12.91 -16.06
N ASP B 109 -1.28 12.66 -15.03
CA ASP B 109 -2.44 13.51 -14.79
C ASP B 109 -2.04 14.90 -14.31
N MET B 110 -1.07 14.98 -13.39
CA MET B 110 -0.67 16.28 -12.87
C MET B 110 -0.06 17.15 -13.95
N ALA B 111 0.85 16.59 -14.75
CA ALA B 111 1.50 17.37 -15.80
C ALA B 111 0.49 17.89 -16.80
N ASP B 112 -0.48 17.05 -17.18
CA ASP B 112 -1.52 17.50 -18.11
C ASP B 112 -2.31 18.67 -17.53
N SER B 113 -2.50 18.70 -16.20
CA SER B 113 -3.23 19.80 -15.58
C SER B 113 -2.40 21.08 -15.59
N GLU B 114 -1.10 20.98 -15.30
CA GLU B 114 -0.26 22.17 -15.30
C GLU B 114 -0.24 22.84 -16.66
N MET B 115 -0.24 22.03 -17.73
CA MET B 115 -0.25 22.59 -19.07
C MET B 115 -1.52 23.39 -19.32
N LEU B 116 -2.66 22.88 -18.86
CA LEU B 116 -3.92 23.57 -19.09
C LEU B 116 -4.00 24.88 -18.31
N ASN B 117 -3.43 24.92 -17.11
CA ASN B 117 -3.47 26.15 -16.32
C ASN B 117 -2.73 27.29 -17.03
N LEU B 118 -1.57 26.98 -17.62
CA LEU B 118 -0.88 27.99 -18.43
C LEU B 118 -1.74 28.43 -19.61
N TYR B 119 -2.43 27.47 -20.23
CA TYR B 119 -3.33 27.80 -21.32
C TYR B 119 -4.46 28.72 -20.86
N GLU B 120 -4.98 28.47 -19.66
CA GLU B 120 -6.04 29.31 -19.12
C GLU B 120 -5.52 30.74 -18.88
N ARG B 121 -4.28 30.87 -18.42
CA ARG B 121 -3.74 32.19 -18.09
C ARG B 121 -3.76 33.11 -19.30
N VAL B 122 -3.32 32.60 -20.45
CA VAL B 122 -3.19 33.46 -21.62
C VAL B 122 -4.55 33.98 -22.08
N ARG B 123 -5.57 33.12 -22.04
CA ARG B 123 -6.90 33.56 -22.46
C ARG B 123 -7.40 34.71 -21.59
N LYS B 124 -7.18 34.62 -20.28
CA LYS B 124 -7.54 35.73 -19.41
C LYS B 124 -6.76 36.99 -19.76
N GLN B 125 -5.47 36.84 -20.05
CA GLN B 125 -4.65 38.00 -20.39
C GLN B 125 -5.16 38.70 -21.64
N LEU B 126 -5.44 37.94 -22.69
CA LEU B 126 -5.92 38.53 -23.94
C LEU B 126 -7.34 39.08 -23.83
N ARG B 127 -8.08 38.70 -22.80
CA ARG B 127 -9.42 39.23 -22.56
C ARG B 127 -10.28 39.12 -23.83
N GLN B 128 -10.63 40.26 -24.44
CA GLN B 128 -11.53 40.29 -25.58
C GLN B 128 -10.81 40.53 -26.89
N ASN B 129 -9.48 40.50 -26.90
CA ASN B 129 -8.71 40.80 -28.11
C ASN B 129 -8.35 39.56 -28.91
N ALA B 130 -8.68 38.36 -28.45
CA ALA B 130 -8.33 37.13 -29.13
C ALA B 130 -9.51 36.16 -29.12
N GLU B 131 -9.60 35.36 -30.18
CA GLU B 131 -10.62 34.32 -30.29
C GLU B 131 -9.95 32.95 -30.36
N GLU B 132 -10.52 31.98 -29.65
CA GLU B 132 -9.94 30.66 -29.58
C GLU B 132 -9.99 29.98 -30.96
N ASP B 133 -9.02 29.08 -31.20
CA ASP B 133 -8.87 28.46 -32.51
C ASP B 133 -9.18 26.97 -32.48
N GLY B 134 -9.63 26.43 -31.34
CA GLY B 134 -10.08 25.06 -31.27
C GLY B 134 -9.02 24.00 -31.37
N LYS B 135 -7.78 24.36 -31.70
CA LYS B 135 -6.67 23.40 -31.77
C LYS B 135 -5.60 23.74 -30.74
N GLY B 136 -6.01 24.35 -29.63
CA GLY B 136 -5.06 24.77 -28.62
C GLY B 136 -4.38 26.08 -28.93
N CYS B 137 -4.84 26.80 -29.96
CA CYS B 137 -4.20 28.04 -30.38
C CYS B 137 -5.19 29.19 -30.37
N PHE B 138 -4.64 30.40 -30.41
CA PHE B 138 -5.40 31.64 -30.34
C PHE B 138 -5.20 32.42 -31.64
N GLU B 139 -6.23 33.16 -32.05
CA GLU B 139 -6.14 34.01 -33.22
C GLU B 139 -6.14 35.48 -32.77
N ILE B 140 -5.02 36.16 -32.95
CA ILE B 140 -4.89 37.55 -32.57
C ILE B 140 -5.47 38.43 -33.67
N TYR B 141 -6.28 39.41 -33.30
CA TYR B 141 -7.02 40.23 -34.26
C TYR B 141 -6.44 41.62 -34.43
N HIS B 142 -5.21 41.86 -33.98
CA HIS B 142 -4.57 43.16 -34.15
C HIS B 142 -3.10 42.95 -34.53
N ALA B 143 -2.57 43.92 -35.28
CA ALA B 143 -1.23 43.82 -35.84
C ALA B 143 -0.18 43.92 -34.74
N CYS B 144 0.07 42.80 -34.07
CA CYS B 144 0.92 42.78 -32.89
C CYS B 144 2.09 41.84 -33.13
N ASP B 145 3.30 42.40 -33.29
CA ASP B 145 4.30 41.76 -34.14
C ASP B 145 5.49 41.16 -33.42
N ASP B 146 6.34 41.93 -32.74
CA ASP B 146 7.57 41.33 -32.23
C ASP B 146 7.91 41.66 -30.78
N SER B 147 7.75 42.93 -30.38
CA SER B 147 7.91 43.26 -28.97
C SER B 147 6.60 43.04 -28.24
N CYS B 148 5.49 43.37 -28.88
CA CYS B 148 4.19 42.84 -28.51
C CYS B 148 4.27 41.35 -28.15
N MET B 149 4.67 40.51 -29.11
CA MET B 149 4.74 39.09 -28.84
C MET B 149 5.59 38.78 -27.62
N GLU B 150 6.66 39.55 -27.40
CA GLU B 150 7.48 39.34 -26.21
C GLU B 150 6.71 39.69 -24.94
N SER B 151 5.85 40.72 -25.01
CA SER B 151 5.12 41.14 -23.82
C SER B 151 4.15 40.06 -23.35
N ILE B 152 3.46 39.40 -24.29
CA ILE B 152 2.51 38.36 -23.90
C ILE B 152 3.22 37.27 -23.11
N ARG B 153 4.43 36.90 -23.50
CA ARG B 153 5.22 35.94 -22.77
C ARG B 153 5.75 36.51 -21.46
N ASN B 154 5.61 37.82 -21.24
CA ASN B 154 6.31 38.53 -20.18
C ASN B 154 5.37 39.12 -19.14
N ASN B 155 4.07 38.87 -19.25
CA ASN B 155 3.09 39.31 -18.25
C ASN B 155 2.95 40.83 -18.20
N THR B 156 3.62 41.55 -19.10
CA THR B 156 3.52 43.00 -19.17
C THR B 156 2.55 43.47 -20.24
N TYR B 157 1.68 42.59 -20.74
CA TYR B 157 0.76 42.90 -21.83
C TYR B 157 -0.43 43.65 -21.25
N ASP B 158 -0.40 44.98 -21.38
CA ASP B 158 -1.51 45.84 -20.98
C ASP B 158 -2.51 45.89 -22.12
N HIS B 159 -3.55 45.06 -22.04
CA HIS B 159 -4.48 44.91 -23.14
C HIS B 159 -5.23 46.21 -23.44
N SER B 160 -5.33 47.12 -22.49
CA SER B 160 -6.12 48.33 -22.68
C SER B 160 -5.63 49.18 -23.83
N GLN B 161 -4.37 49.02 -24.25
CA GLN B 161 -3.84 49.83 -25.35
C GLN B 161 -4.28 49.32 -26.72
N TYR B 162 -4.82 48.09 -26.79
CA TYR B 162 -5.18 47.47 -28.05
C TYR B 162 -6.64 47.08 -28.17
N ARG B 163 -7.44 47.26 -27.11
CA ARG B 163 -8.83 46.81 -27.14
C ARG B 163 -9.61 47.52 -28.24
N GLU B 164 -9.41 48.83 -28.39
CA GLU B 164 -10.15 49.59 -29.39
C GLU B 164 -9.90 49.08 -30.80
N GLU B 165 -8.74 48.46 -31.05
CA GLU B 165 -8.41 47.97 -32.38
C GLU B 165 -8.89 46.54 -32.60
N ALA B 166 -8.60 45.65 -31.66
CA ALA B 166 -8.96 44.24 -31.83
C ALA B 166 -10.47 44.05 -31.88
N LEU B 167 -11.22 44.75 -31.03
CA LEU B 167 -12.66 44.54 -30.97
C LEU B 167 -13.36 44.97 -32.25
N LEU B 168 -12.78 45.90 -33.01
CA LEU B 168 -13.42 46.38 -34.24
C LEU B 168 -13.34 45.38 -35.38
N ASN B 169 -12.55 44.31 -35.24
CA ASN B 169 -12.38 43.33 -36.30
C ASN B 169 -12.94 41.95 -35.98
N ARG B 170 -13.18 41.63 -34.71
CA ARG B 170 -13.82 40.36 -34.38
C ARG B 170 -15.23 40.29 -34.97
N LEU B 171 -15.98 41.38 -34.89
CA LEU B 171 -17.36 41.44 -35.36
C LEU B 171 -17.56 42.45 -36.48
N ASN B 172 -16.47 42.93 -37.10
CA ASN B 172 -16.57 43.91 -38.17
C ASN B 172 -17.33 45.15 -37.71
N GLU C 1 15.01 3.92 -39.01
CA GLU C 1 16.10 4.10 -40.02
C GLU C 1 15.94 5.42 -40.76
N VAL C 2 17.05 6.07 -41.07
CA VAL C 2 17.07 7.39 -41.69
C VAL C 2 17.97 7.33 -42.92
N GLN C 3 17.49 7.92 -44.02
CA GLN C 3 18.24 7.93 -45.27
C GLN C 3 18.06 9.27 -45.97
N LEU C 4 19.19 9.91 -46.30
CA LEU C 4 19.23 11.09 -47.14
C LEU C 4 20.01 10.75 -48.40
N LEU C 5 19.41 11.01 -49.57
CA LEU C 5 19.99 10.61 -50.85
C LEU C 5 19.94 11.83 -51.78
N GLU C 6 21.11 12.27 -52.23
CA GLU C 6 21.22 13.48 -53.03
C GLU C 6 21.47 13.16 -54.50
N SER C 7 21.60 14.21 -55.30
CA SER C 7 21.87 14.09 -56.73
C SER C 7 22.05 15.50 -57.30
N GLY C 8 22.42 15.56 -58.57
CA GLY C 8 22.50 16.82 -59.29
C GLY C 8 23.89 17.35 -59.55
N GLY C 9 24.94 16.58 -59.24
CA GLY C 9 26.28 17.05 -59.51
C GLY C 9 26.53 17.22 -61.00
N GLY C 10 27.39 18.17 -61.34
CA GLY C 10 27.67 18.44 -62.73
C GLY C 10 28.84 19.39 -62.91
N LEU C 11 28.94 19.94 -64.12
CA LEU C 11 30.02 20.84 -64.50
C LEU C 11 29.40 22.08 -65.13
N VAL C 12 29.97 23.25 -64.83
CA VAL C 12 29.41 24.52 -65.28
C VAL C 12 30.54 25.51 -65.53
N GLN C 13 30.27 26.45 -66.44
CA GLN C 13 31.13 27.58 -66.73
C GLN C 13 30.62 28.83 -66.01
N PRO C 14 31.42 29.90 -65.99
CA PRO C 14 30.95 31.13 -65.33
C PRO C 14 29.62 31.61 -65.92
N GLY C 15 28.72 32.03 -65.04
CA GLY C 15 27.41 32.49 -65.43
C GLY C 15 26.35 31.42 -65.48
N GLY C 16 26.71 30.15 -65.33
CA GLY C 16 25.74 29.08 -65.34
C GLY C 16 25.18 28.81 -63.96
N SER C 17 24.43 27.72 -63.85
CA SER C 17 23.79 27.37 -62.60
C SER C 17 23.39 25.90 -62.60
N LEU C 18 23.50 25.27 -61.44
CA LEU C 18 22.96 23.96 -61.18
C LEU C 18 21.73 24.08 -60.27
N ARG C 19 21.02 22.97 -60.08
CA ARG C 19 19.90 22.91 -59.14
C ARG C 19 20.02 21.59 -58.38
N LEU C 20 20.73 21.63 -57.25
CA LEU C 20 20.91 20.43 -56.46
C LEU C 20 19.61 20.04 -55.78
N SER C 21 19.46 18.74 -55.51
CA SER C 21 18.28 18.21 -54.85
C SER C 21 18.70 17.17 -53.83
N CYS C 22 17.92 17.06 -52.76
CA CYS C 22 18.17 16.10 -51.71
C CYS C 22 16.83 15.61 -51.18
N VAL C 23 16.70 14.29 -51.05
CA VAL C 23 15.44 13.65 -50.69
C VAL C 23 15.58 13.02 -49.31
N ALA C 24 14.51 13.11 -48.52
CA ALA C 24 14.51 12.64 -47.14
C ALA C 24 13.38 11.64 -46.93
N SER C 25 13.62 10.70 -46.02
CA SER C 25 12.63 9.70 -45.68
C SER C 25 12.94 9.16 -44.28
N GLY C 26 11.93 8.55 -43.67
CA GLY C 26 12.08 7.94 -42.37
C GLY C 26 11.77 8.83 -41.18
N PHE C 27 11.46 10.11 -41.42
CA PHE C 27 11.14 11.04 -40.35
C PHE C 27 10.16 12.08 -40.86
N THR C 28 9.46 12.72 -39.92
CA THR C 28 8.54 13.79 -40.28
C THR C 28 9.32 14.96 -40.87
N PHE C 29 9.04 15.28 -42.13
CA PHE C 29 9.83 16.29 -42.83
C PHE C 29 9.65 17.68 -42.24
N SER C 30 8.49 17.98 -41.63
CA SER C 30 8.25 19.29 -41.07
C SER C 30 8.70 19.42 -39.63
N ALA C 31 9.20 18.35 -39.02
CA ALA C 31 9.55 18.38 -37.61
C ALA C 31 10.94 18.95 -37.35
N TYR C 32 11.78 19.07 -38.38
CA TYR C 32 13.15 19.53 -38.20
C TYR C 32 13.54 20.43 -39.36
N ALA C 33 14.61 21.20 -39.15
CA ALA C 33 15.14 22.06 -40.19
C ALA C 33 16.12 21.28 -41.07
N MET C 34 16.65 21.98 -42.07
CA MET C 34 17.60 21.40 -43.02
C MET C 34 18.68 22.42 -43.34
N SER C 35 19.81 21.94 -43.85
CA SER C 35 20.93 22.82 -44.13
C SER C 35 21.81 22.23 -45.22
N TRP C 36 22.47 23.12 -45.96
CA TRP C 36 23.49 22.75 -46.95
C TRP C 36 24.86 23.04 -46.37
N VAL C 37 25.80 22.13 -46.60
CA VAL C 37 27.19 22.30 -46.18
C VAL C 37 28.10 21.84 -47.30
N ARG C 38 29.21 22.55 -47.48
CA ARG C 38 30.14 22.28 -48.57
C ARG C 38 31.56 22.20 -48.03
N GLN C 39 32.41 21.52 -48.78
CA GLN C 39 33.82 21.33 -48.42
C GLN C 39 34.65 21.40 -49.69
N ALA C 40 35.51 22.42 -49.79
CA ALA C 40 36.40 22.54 -50.91
C ALA C 40 37.50 21.49 -50.83
N PRO C 41 38.13 21.15 -51.96
CA PRO C 41 39.14 20.08 -51.95
C PRO C 41 40.23 20.29 -50.91
N GLY C 42 40.27 19.42 -49.90
CA GLY C 42 41.35 19.42 -48.94
C GLY C 42 41.43 20.64 -48.05
N LYS C 43 40.30 21.30 -47.78
CA LYS C 43 40.27 22.47 -46.92
C LYS C 43 39.14 22.32 -45.90
N GLY C 44 38.91 23.39 -45.14
CA GLY C 44 37.95 23.32 -44.04
C GLY C 44 36.52 23.44 -44.50
N LEU C 45 35.61 22.94 -43.66
CA LEU C 45 34.19 23.03 -43.95
C LEU C 45 33.72 24.47 -43.85
N GLU C 46 32.65 24.78 -44.58
CA GLU C 46 32.07 26.12 -44.58
C GLU C 46 30.55 26.02 -44.57
N TRP C 47 29.91 26.89 -43.78
CA TRP C 47 28.46 26.95 -43.76
C TRP C 47 27.95 27.70 -44.98
N VAL C 48 26.83 27.22 -45.54
CA VAL C 48 26.29 27.79 -46.76
C VAL C 48 24.89 28.36 -46.51
N SER C 49 23.95 27.50 -46.10
CA SER C 49 22.57 27.94 -45.93
C SER C 49 21.84 26.99 -45.02
N SER C 50 20.67 27.43 -44.55
CA SER C 50 19.79 26.61 -43.74
C SER C 50 18.38 27.17 -43.82
N VAL C 51 17.39 26.30 -43.62
CA VAL C 51 15.98 26.67 -43.67
C VAL C 51 15.35 26.31 -42.34
N SER C 52 14.52 27.22 -41.82
CA SER C 52 13.97 27.10 -40.48
C SER C 52 12.48 27.39 -40.47
N GLY C 53 11.82 26.88 -39.43
CA GLY C 53 10.41 27.17 -39.20
C GLY C 53 9.48 26.62 -40.25
N GLY C 54 9.82 25.48 -40.84
CA GLY C 54 8.93 24.87 -41.82
C GLY C 54 9.01 25.47 -43.20
N GLY C 55 9.84 26.49 -43.39
CA GLY C 55 10.03 27.07 -44.72
C GLY C 55 9.84 28.57 -44.79
N TYR C 56 9.41 29.19 -43.70
CA TYR C 56 9.15 30.63 -43.70
C TYR C 56 10.38 31.47 -43.38
N ASN C 57 11.53 30.84 -43.10
CA ASN C 57 12.74 31.58 -42.76
C ASN C 57 13.94 30.93 -43.42
N THR C 58 14.95 31.75 -43.72
CA THR C 58 16.17 31.29 -44.35
C THR C 58 17.33 32.17 -43.93
N ASN C 59 18.54 31.64 -44.07
CA ASN C 59 19.76 32.39 -43.76
C ASN C 59 20.88 31.89 -44.67
N TYR C 60 21.87 32.75 -44.88
CA TYR C 60 22.97 32.46 -45.77
C TYR C 60 24.28 32.93 -45.14
N ALA C 61 25.38 32.32 -45.57
CA ALA C 61 26.70 32.78 -45.19
C ALA C 61 27.05 34.05 -45.96
N ASP C 62 27.94 34.86 -45.38
CA ASP C 62 28.30 36.13 -45.98
C ASP C 62 29.04 35.99 -47.31
N SER C 63 29.62 34.83 -47.59
CA SER C 63 30.37 34.66 -48.83
C SER C 63 29.45 34.47 -50.03
N VAL C 64 28.17 34.17 -49.81
CA VAL C 64 27.25 33.87 -50.90
C VAL C 64 25.95 34.65 -50.79
N ARG C 65 25.84 35.59 -49.86
CA ARG C 65 24.60 36.34 -49.69
C ARG C 65 24.21 37.04 -50.98
N GLY C 66 22.95 36.86 -51.39
CA GLY C 66 22.43 37.46 -52.60
C GLY C 66 22.63 36.65 -53.86
N ARG C 67 23.49 35.62 -53.83
CA ARG C 67 23.70 34.79 -55.01
C ARG C 67 22.82 33.55 -54.98
N PHE C 68 22.78 32.87 -53.84
CA PHE C 68 22.08 31.60 -53.72
C PHE C 68 20.69 31.79 -53.12
N THR C 69 19.85 30.77 -53.29
CA THR C 69 18.46 30.84 -52.83
C THR C 69 18.02 29.43 -52.49
N ALA C 70 17.59 29.23 -51.24
CA ALA C 70 17.10 27.94 -50.78
C ALA C 70 15.58 27.93 -50.75
N SER C 71 15.00 26.76 -50.53
CA SER C 71 13.55 26.60 -50.46
C SER C 71 13.25 25.20 -49.96
N ILE C 72 11.96 24.91 -49.83
CA ILE C 72 11.50 23.60 -49.36
C ILE C 72 10.13 23.33 -49.96
N ASP C 73 9.84 22.04 -50.19
CA ASP C 73 8.56 21.60 -50.75
C ASP C 73 8.11 20.38 -49.93
N ASN C 74 7.15 20.61 -49.02
CA ASN C 74 6.70 19.54 -48.14
C ASN C 74 5.90 18.47 -48.86
N SER C 75 5.32 18.78 -50.02
CA SER C 75 4.56 17.81 -50.77
C SER C 75 5.43 16.72 -51.38
N LYS C 76 6.75 16.91 -51.42
CA LYS C 76 7.66 15.91 -51.97
C LYS C 76 8.85 15.64 -51.05
N ARG C 77 8.95 16.33 -49.91
CA ARG C 77 10.07 16.13 -49.00
C ARG C 77 11.40 16.34 -49.70
N THR C 78 11.52 17.47 -50.40
CA THR C 78 12.66 17.77 -51.25
C THR C 78 13.29 19.10 -50.84
N LEU C 79 14.61 19.17 -50.96
CA LEU C 79 15.38 20.37 -50.63
C LEU C 79 16.04 20.90 -51.89
N TYR C 80 16.07 22.22 -52.04
CA TYR C 80 16.51 22.86 -53.27
C TYR C 80 17.62 23.88 -52.99
N LEU C 81 18.36 24.22 -54.05
CA LEU C 81 19.36 25.27 -54.00
C LEU C 81 19.53 25.80 -55.42
N GLN C 82 18.93 26.96 -55.71
CA GLN C 82 19.00 27.56 -57.04
C GLN C 82 20.19 28.50 -57.08
N MET C 83 21.33 27.95 -57.52
CA MET C 83 22.57 28.71 -57.59
C MET C 83 22.53 29.67 -58.78
N ASN C 84 23.35 30.72 -58.69
CA ASN C 84 23.47 31.70 -59.77
C ASN C 84 24.85 32.35 -59.69
N SER C 85 25.34 32.76 -60.86
CA SER C 85 26.60 33.49 -60.96
C SER C 85 27.75 32.73 -60.28
N LEU C 86 27.89 31.46 -60.63
CA LEU C 86 28.95 30.65 -60.04
C LEU C 86 30.31 31.13 -60.52
N ARG C 87 31.33 30.85 -59.71
CA ARG C 87 32.71 31.18 -60.04
C ARG C 87 33.59 29.99 -59.68
N ALA C 88 34.88 30.10 -60.00
CA ALA C 88 35.80 28.99 -59.79
C ALA C 88 35.88 28.60 -58.31
N GLU C 89 35.69 29.58 -57.41
CA GLU C 89 35.80 29.29 -55.99
C GLU C 89 34.71 28.35 -55.50
N ASP C 90 33.63 28.15 -56.27
CA ASP C 90 32.54 27.31 -55.82
C ASP C 90 32.84 25.82 -55.93
N THR C 91 33.92 25.45 -56.64
CA THR C 91 34.25 24.05 -56.82
C THR C 91 34.44 23.37 -55.46
N ALA C 92 33.54 22.44 -55.13
CA ALA C 92 33.58 21.81 -53.82
C ALA C 92 32.51 20.73 -53.75
N VAL C 93 32.60 19.90 -52.71
CA VAL C 93 31.56 18.91 -52.45
C VAL C 93 30.42 19.58 -51.68
N TYR C 94 29.22 19.03 -51.81
CA TYR C 94 28.04 19.56 -51.16
C TYR C 94 27.33 18.44 -50.40
N TYR C 95 26.65 18.82 -49.31
CA TYR C 95 25.92 17.88 -48.48
C TYR C 95 24.59 18.49 -48.06
N CYS C 96 23.64 17.61 -47.73
CA CYS C 96 22.40 17.98 -47.06
C CYS C 96 22.30 17.23 -45.75
N ALA C 97 22.01 17.96 -44.68
CA ALA C 97 22.08 17.40 -43.34
C ALA C 97 20.82 17.75 -42.55
N LYS C 98 20.51 16.93 -41.54
CA LYS C 98 19.35 17.13 -40.69
C LYS C 98 19.80 17.51 -39.29
N ASP C 99 19.29 18.63 -38.79
CA ASP C 99 19.61 19.10 -37.44
C ASP C 99 18.54 18.64 -36.45
N ARG C 100 18.55 19.21 -35.24
CA ARG C 100 17.70 18.72 -34.16
C ARG C 100 16.69 19.75 -33.67
N ASN C 101 16.80 21.01 -34.07
CA ASN C 101 15.95 22.07 -33.54
C ASN C 101 15.12 22.68 -34.66
N TRP C 102 14.15 23.52 -34.29
CA TRP C 102 13.18 24.07 -35.22
C TRP C 102 13.49 25.48 -35.69
N ASP C 103 13.53 26.47 -34.78
CA ASP C 103 13.69 27.85 -35.23
C ASP C 103 15.14 28.16 -35.59
N PRO C 104 16.09 28.07 -34.66
CA PRO C 104 17.51 28.07 -35.06
C PRO C 104 18.01 26.65 -35.21
N PRO C 105 18.83 26.37 -36.23
CA PRO C 105 19.23 24.99 -36.49
C PRO C 105 20.11 24.37 -35.41
N TYR C 106 20.70 25.16 -34.52
CA TYR C 106 21.63 24.63 -33.52
C TYR C 106 22.74 23.85 -34.20
N TYR C 107 22.68 22.51 -34.15
CA TYR C 107 23.73 21.67 -34.70
C TYR C 107 23.13 20.57 -35.57
N PHE C 108 23.86 20.22 -36.62
CA PHE C 108 23.40 19.19 -37.55
C PHE C 108 23.54 17.82 -36.91
N ASP C 109 22.75 16.85 -37.42
CA ASP C 109 22.69 15.53 -36.80
C ASP C 109 22.91 14.37 -37.75
N SER C 110 22.60 14.49 -39.04
CA SER C 110 22.80 13.39 -39.97
C SER C 110 23.21 13.97 -41.32
N TRP C 111 23.92 13.16 -42.11
CA TRP C 111 24.45 13.60 -43.39
C TRP C 111 24.17 12.55 -44.46
N GLY C 112 24.17 12.98 -45.71
CA GLY C 112 23.96 12.10 -46.84
C GLY C 112 25.27 11.68 -47.48
N GLN C 113 25.17 11.30 -48.75
CA GLN C 113 26.33 10.82 -49.50
C GLN C 113 27.08 11.94 -50.22
N GLY C 114 26.42 13.06 -50.51
CA GLY C 114 27.09 14.19 -51.12
C GLY C 114 27.12 14.11 -52.63
N THR C 115 27.67 15.17 -53.23
CA THR C 115 27.81 15.26 -54.68
C THR C 115 28.93 16.23 -55.00
N LEU C 116 29.37 16.22 -56.25
CA LEU C 116 30.53 16.98 -56.69
C LEU C 116 30.09 18.08 -57.64
N VAL C 117 30.69 19.26 -57.49
CA VAL C 117 30.51 20.39 -58.39
C VAL C 117 31.87 20.87 -58.83
N THR C 118 31.97 21.29 -60.10
CA THR C 118 33.25 21.67 -60.68
C THR C 118 33.04 22.78 -61.68
N VAL C 119 34.10 23.56 -61.90
CA VAL C 119 34.11 24.64 -62.88
C VAL C 119 35.31 24.45 -63.80
N SER C 120 35.17 24.91 -65.04
CA SER C 120 36.23 24.79 -66.04
C SER C 120 36.15 25.97 -66.99
N SER C 121 37.16 26.06 -67.85
CA SER C 121 37.22 27.14 -68.83
C SER C 121 36.22 26.90 -69.96
N GLU D 1 30.78 37.52 -34.84
CA GLU D 1 31.37 36.48 -35.72
C GLU D 1 32.54 35.80 -35.02
N VAL D 2 32.32 34.56 -34.58
CA VAL D 2 33.34 33.84 -33.83
C VAL D 2 34.38 33.26 -34.78
N VAL D 3 35.63 33.25 -34.34
CA VAL D 3 36.72 32.59 -35.04
C VAL D 3 37.40 31.65 -34.06
N MET D 4 37.59 30.39 -34.48
CA MET D 4 38.10 29.34 -33.61
C MET D 4 39.43 28.82 -34.13
N THR D 5 40.27 28.37 -33.19
CA THR D 5 41.57 27.81 -33.50
C THR D 5 41.66 26.41 -32.91
N GLN D 6 42.10 25.46 -33.73
CA GLN D 6 42.35 24.09 -33.29
C GLN D 6 43.85 23.86 -33.20
N SER D 7 44.32 23.49 -32.01
CA SER D 7 45.74 23.32 -31.76
C SER D 7 46.00 21.96 -31.12
N PRO D 8 46.99 21.20 -31.61
CA PRO D 8 47.87 21.48 -32.76
C PRO D 8 47.15 21.23 -34.08
N ALA D 9 47.63 21.82 -35.18
CA ALA D 9 47.02 21.58 -36.49
C ALA D 9 47.16 20.13 -36.94
N THR D 10 48.08 19.37 -36.36
CA THR D 10 48.28 17.97 -36.72
C THR D 10 48.90 17.26 -35.53
N LEU D 11 48.54 15.99 -35.37
CA LEU D 11 49.06 15.19 -34.26
C LEU D 11 49.23 13.74 -34.73
N SER D 12 50.14 13.03 -34.07
CA SER D 12 50.42 11.63 -34.38
C SER D 12 50.50 10.85 -33.08
N VAL D 13 49.95 9.64 -33.10
CA VAL D 13 49.92 8.78 -31.92
C VAL D 13 50.03 7.33 -32.37
N SER D 14 50.72 6.51 -31.55
CA SER D 14 50.83 5.10 -31.86
C SER D 14 49.53 4.38 -31.54
N PRO D 15 49.23 3.27 -32.24
CA PRO D 15 47.98 2.57 -31.97
C PRO D 15 47.87 2.14 -30.51
N GLY D 16 46.68 2.29 -29.94
CA GLY D 16 46.42 1.86 -28.59
C GLY D 16 46.74 2.88 -27.51
N GLU D 17 47.40 3.99 -27.87
CA GLU D 17 47.75 5.00 -26.88
C GLU D 17 46.64 6.03 -26.76
N ARG D 18 46.66 6.74 -25.63
CA ARG D 18 45.68 7.80 -25.40
C ARG D 18 45.94 8.99 -26.33
N ALA D 19 44.86 9.63 -26.76
CA ALA D 19 44.93 10.80 -27.61
C ALA D 19 44.05 11.91 -27.05
N THR D 20 44.52 13.15 -27.21
CA THR D 20 43.80 14.32 -26.72
C THR D 20 43.87 15.43 -27.75
N LEU D 21 42.85 16.28 -27.76
CA LEU D 21 42.77 17.40 -28.67
C LEU D 21 42.16 18.59 -27.93
N SER D 22 42.31 19.78 -28.51
CA SER D 22 41.84 21.00 -27.86
C SER D 22 41.36 21.98 -28.91
N CYS D 23 40.51 22.92 -28.48
CA CYS D 23 39.96 23.96 -29.33
C CYS D 23 39.78 25.22 -28.48
N ARG D 24 39.95 26.38 -29.12
CA ARG D 24 39.87 27.65 -28.43
C ARG D 24 38.87 28.56 -29.15
N ALA D 25 38.28 29.49 -28.39
CA ALA D 25 37.26 30.38 -28.90
C ALA D 25 37.69 31.83 -28.71
N SER D 26 37.24 32.68 -29.64
CA SER D 26 37.50 34.12 -29.55
C SER D 26 36.63 34.82 -28.52
N GLN D 27 35.45 34.29 -28.22
CA GLN D 27 34.60 34.83 -27.17
C GLN D 27 33.78 33.69 -26.59
N SER D 28 33.24 33.93 -25.40
CA SER D 28 32.59 32.87 -24.63
C SER D 28 31.48 32.21 -25.45
N VAL D 29 31.47 30.88 -25.44
CA VAL D 29 30.41 30.12 -26.07
C VAL D 29 29.51 29.40 -25.06
N SER D 30 30.04 29.04 -23.89
CA SER D 30 29.23 28.49 -22.82
C SER D 30 28.50 27.21 -23.24
N SER D 31 29.26 26.17 -23.56
CA SER D 31 28.77 24.82 -23.84
C SER D 31 28.05 24.72 -25.19
N LYS D 32 27.91 25.81 -25.94
CA LYS D 32 27.25 25.75 -27.23
C LYS D 32 28.26 25.38 -28.32
N LEU D 33 28.88 24.21 -28.18
CA LEU D 33 29.93 23.77 -29.09
C LEU D 33 29.69 22.31 -29.45
N ALA D 34 30.21 21.90 -30.61
CA ALA D 34 30.05 20.54 -31.10
C ALA D 34 31.30 20.10 -31.82
N TRP D 35 31.41 18.78 -32.06
CA TRP D 35 32.57 18.19 -32.70
C TRP D 35 32.13 17.22 -33.78
N TYR D 36 32.97 17.06 -34.80
CA TYR D 36 32.67 16.26 -35.97
C TYR D 36 33.87 15.40 -36.35
N GLN D 37 33.57 14.29 -37.03
CA GLN D 37 34.56 13.35 -37.52
C GLN D 37 34.27 13.04 -38.97
N GLN D 38 35.34 12.89 -39.77
CA GLN D 38 35.19 12.65 -41.20
C GLN D 38 36.44 11.96 -41.71
N THR D 39 36.25 10.83 -42.40
CA THR D 39 37.36 10.21 -43.11
C THR D 39 37.37 10.70 -44.57
N PRO D 40 38.53 10.96 -45.14
CA PRO D 40 38.58 11.44 -46.52
C PRO D 40 37.89 10.47 -47.48
N GLY D 41 37.19 11.04 -48.45
CA GLY D 41 36.42 10.23 -49.38
C GLY D 41 35.13 9.69 -48.81
N GLN D 42 34.60 10.31 -47.75
CA GLN D 42 33.38 9.83 -47.10
C GLN D 42 32.59 11.00 -46.54
N ALA D 43 31.60 10.71 -45.69
CA ALA D 43 30.74 11.73 -45.12
C ALA D 43 31.10 11.99 -43.66
N PRO D 44 30.76 13.16 -43.11
CA PRO D 44 31.10 13.44 -41.71
C PRO D 44 30.23 12.68 -40.72
N ARG D 45 30.42 12.96 -39.43
CA ARG D 45 29.69 12.27 -38.38
C ARG D 45 29.74 13.12 -37.11
N LEU D 46 28.70 13.02 -36.31
CA LEU D 46 28.58 13.77 -35.06
C LEU D 46 29.06 12.93 -33.89
N LEU D 47 29.80 13.56 -32.97
CA LEU D 47 30.31 12.89 -31.78
C LEU D 47 29.75 13.48 -30.49
N ILE D 48 29.94 14.77 -30.27
CA ILE D 48 29.67 15.38 -28.97
C ILE D 48 28.87 16.66 -29.17
N TYR D 49 27.83 16.82 -28.36
CA TYR D 49 27.04 18.05 -28.32
C TYR D 49 26.85 18.44 -26.86
N GLY D 50 26.78 19.75 -26.62
CA GLY D 50 26.77 20.24 -25.26
C GLY D 50 28.15 20.24 -24.62
N ALA D 51 29.18 19.89 -25.39
CA ALA D 51 30.57 19.90 -24.95
C ALA D 51 30.88 18.78 -23.95
N SER D 52 29.86 18.03 -23.53
CA SER D 52 30.09 16.96 -22.55
C SER D 52 29.32 15.69 -22.88
N THR D 53 28.33 15.77 -23.78
CA THR D 53 27.38 14.67 -23.99
C THR D 53 27.71 13.93 -25.27
N ARG D 54 27.77 12.59 -25.17
CA ARG D 54 28.00 11.75 -26.34
C ARG D 54 26.72 11.64 -27.15
N ALA D 55 26.86 11.65 -28.47
CA ALA D 55 25.72 11.45 -29.35
C ALA D 55 25.42 9.95 -29.48
N THR D 56 24.38 9.64 -30.26
CA THR D 56 23.96 8.25 -30.40
C THR D 56 25.06 7.43 -31.07
N ASP D 57 25.20 6.19 -30.62
CA ASP D 57 26.15 5.23 -31.21
C ASP D 57 27.58 5.77 -31.18
N ILE D 58 27.98 6.33 -30.03
CA ILE D 58 29.34 6.79 -29.82
C ILE D 58 30.01 5.86 -28.81
N PRO D 59 31.07 5.16 -29.19
CA PRO D 59 31.70 4.22 -28.24
C PRO D 59 32.05 4.88 -26.93
N ALA D 60 32.35 4.03 -25.93
CA ALA D 60 32.58 4.51 -24.58
C ALA D 60 33.93 5.20 -24.42
N ARG D 61 34.84 5.06 -25.39
CA ARG D 61 36.17 5.63 -25.25
C ARG D 61 36.24 7.09 -25.65
N PHE D 62 35.11 7.71 -25.99
CA PHE D 62 35.07 9.12 -26.35
C PHE D 62 34.47 9.93 -25.21
N SER D 63 35.17 10.99 -24.80
CA SER D 63 34.69 11.85 -23.73
C SER D 63 35.47 13.15 -23.78
N GLY D 64 34.96 14.16 -23.08
CA GLY D 64 35.60 15.45 -23.03
C GLY D 64 34.86 16.39 -22.10
N SER D 65 35.45 17.57 -21.92
CA SER D 65 34.86 18.59 -21.07
C SER D 65 35.40 19.95 -21.49
N GLY D 66 34.70 21.00 -21.08
CA GLY D 66 35.12 22.35 -21.40
C GLY D 66 34.01 23.33 -21.17
N SER D 67 34.40 24.56 -20.82
CA SER D 67 33.46 25.64 -20.60
C SER D 67 34.17 26.95 -20.86
N GLY D 68 33.38 27.99 -21.13
CA GLY D 68 33.94 29.30 -21.38
C GLY D 68 34.44 29.46 -22.80
N THR D 69 35.76 29.47 -22.97
CA THR D 69 36.36 29.68 -24.28
C THR D 69 37.35 28.59 -24.68
N GLU D 70 37.54 27.55 -23.87
CA GLU D 70 38.47 26.47 -24.19
C GLU D 70 37.81 25.13 -23.87
N PHE D 71 38.14 24.12 -24.67
CA PHE D 71 37.54 22.81 -24.54
C PHE D 71 38.59 21.74 -24.78
N THR D 72 38.32 20.54 -24.26
CA THR D 72 39.24 19.41 -24.38
C THR D 72 38.45 18.16 -24.74
N LEU D 73 39.13 17.21 -25.39
CA LEU D 73 38.50 15.97 -25.83
C LEU D 73 39.56 14.88 -25.83
N THR D 74 39.34 13.82 -25.05
CA THR D 74 40.30 12.74 -24.90
C THR D 74 39.69 11.46 -25.48
N ILE D 75 40.42 10.83 -26.40
CA ILE D 75 40.06 9.53 -26.94
C ILE D 75 40.88 8.50 -26.17
N SER D 76 40.23 7.79 -25.24
CA SER D 76 40.92 6.86 -24.37
C SER D 76 41.30 5.59 -25.12
N GLY D 77 42.34 5.67 -25.95
CA GLY D 77 42.80 4.52 -26.72
C GLY D 77 42.46 4.66 -28.18
N LEU D 78 43.47 4.96 -29.00
CA LEU D 78 43.25 5.20 -30.43
C LEU D 78 43.40 3.88 -31.17
N GLN D 79 42.29 3.36 -31.66
CA GLN D 79 42.29 2.11 -32.41
C GLN D 79 42.52 2.38 -33.90
N SER D 80 42.49 1.30 -34.69
CA SER D 80 42.82 1.41 -36.11
C SER D 80 41.86 2.32 -36.85
N GLU D 81 40.57 2.25 -36.54
CA GLU D 81 39.55 2.98 -37.27
C GLU D 81 39.29 4.37 -36.72
N ASP D 82 40.02 4.79 -35.68
CA ASP D 82 39.79 6.10 -35.08
C ASP D 82 40.54 7.22 -35.79
N PHE D 83 41.44 6.88 -36.72
CA PHE D 83 42.23 7.91 -37.41
C PHE D 83 41.37 8.58 -38.47
N ALA D 84 41.09 9.87 -38.28
CA ALA D 84 40.27 10.62 -39.22
C ALA D 84 40.45 12.11 -38.93
N VAL D 85 39.80 12.93 -39.74
CA VAL D 85 39.86 14.37 -39.59
C VAL D 85 38.73 14.82 -38.66
N TYR D 86 39.06 15.65 -37.67
CA TYR D 86 38.09 16.14 -36.71
C TYR D 86 37.94 17.65 -36.87
N TYR D 87 36.76 18.16 -36.58
CA TYR D 87 36.43 19.55 -36.83
C TYR D 87 35.78 20.18 -35.60
N CYS D 88 36.01 21.48 -35.43
CA CYS D 88 35.51 22.25 -34.29
C CYS D 88 34.47 23.24 -34.80
N GLN D 89 33.27 23.20 -34.20
CA GLN D 89 32.19 24.09 -34.63
C GLN D 89 31.47 24.65 -33.41
N GLN D 90 30.87 25.82 -33.58
CA GLN D 90 30.09 26.48 -32.55
C GLN D 90 28.74 26.91 -33.11
N TYR D 91 27.71 26.87 -32.26
CA TYR D 91 26.37 27.29 -32.65
C TYR D 91 25.78 28.35 -31.71
N ASN D 92 26.60 29.31 -31.26
CA ASN D 92 26.09 30.35 -30.37
C ASN D 92 25.66 31.59 -31.15
N ASN D 93 26.39 31.94 -32.19
CA ASN D 93 26.13 33.18 -32.93
C ASN D 93 26.27 32.93 -34.43
N TRP D 94 25.54 33.73 -35.21
CA TRP D 94 25.69 33.70 -36.66
C TRP D 94 26.92 34.48 -37.09
N PRO D 95 27.66 34.00 -38.10
CA PRO D 95 27.55 32.70 -38.77
C PRO D 95 28.19 31.59 -37.94
N ARG D 96 27.75 30.34 -38.08
CA ARG D 96 28.30 29.22 -37.32
C ARG D 96 29.57 28.72 -38.03
N THR D 97 30.63 29.52 -37.89
CA THR D 97 31.87 29.24 -38.61
C THR D 97 32.53 27.96 -38.09
N PHE D 98 33.12 27.21 -39.01
CA PHE D 98 33.91 26.05 -38.65
C PHE D 98 35.34 26.45 -38.33
N GLY D 99 36.11 25.49 -37.83
CA GLY D 99 37.50 25.72 -37.48
C GLY D 99 38.43 25.41 -38.63
N GLN D 100 39.71 25.26 -38.30
CA GLN D 100 40.73 24.94 -39.29
C GLN D 100 40.82 23.46 -39.59
N GLY D 101 40.20 22.61 -38.78
CA GLY D 101 40.31 21.18 -38.97
C GLY D 101 41.54 20.61 -38.28
N THR D 102 41.62 19.29 -38.27
CA THR D 102 42.74 18.59 -37.64
C THR D 102 42.76 17.16 -38.13
N LYS D 103 43.96 16.67 -38.44
CA LYS D 103 44.15 15.32 -38.96
C LYS D 103 45.03 14.52 -38.01
N LEU D 104 44.66 13.26 -37.80
CA LEU D 104 45.44 12.33 -36.97
C LEU D 104 45.98 11.21 -37.82
N GLU D 105 47.26 10.91 -37.67
CA GLU D 105 47.92 9.86 -38.43
C GLU D 105 48.80 9.04 -37.51
N ILE D 106 49.03 7.78 -37.89
CA ILE D 106 49.86 6.90 -37.10
C ILE D 106 51.29 7.44 -37.06
N LYS D 107 51.86 7.48 -35.86
CA LYS D 107 53.22 7.99 -35.69
C LYS D 107 54.23 7.03 -36.30
N GLY E 1 -39.94 26.88 -30.19
CA GLY E 1 -38.80 27.14 -29.25
C GLY E 1 -37.45 27.17 -29.96
N LEU E 2 -36.54 27.97 -29.43
CA LEU E 2 -35.22 28.10 -30.02
C LEU E 2 -34.49 26.76 -29.98
N ASP E 3 -33.69 26.51 -31.02
CA ASP E 3 -33.00 25.24 -31.14
C ASP E 3 -32.11 24.98 -29.93
N LYS E 4 -31.80 23.71 -29.70
CA LYS E 4 -31.12 23.31 -28.47
C LYS E 4 -30.38 21.99 -28.70
N ILE E 5 -29.22 21.87 -28.07
CA ILE E 5 -28.42 20.66 -28.10
C ILE E 5 -27.51 20.66 -26.88
N CYS E 6 -27.43 19.52 -26.18
CA CYS E 6 -26.45 19.38 -25.13
C CYS E 6 -26.38 17.97 -24.57
N LEU E 7 -25.58 17.83 -23.51
CA LEU E 7 -24.80 16.63 -23.24
C LEU E 7 -25.06 16.10 -21.84
N GLY E 8 -24.75 14.82 -21.66
CA GLY E 8 -24.88 14.18 -20.36
C GLY E 8 -24.49 12.73 -20.46
N HIS E 9 -24.34 12.11 -19.29
CA HIS E 9 -24.03 10.69 -19.17
C HIS E 9 -25.24 9.93 -18.65
N HIS E 10 -25.15 8.61 -18.71
CA HIS E 10 -26.29 7.77 -18.38
C HIS E 10 -26.51 7.70 -16.87
N ALA E 11 -27.73 7.33 -16.49
CA ALA E 11 -28.10 7.11 -15.10
C ALA E 11 -29.12 5.99 -15.04
N VAL E 12 -29.21 5.35 -13.87
CA VAL E 12 -30.11 4.21 -13.67
C VAL E 12 -30.99 4.49 -12.46
N ALA E 13 -32.15 3.83 -12.44
CA ALA E 13 -33.14 4.10 -11.40
C ALA E 13 -32.64 3.69 -10.02
N ASN E 14 -32.01 2.53 -9.90
CA ASN E 14 -31.59 2.00 -8.60
C ASN E 14 -30.13 1.56 -8.72
N GLY E 15 -29.25 2.20 -7.95
CA GLY E 15 -27.84 1.93 -8.04
C GLY E 15 -27.33 1.00 -6.97
N THR E 16 -26.00 0.93 -6.88
CA THR E 16 -25.31 0.08 -5.91
C THR E 16 -24.38 0.93 -5.07
N ILE E 17 -24.04 0.42 -3.89
CA ILE E 17 -23.26 1.15 -2.90
C ILE E 17 -21.83 0.65 -2.92
N VAL E 18 -20.87 1.57 -3.02
CA VAL E 18 -19.45 1.26 -3.03
C VAL E 18 -18.72 2.23 -2.12
N LYS E 19 -17.55 1.81 -1.65
CA LYS E 19 -16.73 2.64 -0.78
C LYS E 19 -15.87 3.59 -1.62
N THR E 20 -15.28 4.57 -0.93
CA THR E 20 -14.37 5.52 -1.57
C THR E 20 -13.67 6.32 -0.46
N LEU E 21 -12.67 7.10 -0.87
CA LEU E 21 -11.89 7.86 0.09
C LEU E 21 -12.73 8.89 0.84
N THR E 22 -13.65 9.56 0.15
CA THR E 22 -14.38 10.68 0.71
C THR E 22 -15.79 10.35 1.16
N ASN E 23 -16.22 9.09 1.07
CA ASN E 23 -17.59 8.73 1.44
C ASN E 23 -17.66 7.25 1.73
N GLU E 24 -18.29 6.89 2.84
CA GLU E 24 -18.46 5.49 3.19
C GLU E 24 -19.44 4.77 2.27
N GLN E 25 -20.51 5.44 1.85
CA GLN E 25 -21.49 4.87 0.92
C GLN E 25 -21.67 5.87 -0.22
N GLU E 26 -21.48 5.40 -1.45
CA GLU E 26 -21.55 6.23 -2.65
C GLU E 26 -22.41 5.53 -3.69
N GLU E 27 -23.10 6.32 -4.51
CA GLU E 27 -24.02 5.80 -5.51
C GLU E 27 -23.34 5.80 -6.87
N VAL E 28 -23.32 4.64 -7.52
CA VAL E 28 -22.74 4.47 -8.85
C VAL E 28 -23.70 3.65 -9.68
N THR E 29 -23.47 3.66 -11.00
CA THR E 29 -24.38 2.96 -11.90
C THR E 29 -24.35 1.46 -11.70
N ASN E 30 -23.16 0.84 -11.65
CA ASN E 30 -23.09 -0.59 -11.39
C ASN E 30 -21.68 -0.93 -10.92
N ALA E 31 -21.56 -2.11 -10.30
CA ALA E 31 -20.31 -2.53 -9.68
C ALA E 31 -20.24 -4.05 -9.66
N THR E 32 -19.04 -4.55 -9.36
CA THR E 32 -18.78 -5.98 -9.31
C THR E 32 -18.03 -6.31 -8.03
N GLU E 33 -18.42 -7.41 -7.39
CA GLU E 33 -17.72 -7.86 -6.18
C GLU E 33 -16.42 -8.55 -6.56
N THR E 34 -15.37 -8.31 -5.76
CA THR E 34 -14.05 -8.86 -6.07
C THR E 34 -13.75 -10.14 -5.31
N VAL E 35 -14.54 -10.49 -4.30
CA VAL E 35 -14.24 -11.61 -3.42
C VAL E 35 -15.06 -12.82 -3.85
N GLU E 36 -14.38 -13.90 -4.19
CA GLU E 36 -15.06 -15.18 -4.44
C GLU E 36 -15.50 -15.78 -3.11
N SER E 37 -16.72 -16.30 -3.06
CA SER E 37 -17.26 -16.83 -1.82
C SER E 37 -17.93 -18.19 -1.98
N THR E 38 -17.75 -18.87 -3.11
CA THR E 38 -18.30 -20.21 -3.31
C THR E 38 -17.30 -21.03 -4.13
N GLY E 39 -17.15 -22.30 -3.76
CA GLY E 39 -16.20 -23.17 -4.43
C GLY E 39 -16.72 -24.56 -4.67
N ILE E 40 -16.12 -25.25 -5.64
CA ILE E 40 -16.51 -26.62 -5.97
C ILE E 40 -16.25 -27.51 -4.77
N ASN E 41 -17.23 -28.34 -4.42
CA ASN E 41 -17.03 -29.35 -3.37
C ASN E 41 -16.46 -30.64 -3.92
N ARG E 42 -15.37 -30.56 -4.68
CA ARG E 42 -14.70 -31.72 -5.22
C ARG E 42 -13.21 -31.42 -5.34
N LEU E 43 -12.42 -32.47 -5.50
CA LEU E 43 -10.99 -32.34 -5.78
C LEU E 43 -10.82 -32.45 -7.28
N CYS E 44 -10.54 -31.32 -7.92
CA CYS E 44 -10.55 -31.26 -9.37
C CYS E 44 -9.19 -31.73 -9.89
N MET E 45 -9.15 -32.94 -10.48
CA MET E 45 -7.89 -33.65 -10.62
C MET E 45 -7.61 -34.15 -12.04
N LYS E 46 -7.89 -33.35 -13.07
CA LYS E 46 -7.55 -33.75 -14.43
C LYS E 46 -6.09 -33.42 -14.72
N GLY E 47 -5.45 -34.30 -15.51
CA GLY E 47 -4.08 -34.08 -15.93
C GLY E 47 -3.06 -34.63 -14.97
N ARG E 48 -3.21 -34.31 -13.68
CA ARG E 48 -2.26 -34.76 -12.68
C ARG E 48 -2.29 -36.28 -12.55
N LYS E 49 -1.11 -36.88 -12.37
CA LYS E 49 -1.00 -38.29 -12.06
C LYS E 49 -1.22 -38.52 -10.57
N HIS E 50 -2.42 -38.14 -10.12
CA HIS E 50 -2.73 -38.12 -8.70
C HIS E 50 -2.72 -39.53 -8.12
N LYS E 51 -2.39 -39.61 -6.83
CA LYS E 51 -2.49 -40.84 -6.06
C LYS E 51 -3.32 -40.58 -4.82
N ASP E 52 -4.31 -41.43 -4.57
CA ASP E 52 -5.18 -41.32 -3.42
C ASP E 52 -4.84 -42.43 -2.43
N LEU E 53 -4.50 -42.04 -1.20
CA LEU E 53 -4.05 -43.00 -0.20
C LEU E 53 -5.20 -43.65 0.56
N GLY E 54 -6.41 -43.12 0.47
CA GLY E 54 -7.54 -43.70 1.16
C GLY E 54 -7.33 -43.80 2.66
N ASN E 55 -7.15 -45.02 3.16
CA ASN E 55 -6.91 -45.26 4.56
C ASN E 55 -5.44 -45.27 4.94
N CYS E 56 -4.54 -44.98 3.99
CA CYS E 56 -3.11 -45.10 4.22
C CYS E 56 -2.53 -43.78 4.70
N HIS E 57 -1.90 -43.79 5.86
CA HIS E 57 -1.21 -42.62 6.38
C HIS E 57 0.11 -42.44 5.63
N PRO E 58 0.47 -41.22 5.22
CA PRO E 58 1.73 -41.05 4.48
C PRO E 58 2.95 -41.61 5.20
N ILE E 59 3.02 -41.52 6.53
CA ILE E 59 4.13 -42.11 7.25
C ILE E 59 4.16 -43.62 7.04
N GLY E 60 2.99 -44.23 6.87
CA GLY E 60 2.91 -45.68 6.74
C GLY E 60 3.36 -46.20 5.39
N MET E 61 3.51 -45.33 4.40
CA MET E 61 3.94 -45.75 3.07
C MET E 61 5.45 -45.95 2.99
N LEU E 62 6.22 -45.48 3.97
CA LEU E 62 7.64 -45.76 4.04
C LEU E 62 7.96 -47.02 4.82
N ILE E 63 6.99 -47.57 5.55
CA ILE E 63 7.22 -48.72 6.41
C ILE E 63 6.33 -49.91 6.07
N GLY E 64 5.24 -49.70 5.34
CA GLY E 64 4.43 -50.81 4.86
C GLY E 64 3.44 -51.33 5.88
N THR E 65 2.63 -50.45 6.45
CA THR E 65 1.53 -50.90 7.29
C THR E 65 0.48 -51.60 6.42
N PRO E 66 -0.28 -52.55 6.97
CA PRO E 66 -1.21 -53.31 6.12
C PRO E 66 -2.15 -52.44 5.31
N ALA E 67 -2.64 -51.33 5.88
CA ALA E 67 -3.51 -50.44 5.12
C ALA E 67 -2.81 -49.85 3.90
N CYS E 68 -1.48 -49.81 3.91
CA CYS E 68 -0.70 -49.30 2.79
C CYS E 68 -0.08 -50.40 1.94
N ASP E 69 -0.48 -51.66 2.13
CA ASP E 69 0.19 -52.76 1.48
C ASP E 69 0.08 -52.70 -0.04
N LEU E 70 -1.02 -52.15 -0.56
CA LEU E 70 -1.29 -52.26 -1.99
C LEU E 70 -0.42 -51.33 -2.83
N HIS E 71 0.20 -50.32 -2.23
CA HIS E 71 1.02 -49.38 -3.01
C HIS E 71 2.11 -48.81 -2.10
N LEU E 72 3.33 -49.32 -2.27
CA LEU E 72 4.50 -48.74 -1.64
C LEU E 72 5.24 -47.86 -2.66
N THR E 73 5.61 -48.46 -3.79
CA THR E 73 6.29 -47.72 -4.84
C THR E 73 5.28 -46.96 -5.69
N GLY E 74 5.76 -45.90 -6.33
CA GLY E 74 4.91 -45.13 -7.22
C GLY E 74 5.54 -43.81 -7.57
N MET E 75 4.96 -43.17 -8.58
CA MET E 75 5.36 -41.85 -9.03
C MET E 75 4.13 -40.97 -9.17
N TRP E 76 4.30 -39.67 -8.91
CA TRP E 76 3.16 -38.76 -8.90
C TRP E 76 3.67 -37.34 -8.87
N ASP E 77 2.73 -36.39 -8.88
CA ASP E 77 3.01 -34.98 -8.63
C ASP E 77 1.96 -34.40 -7.70
N THR E 78 1.13 -35.25 -7.10
CA THR E 78 0.11 -34.81 -6.16
C THR E 78 -0.27 -36.01 -5.30
N LEU E 79 -0.11 -35.87 -3.98
CA LEU E 79 -0.37 -36.95 -3.03
C LEU E 79 -1.52 -36.52 -2.13
N ILE E 80 -2.55 -37.37 -2.04
CA ILE E 80 -3.77 -37.05 -1.30
C ILE E 80 -3.80 -37.90 -0.04
N GLU E 81 -4.11 -37.26 1.09
CA GLU E 81 -4.24 -37.91 2.38
C GLU E 81 -5.62 -37.62 2.95
N ARG E 82 -6.20 -38.60 3.64
CA ARG E 82 -7.56 -38.53 4.13
C ARG E 82 -7.61 -38.44 5.65
N GLU E 83 -8.82 -38.27 6.17
CA GLU E 83 -9.03 -38.10 7.59
C GLU E 83 -8.74 -39.40 8.34
N ASN E 84 -8.22 -39.26 9.57
CA ASN E 84 -8.01 -40.37 10.49
C ASN E 84 -7.38 -41.57 9.79
N ALA E 85 -6.35 -41.34 8.99
CA ALA E 85 -5.65 -42.43 8.34
C ALA E 85 -4.98 -43.32 9.38
N ILE E 86 -5.01 -44.62 9.14
CA ILE E 86 -4.45 -45.59 10.07
C ILE E 86 -2.97 -45.75 9.73
N ALA E 87 -2.10 -45.28 10.63
CA ALA E 87 -0.66 -45.30 10.40
C ALA E 87 -0.02 -46.56 11.00
N TYR E 88 -0.21 -46.76 12.30
CA TYR E 88 0.48 -47.79 13.05
C TYR E 88 -0.50 -48.89 13.44
N CYS E 89 -0.36 -50.07 12.84
CA CYS E 89 -1.09 -51.23 13.33
C CYS E 89 -0.56 -51.66 14.69
N TYR E 90 0.75 -51.65 14.85
CA TYR E 90 1.35 -51.81 16.18
C TYR E 90 1.57 -50.42 16.78
N PRO E 91 1.01 -50.12 17.96
CA PRO E 91 1.04 -48.74 18.46
C PRO E 91 2.45 -48.21 18.62
N GLY E 92 2.63 -46.93 18.30
CA GLY E 92 3.93 -46.32 18.43
C GLY E 92 3.91 -44.90 17.91
N ALA E 93 5.08 -44.26 17.93
CA ALA E 93 5.23 -42.90 17.44
C ALA E 93 6.68 -42.69 17.02
N THR E 94 6.90 -41.65 16.22
CA THR E 94 8.21 -41.34 15.67
C THR E 94 8.68 -39.99 16.17
N VAL E 95 10.00 -39.87 16.38
CA VAL E 95 10.56 -38.62 16.88
C VAL E 95 10.61 -37.60 15.76
N ASN E 96 10.22 -36.36 16.06
CA ASN E 96 10.21 -35.27 15.09
C ASN E 96 9.43 -35.67 13.84
N VAL E 97 8.26 -36.27 14.03
CA VAL E 97 7.49 -36.79 12.90
C VAL E 97 7.05 -35.67 11.98
N GLU E 98 6.74 -34.48 12.54
CA GLU E 98 6.28 -33.37 11.71
C GLU E 98 7.30 -32.97 10.65
N ALA E 99 8.57 -33.29 10.83
CA ALA E 99 9.56 -33.01 9.81
C ALA E 99 9.53 -34.08 8.72
N LEU E 100 9.50 -35.36 9.13
CA LEU E 100 9.43 -36.44 8.16
C LEU E 100 8.13 -36.39 7.37
N ARG E 101 7.02 -36.09 8.05
CA ARG E 101 5.73 -36.08 7.38
C ARG E 101 5.68 -35.05 6.26
N GLN E 102 6.22 -33.86 6.48
CA GLN E 102 6.22 -32.83 5.44
C GLN E 102 7.13 -33.21 4.28
N LYS E 103 8.24 -33.88 4.56
CA LYS E 103 9.18 -34.25 3.50
C LYS E 103 8.52 -35.18 2.50
N ILE E 104 7.76 -36.18 2.99
CA ILE E 104 7.10 -37.11 2.10
C ILE E 104 6.05 -36.39 1.25
N MET E 105 5.29 -35.50 1.88
CA MET E 105 4.23 -34.77 1.19
C MET E 105 4.75 -33.71 0.23
N GLU E 106 6.08 -33.59 0.10
CA GLU E 106 6.70 -32.66 -0.84
C GLU E 106 7.51 -33.35 -1.92
N SER E 107 7.69 -34.67 -1.84
CA SER E 107 8.52 -35.39 -2.78
C SER E 107 7.68 -35.93 -3.94
N GLY E 108 8.30 -35.96 -5.12
CA GLY E 108 7.63 -36.42 -6.32
C GLY E 108 7.86 -37.89 -6.62
N GLY E 109 7.36 -38.77 -5.76
CA GLY E 109 7.51 -40.20 -5.95
C GLY E 109 8.59 -40.79 -5.06
N ILE E 110 8.54 -42.11 -4.92
CA ILE E 110 9.42 -42.84 -4.03
C ILE E 110 9.92 -44.10 -4.75
N ASN E 111 11.18 -44.42 -4.53
CA ASN E 111 11.79 -45.65 -5.07
C ASN E 111 12.36 -46.47 -3.93
N LYS E 112 13.11 -47.53 -4.25
CA LYS E 112 13.58 -48.45 -3.22
C LYS E 112 14.92 -49.04 -3.64
N ILE E 113 15.63 -49.55 -2.63
CA ILE E 113 16.80 -50.41 -2.84
C ILE E 113 16.90 -51.33 -1.64
N SER E 114 17.25 -52.59 -1.89
CA SER E 114 17.29 -53.58 -0.83
C SER E 114 18.52 -53.37 0.06
N THR E 115 18.34 -53.63 1.35
CA THR E 115 19.44 -53.45 2.30
C THR E 115 20.58 -54.41 2.01
N GLY E 116 20.27 -55.67 1.71
CA GLY E 116 21.30 -56.69 1.61
C GLY E 116 21.70 -57.28 2.94
N PHE E 117 21.03 -56.90 4.03
CA PHE E 117 21.40 -57.39 5.35
C PHE E 117 21.17 -58.88 5.45
N THR E 118 22.05 -59.55 6.19
CA THR E 118 21.90 -60.97 6.50
C THR E 118 22.22 -61.17 7.98
N TYR E 119 21.56 -62.16 8.58
CA TYR E 119 21.63 -62.38 10.02
C TYR E 119 21.98 -63.84 10.30
N GLY E 120 22.49 -64.07 11.51
CA GLY E 120 23.00 -65.38 11.87
C GLY E 120 21.90 -66.38 12.16
N SER E 121 22.33 -67.59 12.49
CA SER E 121 21.41 -68.69 12.75
C SER E 121 20.56 -68.47 13.99
N SER E 122 21.06 -67.74 14.99
CA SER E 122 20.31 -67.50 16.22
C SER E 122 19.39 -66.29 16.12
N ILE E 123 19.48 -65.51 15.04
CA ILE E 123 18.58 -64.39 14.82
C ILE E 123 17.55 -64.79 13.76
N ASN E 124 16.33 -64.31 13.94
CA ASN E 124 15.22 -64.68 13.05
C ASN E 124 14.30 -63.47 12.93
N SER E 125 13.19 -63.65 12.20
CA SER E 125 12.19 -62.61 12.04
C SER E 125 10.80 -63.21 12.14
N ALA E 126 10.65 -64.26 12.95
CA ALA E 126 9.40 -65.00 13.05
C ALA E 126 8.35 -64.29 13.89
N GLY E 127 8.69 -63.21 14.57
CA GLY E 127 7.72 -62.53 15.41
C GLY E 127 6.54 -62.04 14.58
N THR E 128 5.35 -62.19 15.14
CA THR E 128 4.12 -61.76 14.50
C THR E 128 3.22 -61.09 15.53
N THR E 129 2.40 -60.14 15.06
CA THR E 129 1.53 -59.37 15.94
C THR E 129 0.09 -59.48 15.44
N ARG E 130 -0.84 -59.64 16.38
CA ARG E 130 -2.26 -59.74 16.04
C ARG E 130 -2.84 -58.38 15.64
N ALA E 131 -2.11 -57.28 15.86
CA ALA E 131 -2.68 -55.96 15.65
C ALA E 131 -2.66 -55.52 14.19
N CYS E 132 -2.01 -56.29 13.32
CA CYS E 132 -1.90 -55.94 11.91
C CYS E 132 -2.65 -56.96 11.07
N MET E 133 -3.32 -56.48 10.02
CA MET E 133 -4.34 -57.26 9.31
C MET E 133 -3.75 -57.79 8.00
N ARG E 134 -3.39 -59.08 8.02
CA ARG E 134 -3.07 -59.80 6.79
C ARG E 134 -3.32 -61.29 6.99
N ASN E 135 -4.23 -61.84 6.19
CA ASN E 135 -4.49 -63.27 6.14
C ASN E 135 -4.69 -63.85 7.54
N GLY E 136 -5.64 -63.27 8.27
CA GLY E 136 -5.99 -63.76 9.60
C GLY E 136 -5.38 -62.99 10.74
N GLY E 137 -4.37 -62.15 10.49
CA GLY E 137 -3.79 -61.32 11.53
C GLY E 137 -2.30 -61.54 11.72
N ASN E 138 -1.84 -62.78 11.57
CA ASN E 138 -0.43 -63.09 11.77
C ASN E 138 0.41 -62.44 10.67
N SER E 139 1.11 -61.36 11.02
CA SER E 139 1.91 -60.62 10.04
C SER E 139 2.65 -59.52 10.78
N PHE E 140 3.43 -58.74 10.02
CA PHE E 140 4.17 -57.60 10.53
C PHE E 140 4.30 -56.60 9.38
N TYR E 141 4.89 -55.44 9.66
CA TYR E 141 5.10 -54.44 8.63
C TYR E 141 5.82 -55.07 7.43
N ALA E 142 5.65 -54.43 6.26
CA ALA E 142 6.15 -55.01 5.02
C ALA E 142 7.66 -54.93 4.89
N GLU E 143 8.28 -53.84 5.39
CA GLU E 143 9.70 -53.63 5.15
C GLU E 143 10.47 -53.33 6.44
N LEU E 144 10.10 -53.97 7.54
CA LEU E 144 10.89 -53.95 8.76
C LEU E 144 10.81 -55.31 9.42
N LYS E 145 11.86 -55.69 10.11
CA LYS E 145 12.01 -57.03 10.70
C LYS E 145 12.07 -56.90 12.22
N TRP E 146 11.19 -57.62 12.91
CA TRP E 146 11.15 -57.63 14.37
C TRP E 146 12.00 -58.80 14.83
N LEU E 147 13.29 -58.52 15.08
CA LEU E 147 14.21 -59.57 15.47
C LEU E 147 13.92 -60.04 16.89
N VAL E 148 13.98 -61.36 17.09
CA VAL E 148 13.87 -61.99 18.39
C VAL E 148 14.78 -63.21 18.41
N SER E 149 15.02 -63.74 19.60
CA SER E 149 15.93 -64.86 19.75
C SER E 149 15.31 -66.15 19.19
N LYS E 150 16.18 -67.03 18.71
CA LYS E 150 15.77 -68.33 18.20
C LYS E 150 15.15 -69.18 19.31
N SER E 151 15.95 -69.48 20.33
CA SER E 151 15.51 -70.36 21.41
C SER E 151 14.88 -69.56 22.55
N LYS E 152 14.17 -70.26 23.41
CA LYS E 152 13.58 -69.66 24.60
C LYS E 152 14.54 -69.78 25.78
N GLY E 153 14.79 -68.64 26.43
CA GLY E 153 15.68 -68.63 27.57
C GLY E 153 17.14 -68.42 27.23
N GLN E 154 17.44 -67.94 26.02
CA GLN E 154 18.82 -67.68 25.60
C GLN E 154 18.91 -66.25 25.08
N ASN E 155 20.06 -65.62 25.30
CA ASN E 155 20.20 -64.19 25.10
C ASN E 155 20.38 -63.84 23.63
N PHE E 156 20.13 -62.58 23.31
CA PHE E 156 20.32 -62.08 21.95
C PHE E 156 21.82 -61.80 21.72
N PRO E 157 22.42 -62.38 20.68
CA PRO E 157 23.86 -62.16 20.47
C PRO E 157 24.17 -60.77 19.96
N GLN E 158 25.35 -60.27 20.32
CA GLN E 158 25.80 -58.97 19.83
C GLN E 158 26.23 -59.09 18.38
N THR E 159 25.72 -58.20 17.53
CA THR E 159 26.01 -58.22 16.11
C THR E 159 26.22 -56.81 15.59
N THR E 160 27.20 -56.64 14.71
CA THR E 160 27.45 -55.36 14.05
C THR E 160 27.02 -55.47 12.59
N ASN E 161 26.35 -54.43 12.11
CA ASN E 161 25.82 -54.41 10.75
C ASN E 161 26.12 -53.06 10.12
N THR E 162 26.46 -53.07 8.83
CA THR E 162 26.83 -51.85 8.13
C THR E 162 26.15 -51.82 6.76
N TYR E 163 25.94 -50.62 6.24
CA TYR E 163 25.26 -50.41 4.97
C TYR E 163 26.08 -49.45 4.11
N ARG E 164 26.13 -49.73 2.81
CA ARG E 164 26.87 -48.92 1.86
C ARG E 164 25.93 -48.27 0.87
N ASN E 165 26.26 -47.05 0.45
CA ASN E 165 25.51 -46.32 -0.56
C ASN E 165 26.37 -46.16 -1.80
N THR E 166 25.93 -46.74 -2.92
CA THR E 166 26.63 -46.65 -4.19
C THR E 166 25.84 -45.88 -5.24
N ASP E 167 24.68 -45.34 -4.89
CA ASP E 167 23.87 -44.59 -5.83
C ASP E 167 24.37 -43.15 -5.92
N THR E 168 23.96 -42.47 -6.99
CA THR E 168 24.32 -41.07 -7.21
C THR E 168 23.37 -40.09 -6.54
N ALA E 169 22.61 -40.53 -5.55
CA ALA E 169 21.63 -39.66 -4.90
C ALA E 169 21.51 -40.04 -3.43
N GLU E 170 20.97 -39.10 -2.65
CA GLU E 170 20.80 -39.33 -1.23
C GLU E 170 19.66 -40.30 -0.96
N HIS E 171 19.73 -41.01 0.15
CA HIS E 171 18.72 -41.97 0.57
C HIS E 171 18.10 -41.53 1.90
N LEU E 172 17.26 -42.40 2.45
CA LEU E 172 16.58 -42.13 3.73
C LEU E 172 16.38 -43.48 4.41
N ILE E 173 17.21 -43.78 5.39
CA ILE E 173 17.18 -45.06 6.11
C ILE E 173 16.41 -44.86 7.41
N MET E 174 15.47 -45.75 7.67
CA MET E 174 14.57 -45.65 8.81
C MET E 174 14.55 -46.96 9.58
N TRP E 175 14.56 -46.88 10.90
CA TRP E 175 14.53 -48.04 11.78
C TRP E 175 13.73 -47.70 13.03
N GLY E 176 13.62 -48.68 13.92
CA GLY E 176 12.84 -48.50 15.13
C GLY E 176 13.37 -49.31 16.29
N ILE E 177 12.93 -48.94 17.48
CA ILE E 177 13.31 -49.60 18.72
C ILE E 177 12.03 -49.97 19.47
N HIS E 178 12.08 -51.06 20.22
CA HIS E 178 10.89 -51.65 20.83
C HIS E 178 10.96 -51.54 22.35
N HIS E 179 9.86 -51.09 22.96
CA HIS E 179 9.77 -50.95 24.41
C HIS E 179 8.85 -52.03 24.98
N PRO E 180 9.39 -53.03 25.69
CA PRO E 180 8.51 -54.00 26.35
C PRO E 180 7.61 -53.34 27.39
N SER E 181 6.68 -54.11 27.98
CA SER E 181 5.76 -53.57 28.97
C SER E 181 5.75 -54.40 30.25
N SER E 182 6.70 -55.30 30.43
CA SER E 182 6.79 -56.06 31.66
C SER E 182 8.12 -56.81 31.68
N THR E 183 8.69 -56.94 32.88
CA THR E 183 9.94 -57.66 33.02
C THR E 183 9.80 -59.10 32.53
N GLN E 184 8.63 -59.70 32.72
CA GLN E 184 8.40 -61.07 32.26
C GLN E 184 8.48 -61.17 30.74
N GLU E 185 8.40 -60.06 30.03
CA GLU E 185 8.38 -60.08 28.57
C GLU E 185 9.79 -60.01 27.98
N LYS E 186 10.59 -59.05 28.43
CA LYS E 186 11.85 -58.75 27.74
C LYS E 186 12.82 -59.93 27.80
N ASN E 187 12.93 -60.61 28.94
CA ASN E 187 13.92 -61.66 29.06
C ASN E 187 13.67 -62.79 28.08
N ASP E 188 12.40 -63.10 27.79
CA ASP E 188 12.08 -64.14 26.83
C ASP E 188 12.51 -63.73 25.42
N LEU E 189 12.32 -62.46 25.05
CA LEU E 189 12.57 -62.04 23.68
C LEU E 189 14.04 -61.81 23.41
N TYR E 190 14.73 -61.07 24.29
CA TYR E 190 16.08 -60.60 24.02
C TYR E 190 17.14 -61.14 24.99
N GLY E 191 16.77 -61.43 26.23
CA GLY E 191 17.72 -61.90 27.22
C GLY E 191 17.70 -61.07 28.49
N THR E 192 18.59 -61.42 29.40
CA THR E 192 18.64 -60.82 30.72
C THR E 192 19.68 -59.72 30.86
N GLN E 193 20.47 -59.46 29.83
CA GLN E 193 21.50 -58.43 29.93
C GLN E 193 20.90 -57.04 29.71
N SER E 194 21.70 -56.02 29.98
CA SER E 194 21.28 -54.62 29.80
C SER E 194 21.43 -54.28 28.32
N LEU E 195 20.28 -54.13 27.65
CA LEU E 195 20.30 -53.88 26.21
C LEU E 195 20.76 -52.46 25.90
N SER E 196 21.33 -52.29 24.72
CA SER E 196 21.78 -50.98 24.26
C SER E 196 22.11 -51.08 22.78
N ILE E 197 21.81 -50.00 22.06
CA ILE E 197 22.09 -49.91 20.62
C ILE E 197 22.65 -48.53 20.31
N SER E 198 23.54 -48.48 19.33
CA SER E 198 24.12 -47.22 18.89
C SER E 198 24.14 -47.21 17.36
N VAL E 199 24.00 -46.01 16.81
CA VAL E 199 23.99 -45.79 15.37
C VAL E 199 24.98 -44.70 15.03
N GLY E 200 25.85 -44.96 14.07
CA GLY E 200 26.82 -43.96 13.66
C GLY E 200 27.15 -43.96 12.19
N SER E 201 26.91 -42.83 11.54
CA SER E 201 27.37 -42.57 10.19
C SER E 201 28.56 -41.60 10.27
N SER E 202 29.01 -41.10 9.12
CA SER E 202 30.00 -40.03 9.08
C SER E 202 29.38 -38.66 9.36
N THR E 203 28.06 -38.62 9.59
CA THR E 203 27.41 -37.36 9.89
C THR E 203 26.35 -37.48 10.99
N TYR E 204 26.18 -38.65 11.61
CA TYR E 204 25.13 -38.84 12.61
C TYR E 204 25.69 -39.68 13.75
N ARG E 205 25.13 -39.47 14.95
CA ARG E 205 25.62 -40.16 16.14
C ARG E 205 24.54 -40.10 17.21
N ASN E 206 24.13 -41.26 17.72
CA ASN E 206 23.08 -41.32 18.72
C ASN E 206 23.14 -42.66 19.43
N ASN E 207 22.35 -42.77 20.50
CA ASN E 207 22.30 -43.98 21.32
C ASN E 207 20.92 -44.10 21.95
N PHE E 208 20.46 -45.34 22.11
CA PHE E 208 19.14 -45.61 22.68
C PHE E 208 19.24 -46.79 23.62
N VAL E 209 18.23 -46.91 24.49
CA VAL E 209 18.20 -47.97 25.50
C VAL E 209 16.76 -48.43 25.71
N PRO E 210 16.48 -49.74 25.68
CA PRO E 210 15.14 -50.21 26.03
C PRO E 210 14.85 -49.99 27.52
N VAL E 211 13.57 -49.81 27.84
CA VAL E 211 13.12 -49.66 29.22
C VAL E 211 11.71 -50.25 29.32
N VAL E 212 11.39 -50.77 30.50
CA VAL E 212 10.15 -51.52 30.71
C VAL E 212 9.43 -50.98 31.94
N GLY E 213 8.11 -51.05 31.90
CA GLY E 213 7.30 -50.63 33.03
C GLY E 213 5.83 -50.87 32.74
N ALA E 214 5.05 -50.90 33.82
CA ALA E 214 3.62 -51.13 33.70
C ALA E 214 2.97 -50.00 32.91
N ARG E 215 2.12 -50.36 31.95
CA ARG E 215 1.53 -49.38 31.06
C ARG E 215 0.08 -49.75 30.72
N PRO E 216 -0.67 -48.86 30.08
CA PRO E 216 -2.08 -49.14 29.80
C PRO E 216 -2.25 -50.22 28.75
N GLN E 217 -3.51 -50.45 28.40
CA GLN E 217 -3.87 -51.36 27.32
C GLN E 217 -4.36 -50.56 26.12
N VAL E 218 -4.04 -51.06 24.93
CA VAL E 218 -4.39 -50.40 23.68
C VAL E 218 -4.87 -51.46 22.71
N ASN E 219 -5.37 -51.04 21.54
CA ASN E 219 -5.98 -51.98 20.61
C ASN E 219 -5.06 -53.13 20.23
N GLY E 220 -3.74 -52.92 20.22
CA GLY E 220 -2.82 -54.01 19.98
C GLY E 220 -1.84 -54.22 21.12
N GLN E 221 -2.02 -55.31 21.86
CA GLN E 221 -1.08 -55.71 22.91
C GLN E 221 -0.84 -54.58 23.90
N SER E 222 0.13 -54.78 24.79
CA SER E 222 0.59 -53.74 25.70
C SER E 222 2.08 -53.52 25.45
N GLY E 223 2.40 -52.42 24.78
CA GLY E 223 3.78 -52.14 24.42
C GLY E 223 3.85 -50.99 23.45
N ARG E 224 5.08 -50.58 23.16
CA ARG E 224 5.33 -49.45 22.28
C ARG E 224 6.61 -49.70 21.49
N ILE E 225 6.68 -49.07 20.32
CA ILE E 225 7.90 -49.02 19.53
C ILE E 225 8.03 -47.61 18.96
N ASP E 226 9.22 -47.04 19.02
CA ASP E 226 9.50 -45.71 18.52
C ASP E 226 10.48 -45.80 17.37
N PHE E 227 10.19 -45.07 16.28
CA PHE E 227 10.97 -45.13 15.06
C PHE E 227 11.95 -43.96 14.99
N HIS E 228 13.05 -44.18 14.27
CA HIS E 228 14.06 -43.16 14.06
C HIS E 228 14.54 -43.23 12.62
N TRP E 229 15.13 -42.13 12.15
CA TRP E 229 15.53 -42.03 10.75
C TRP E 229 16.71 -41.07 10.63
N THR E 230 17.40 -41.17 9.50
CA THR E 230 18.52 -40.29 9.19
C THR E 230 18.76 -40.30 7.69
N LEU E 231 19.41 -39.24 7.21
CA LEU E 231 19.77 -39.15 5.80
C LEU E 231 21.18 -39.68 5.57
N VAL E 232 21.40 -40.27 4.40
CA VAL E 232 22.69 -40.85 4.03
C VAL E 232 23.12 -40.24 2.69
N GLN E 233 24.39 -39.89 2.60
CA GLN E 233 24.93 -39.18 1.44
C GLN E 233 25.61 -40.15 0.48
N PRO E 234 25.80 -39.73 -0.78
CA PRO E 234 26.49 -40.60 -1.74
C PRO E 234 27.89 -40.94 -1.25
N GLY E 235 28.31 -42.18 -1.52
CA GLY E 235 29.61 -42.64 -1.07
C GLY E 235 29.78 -42.71 0.43
N ASP E 236 28.69 -42.68 1.20
CA ASP E 236 28.73 -42.66 2.65
C ASP E 236 28.12 -43.94 3.19
N ASN E 237 28.61 -44.35 4.37
CA ASN E 237 28.16 -45.57 5.02
C ASN E 237 27.56 -45.25 6.39
N ILE E 238 26.67 -46.14 6.84
CA ILE E 238 26.12 -46.10 8.18
C ILE E 238 26.32 -47.48 8.82
N THR E 239 26.44 -47.49 10.13
CA THR E 239 26.70 -48.72 10.87
C THR E 239 25.73 -48.84 12.03
N PHE E 240 25.27 -50.07 12.28
CA PHE E 240 24.38 -50.37 13.40
C PHE E 240 25.05 -51.37 14.33
N SER E 241 25.15 -51.00 15.60
CA SER E 241 25.64 -51.88 16.65
C SER E 241 24.51 -52.11 17.65
N HIS E 242 24.15 -53.37 17.87
CA HIS E 242 23.02 -53.69 18.71
C HIS E 242 23.14 -55.12 19.22
N ASN E 243 22.45 -55.40 20.33
CA ASN E 243 22.34 -56.76 20.86
C ASN E 243 20.91 -57.03 21.33
N GLY E 244 19.93 -56.37 20.72
CA GLY E 244 18.55 -56.59 21.09
C GLY E 244 17.76 -55.31 21.01
N GLY E 245 16.49 -55.46 20.64
CA GLY E 245 15.57 -54.34 20.60
C GLY E 245 15.52 -53.64 19.26
N LEU E 246 16.43 -53.97 18.36
CA LEU E 246 16.51 -53.32 17.06
C LEU E 246 15.44 -53.90 16.14
N ILE E 247 14.54 -53.05 15.66
CA ILE E 247 13.61 -53.42 14.60
C ILE E 247 14.31 -53.13 13.28
N ALA E 248 15.15 -54.07 12.84
CA ALA E 248 16.06 -53.80 11.75
C ALA E 248 15.31 -53.72 10.42
N PRO E 249 15.58 -52.70 9.60
CA PRO E 249 14.96 -52.67 8.27
C PRO E 249 15.58 -53.72 7.36
N SER E 250 14.78 -54.15 6.38
CA SER E 250 15.24 -55.03 5.32
C SER E 250 15.19 -54.38 3.94
N ARG E 251 14.37 -53.36 3.73
CA ARG E 251 14.35 -52.58 2.52
C ARG E 251 14.27 -51.10 2.88
N VAL E 252 15.06 -50.28 2.20
CA VAL E 252 15.16 -48.86 2.51
C VAL E 252 14.48 -48.07 1.41
N SER E 253 14.12 -46.83 1.73
CA SER E 253 13.40 -45.97 0.81
C SER E 253 14.37 -45.00 0.12
N LYS E 254 13.84 -44.29 -0.88
CA LYS E 254 14.59 -43.29 -1.61
C LYS E 254 13.60 -42.35 -2.28
N LEU E 255 13.86 -41.05 -2.17
CA LEU E 255 12.96 -40.01 -2.64
C LEU E 255 13.58 -39.28 -3.82
N ILE E 256 12.77 -39.00 -4.84
CA ILE E 256 13.21 -38.32 -6.04
C ILE E 256 12.13 -37.36 -6.52
N GLY E 257 12.55 -36.35 -7.26
CA GLY E 257 11.62 -35.39 -7.84
C GLY E 257 10.96 -34.53 -6.79
N ARG E 258 9.85 -33.92 -7.19
CA ARG E 258 9.06 -33.08 -6.29
C ARG E 258 7.58 -33.28 -6.61
N GLY E 259 6.75 -33.05 -5.59
CA GLY E 259 5.32 -33.22 -5.76
C GLY E 259 4.51 -32.12 -5.12
N LEU E 260 3.35 -32.46 -4.57
CA LEU E 260 2.49 -31.48 -3.91
C LEU E 260 1.54 -32.23 -2.98
N GLY E 261 1.65 -31.96 -1.69
CA GLY E 261 0.82 -32.65 -0.71
C GLY E 261 -0.47 -31.89 -0.45
N ILE E 262 -1.59 -32.62 -0.50
CA ILE E 262 -2.91 -32.08 -0.22
C ILE E 262 -3.58 -32.96 0.81
N GLN E 263 -4.25 -32.33 1.78
CA GLN E 263 -4.79 -33.03 2.95
C GLN E 263 -6.22 -32.57 3.13
N SER E 264 -7.18 -33.39 2.71
CA SER E 264 -8.59 -32.99 2.70
C SER E 264 -9.45 -34.25 2.75
N ASP E 265 -10.75 -34.07 2.49
CA ASP E 265 -11.72 -35.17 2.45
C ASP E 265 -12.86 -34.74 1.54
N ALA E 266 -12.89 -35.27 0.33
CA ALA E 266 -13.92 -34.94 -0.64
C ALA E 266 -13.81 -35.89 -1.82
N PRO E 267 -14.87 -36.08 -2.59
CA PRO E 267 -14.78 -36.96 -3.77
C PRO E 267 -13.82 -36.41 -4.81
N ILE E 268 -13.19 -37.31 -5.55
CA ILE E 268 -12.25 -36.94 -6.60
C ILE E 268 -12.99 -36.79 -7.92
N ASP E 269 -12.48 -35.92 -8.78
CA ASP E 269 -13.05 -35.69 -10.11
C ASP E 269 -11.92 -35.74 -11.13
N ASN E 270 -12.03 -36.65 -12.10
CA ASN E 270 -11.03 -36.79 -13.13
C ASN E 270 -11.36 -36.00 -14.40
N ASN E 271 -12.51 -35.33 -14.45
CA ASN E 271 -12.92 -34.55 -15.60
C ASN E 271 -12.76 -33.05 -15.39
N CYS E 272 -11.88 -32.64 -14.48
CA CYS E 272 -11.78 -31.24 -14.07
C CYS E 272 -10.34 -30.89 -13.77
N GLU E 273 -10.01 -29.61 -13.98
CA GLU E 273 -8.67 -29.08 -13.75
C GLU E 273 -8.71 -28.01 -12.68
N SER E 274 -7.65 -27.94 -11.88
CA SER E 274 -7.51 -26.93 -10.85
C SER E 274 -6.04 -26.79 -10.48
N LYS E 275 -5.71 -25.73 -9.75
CA LYS E 275 -4.33 -25.45 -9.38
C LYS E 275 -4.17 -25.05 -7.91
N CYS E 276 -5.26 -25.03 -7.13
CA CYS E 276 -5.15 -24.75 -5.71
C CYS E 276 -6.36 -25.35 -5.00
N PHE E 277 -6.13 -25.82 -3.78
CA PHE E 277 -7.11 -26.62 -3.06
C PHE E 277 -7.13 -26.22 -1.59
N TRP E 278 -8.17 -26.66 -0.89
CA TRP E 278 -8.30 -26.41 0.54
C TRP E 278 -9.05 -27.60 1.16
N ARG E 279 -9.48 -27.43 2.42
CA ARG E 279 -10.05 -28.54 3.16
C ARG E 279 -11.34 -29.06 2.50
N GLY E 280 -12.28 -28.16 2.24
CA GLY E 280 -13.61 -28.54 1.82
C GLY E 280 -13.82 -28.69 0.32
N GLY E 281 -12.78 -28.57 -0.48
CA GLY E 281 -12.94 -28.73 -1.92
C GLY E 281 -11.88 -27.95 -2.68
N SER E 282 -12.33 -27.22 -3.69
CA SER E 282 -11.46 -26.45 -4.55
C SER E 282 -12.01 -25.03 -4.70
N ILE E 283 -11.11 -24.09 -5.00
CA ILE E 283 -11.47 -22.68 -5.12
C ILE E 283 -11.18 -22.22 -6.54
N ASN E 284 -11.37 -23.10 -7.51
CA ASN E 284 -11.12 -22.77 -8.92
C ASN E 284 -11.93 -21.54 -9.29
N THR E 285 -11.23 -20.43 -9.54
CA THR E 285 -11.87 -19.17 -9.88
C THR E 285 -10.82 -18.24 -10.47
N ARG E 286 -11.30 -17.13 -11.04
CA ARG E 286 -10.41 -16.16 -11.66
C ARG E 286 -10.66 -14.76 -11.11
N LEU E 287 -10.72 -14.64 -9.79
CA LEU E 287 -10.88 -13.37 -9.10
C LEU E 287 -9.68 -13.10 -8.20
N PRO E 288 -9.38 -11.84 -7.90
CA PRO E 288 -8.16 -11.54 -7.14
C PRO E 288 -8.18 -12.07 -5.71
N PHE E 289 -9.29 -11.92 -5.00
CA PHE E 289 -9.36 -12.24 -3.57
C PHE E 289 -10.41 -13.31 -3.31
N GLN E 290 -10.20 -14.07 -2.24
CA GLN E 290 -11.08 -15.15 -1.84
C GLN E 290 -11.33 -15.08 -0.33
N ASN E 291 -12.50 -15.58 0.08
CA ASN E 291 -12.92 -15.56 1.48
C ASN E 291 -13.53 -16.91 1.86
N LEU E 292 -12.84 -17.99 1.49
CA LEU E 292 -13.26 -19.34 1.83
C LEU E 292 -12.52 -19.90 3.03
N SER E 293 -11.20 -19.78 3.07
CA SER E 293 -10.41 -20.29 4.18
C SER E 293 -9.08 -19.58 4.21
N PRO E 294 -8.50 -19.34 5.39
CA PRO E 294 -7.16 -18.74 5.45
C PRO E 294 -6.04 -19.69 5.12
N ARG E 295 -6.30 -20.99 5.09
CA ARG E 295 -5.29 -22.00 4.78
C ARG E 295 -5.53 -22.54 3.38
N THR E 296 -4.50 -22.50 2.55
CA THR E 296 -4.58 -23.01 1.19
C THR E 296 -3.21 -23.55 0.78
N VAL E 297 -3.21 -24.37 -0.27
CA VAL E 297 -1.98 -24.87 -0.87
C VAL E 297 -2.08 -24.65 -2.38
N GLY E 298 -0.92 -24.54 -3.02
CA GLY E 298 -0.87 -24.22 -4.42
C GLY E 298 -0.95 -22.73 -4.66
N GLN E 299 -1.36 -22.38 -5.89
CA GLN E 299 -1.49 -20.99 -6.29
C GLN E 299 -2.88 -20.41 -6.03
N CYS E 300 -3.37 -20.54 -4.80
CA CYS E 300 -4.66 -19.96 -4.46
C CYS E 300 -4.56 -18.44 -4.32
N PRO E 301 -5.67 -17.72 -4.48
CA PRO E 301 -5.63 -16.27 -4.27
C PRO E 301 -5.40 -15.91 -2.81
N LYS E 302 -5.08 -14.64 -2.58
CA LYS E 302 -4.81 -14.16 -1.24
C LYS E 302 -6.10 -14.14 -0.41
N TYR E 303 -5.97 -14.43 0.88
CA TYR E 303 -7.12 -14.43 1.77
C TYR E 303 -7.33 -13.04 2.36
N VAL E 304 -8.57 -12.54 2.27
CA VAL E 304 -8.94 -11.24 2.79
C VAL E 304 -10.07 -11.45 3.80
N ASN E 305 -9.89 -10.90 5.00
CA ASN E 305 -10.83 -11.13 6.11
C ASN E 305 -11.95 -10.09 6.09
N ARG E 306 -12.83 -10.22 5.10
CA ARG E 306 -14.00 -9.36 4.99
C ARG E 306 -15.07 -10.09 4.19
N ARG E 307 -16.33 -9.77 4.50
CA ARG E 307 -17.45 -10.45 3.86
C ARG E 307 -17.48 -10.17 2.36
N SER E 308 -17.45 -8.89 1.99
CA SER E 308 -17.50 -8.51 0.59
C SER E 308 -16.76 -7.19 0.41
N LEU E 309 -16.32 -6.94 -0.83
CA LEU E 309 -15.54 -5.76 -1.17
C LEU E 309 -15.87 -5.38 -2.61
N MET E 310 -16.82 -4.45 -2.77
CA MET E 310 -17.30 -4.09 -4.09
C MET E 310 -16.28 -3.23 -4.82
N LEU E 311 -16.14 -3.45 -6.13
CA LEU E 311 -15.27 -2.66 -6.99
C LEU E 311 -16.11 -2.02 -8.07
N ALA E 312 -15.98 -0.70 -8.21
CA ALA E 312 -16.82 0.04 -9.14
C ALA E 312 -16.37 -0.20 -10.59
N THR E 313 -17.35 -0.20 -11.49
CA THR E 313 -17.09 -0.31 -12.92
C THR E 313 -17.97 0.65 -13.71
N GLY E 314 -18.36 1.77 -13.10
CA GLY E 314 -19.22 2.74 -13.74
C GLY E 314 -18.84 4.15 -13.34
N MET E 315 -19.86 4.97 -13.09
CA MET E 315 -19.66 6.36 -12.70
C MET E 315 -20.73 6.73 -11.68
N ARG E 316 -20.57 7.91 -11.08
CA ARG E 316 -21.50 8.35 -10.05
C ARG E 316 -22.91 8.47 -10.62
N ASN E 317 -23.90 8.06 -9.83
CA ASN E 317 -25.30 8.10 -10.23
C ASN E 317 -25.97 9.34 -9.66
N VAL E 318 -26.89 9.91 -10.44
CA VAL E 318 -27.65 11.08 -10.02
C VAL E 318 -29.06 10.99 -10.60
N PRO E 319 -29.95 10.19 -10.01
CA PRO E 319 -31.30 10.05 -10.56
C PRO E 319 -32.00 11.39 -10.69
N GLU E 320 -33.10 11.37 -11.43
CA GLU E 320 -33.81 12.58 -11.79
C GLU E 320 -34.84 12.96 -10.73
N LEU E 321 -35.42 14.15 -10.90
CA LEU E 321 -36.47 14.66 -10.04
C LEU E 321 -37.69 15.01 -10.89
N ILE E 322 -38.84 15.10 -10.24
CA ILE E 322 -40.10 15.39 -10.92
C ILE E 322 -40.37 16.88 -10.86
N GLN E 323 -40.68 17.48 -12.01
CA GLN E 323 -41.01 18.89 -12.11
C GLN E 323 -42.46 19.02 -12.56
N GLY E 324 -43.26 19.74 -11.77
CA GLY E 324 -44.65 19.97 -12.11
C GLY E 324 -45.09 21.41 -11.90
N ARG E 325 -44.17 22.23 -11.38
CA ARG E 325 -44.48 23.63 -11.11
C ARG E 325 -44.74 24.39 -12.40
N GLU F 1 6.73 39.06 16.26
CA GLU F 1 6.25 40.07 17.24
C GLU F 1 5.17 40.96 16.63
N VAL F 2 4.18 41.32 17.44
CA VAL F 2 3.15 42.28 17.07
C VAL F 2 3.37 43.56 17.85
N GLN F 3 3.53 44.67 17.14
CA GLN F 3 3.96 45.92 17.75
C GLN F 3 2.99 47.03 17.39
N LEU F 4 2.41 47.66 18.42
CA LEU F 4 1.61 48.87 18.28
C LEU F 4 2.20 49.94 19.18
N LEU F 5 2.42 51.13 18.62
CA LEU F 5 2.97 52.26 19.36
C LEU F 5 2.10 53.49 19.10
N GLU F 6 1.75 54.19 20.18
CA GLU F 6 0.88 55.36 20.09
C GLU F 6 1.67 56.65 20.34
N SER F 7 0.96 57.77 20.27
CA SER F 7 1.57 59.08 20.49
C SER F 7 0.47 60.13 20.40
N GLY F 8 0.81 61.35 20.79
CA GLY F 8 -0.08 62.47 20.65
C GLY F 8 -0.81 62.91 21.90
N GLY F 9 -0.52 62.31 23.05
CA GLY F 9 -1.17 62.74 24.27
C GLY F 9 -0.83 64.17 24.63
N GLY F 10 -1.79 64.87 25.20
CA GLY F 10 -1.58 66.26 25.55
C GLY F 10 -2.75 66.83 26.32
N LEU F 11 -2.79 68.16 26.36
CA LEU F 11 -3.81 68.91 27.07
C LEU F 11 -4.43 69.92 26.12
N VAL F 12 -5.72 70.21 26.33
CA VAL F 12 -6.46 71.10 25.46
C VAL F 12 -7.60 71.74 26.23
N GLN F 13 -8.08 72.88 25.73
CA GLN F 13 -9.22 73.60 26.25
C GLN F 13 -10.45 73.37 25.38
N PRO F 14 -11.63 73.76 25.83
CA PRO F 14 -12.82 73.60 24.98
C PRO F 14 -12.66 74.32 23.65
N GLY F 15 -13.11 73.67 22.59
CA GLY F 15 -12.97 74.20 21.25
C GLY F 15 -11.71 73.76 20.53
N GLY F 16 -10.74 73.21 21.23
CA GLY F 16 -9.52 72.71 20.62
C GLY F 16 -9.65 71.26 20.21
N SER F 17 -8.53 70.69 19.78
CA SER F 17 -8.52 69.31 19.31
C SER F 17 -7.10 68.77 19.28
N LEU F 18 -6.96 67.50 19.63
CA LEU F 18 -5.73 66.76 19.42
C LEU F 18 -5.84 65.96 18.13
N ARG F 19 -4.74 65.33 17.72
CA ARG F 19 -4.74 64.43 16.57
C ARG F 19 -3.88 63.22 16.95
N LEU F 20 -4.52 62.21 17.53
CA LEU F 20 -3.81 61.02 17.96
C LEU F 20 -3.33 60.22 16.76
N SER F 21 -2.28 59.43 16.98
CA SER F 21 -1.71 58.58 15.94
C SER F 21 -1.17 57.31 16.56
N CYS F 22 -1.36 56.20 15.84
CA CYS F 22 -0.89 54.90 16.29
C CYS F 22 -0.22 54.20 15.12
N VAL F 23 0.93 53.59 15.38
CA VAL F 23 1.76 52.98 14.34
C VAL F 23 1.73 51.48 14.52
N ALA F 24 1.67 50.75 13.40
CA ALA F 24 1.55 49.30 13.40
C ALA F 24 2.68 48.68 12.59
N SER F 25 3.10 47.49 13.00
CA SER F 25 4.12 46.74 12.28
C SER F 25 4.07 45.28 12.73
N GLY F 26 4.70 44.42 11.93
CA GLY F 26 4.75 43.00 12.22
C GLY F 26 3.64 42.18 11.60
N PHE F 27 2.67 42.81 10.96
CA PHE F 27 1.57 42.09 10.32
C PHE F 27 1.13 42.86 9.09
N THR F 28 0.48 42.16 8.17
CA THR F 28 -0.07 42.81 6.98
C THR F 28 -1.13 43.82 7.40
N PHE F 29 -0.89 45.09 7.12
CA PHE F 29 -1.75 46.17 7.59
C PHE F 29 -3.11 46.19 6.91
N SER F 30 -3.24 45.59 5.73
CA SER F 30 -4.51 45.55 5.01
C SER F 30 -5.32 44.29 5.29
N ALA F 31 -4.82 43.41 6.16
CA ALA F 31 -5.49 42.13 6.38
C ALA F 31 -6.47 42.15 7.54
N TYR F 32 -6.46 43.19 8.37
CA TYR F 32 -7.30 43.23 9.55
C TYR F 32 -7.81 44.65 9.77
N ALA F 33 -8.88 44.76 10.55
CA ALA F 33 -9.44 46.05 10.89
C ALA F 33 -8.76 46.61 12.15
N MET F 34 -9.09 47.86 12.48
CA MET F 34 -8.49 48.56 13.62
C MET F 34 -9.60 49.30 14.36
N SER F 35 -9.33 49.62 15.62
CA SER F 35 -10.33 50.25 16.48
C SER F 35 -9.67 51.15 17.50
N TRP F 36 -10.44 52.15 17.96
CA TRP F 36 -10.07 53.02 19.07
C TRP F 36 -10.95 52.70 20.27
N VAL F 37 -10.34 52.53 21.44
CA VAL F 37 -11.06 52.28 22.68
C VAL F 37 -10.51 53.22 23.75
N ARG F 38 -11.40 53.72 24.59
CA ARG F 38 -11.04 54.68 25.61
C ARG F 38 -11.56 54.22 26.97
N GLN F 39 -10.91 54.71 28.02
CA GLN F 39 -11.28 54.36 29.40
C GLN F 39 -11.07 55.59 30.27
N ALA F 40 -12.16 56.14 30.80
CA ALA F 40 -12.06 57.29 31.69
C ALA F 40 -11.44 56.86 33.02
N PRO F 41 -10.88 57.81 33.78
CA PRO F 41 -10.22 57.44 35.04
C PRO F 41 -11.11 56.62 35.96
N GLY F 42 -10.73 55.36 36.19
CA GLY F 42 -11.41 54.53 37.15
C GLY F 42 -12.87 54.25 36.85
N LYS F 43 -13.23 54.06 35.59
CA LYS F 43 -14.59 53.69 35.20
C LYS F 43 -14.52 52.61 34.13
N GLY F 44 -15.69 52.29 33.56
CA GLY F 44 -15.77 51.20 32.61
C GLY F 44 -15.33 51.59 31.22
N LEU F 45 -15.02 50.58 30.41
CA LEU F 45 -14.58 50.80 29.05
C LEU F 45 -15.75 51.25 28.18
N GLU F 46 -15.43 51.94 27.07
CA GLU F 46 -16.42 52.41 26.14
C GLU F 46 -15.88 52.30 24.72
N TRP F 47 -16.75 51.87 23.80
CA TRP F 47 -16.39 51.82 22.39
C TRP F 47 -16.46 53.22 21.78
N VAL F 48 -15.53 53.50 20.87
CA VAL F 48 -15.40 54.81 20.25
C VAL F 48 -15.54 54.72 18.73
N SER F 49 -14.64 54.00 18.07
CA SER F 49 -14.64 53.96 16.61
C SER F 49 -13.90 52.72 16.13
N SER F 50 -14.11 52.40 14.86
CA SER F 50 -13.40 51.31 14.19
C SER F 50 -13.51 51.52 12.70
N VAL F 51 -12.57 50.91 11.97
CA VAL F 51 -12.49 51.03 10.52
C VAL F 51 -12.61 49.63 9.92
N SER F 52 -13.47 49.49 8.91
CA SER F 52 -13.70 48.21 8.29
C SER F 52 -12.54 47.84 7.36
N GLY F 53 -12.72 46.74 6.64
CA GLY F 53 -11.74 46.30 5.67
C GLY F 53 -11.40 47.39 4.68
N GLY F 54 -10.12 47.48 4.30
CA GLY F 54 -9.69 48.61 3.50
C GLY F 54 -9.91 49.90 4.28
N GLY F 55 -10.50 50.90 3.64
CA GLY F 55 -10.79 52.15 4.30
C GLY F 55 -12.10 52.77 3.87
N TYR F 56 -12.98 51.97 3.28
CA TYR F 56 -14.20 52.48 2.67
C TYR F 56 -15.40 52.50 3.62
N ASN F 57 -15.23 52.10 4.87
CA ASN F 57 -16.34 52.06 5.81
C ASN F 57 -15.86 52.41 7.20
N THR F 58 -16.73 53.05 7.98
CA THR F 58 -16.42 53.44 9.35
C THR F 58 -17.70 53.43 10.17
N ASN F 59 -17.57 53.22 11.48
CA ASN F 59 -18.69 53.23 12.41
C ASN F 59 -18.23 53.85 13.73
N TYR F 60 -19.11 54.65 14.33
CA TYR F 60 -18.81 55.37 15.55
C TYR F 60 -19.82 55.03 16.63
N ALA F 61 -19.42 55.21 17.88
CA ALA F 61 -20.36 55.12 18.99
C ALA F 61 -21.29 56.33 18.99
N ASP F 62 -22.49 56.12 19.55
CA ASP F 62 -23.51 57.17 19.51
C ASP F 62 -23.14 58.39 20.35
N SER F 63 -22.13 58.29 21.21
CA SER F 63 -21.77 59.41 22.08
C SER F 63 -20.95 60.47 21.36
N VAL F 64 -20.35 60.13 20.21
CA VAL F 64 -19.44 61.05 19.52
C VAL F 64 -19.80 61.18 18.05
N ARG F 65 -20.93 60.60 17.65
CA ARG F 65 -21.33 60.65 16.25
C ARG F 65 -21.40 62.09 15.76
N GLY F 66 -20.68 62.37 14.69
CA GLY F 66 -20.62 63.70 14.10
C GLY F 66 -19.48 64.55 14.60
N ARG F 67 -18.87 64.17 15.72
CA ARG F 67 -17.76 64.95 16.27
C ARG F 67 -16.41 64.37 15.85
N PHE F 68 -16.25 63.06 15.96
CA PHE F 68 -14.98 62.38 15.74
C PHE F 68 -14.97 61.76 14.36
N THR F 69 -13.84 61.87 13.67
CA THR F 69 -13.69 61.35 12.31
C THR F 69 -12.43 60.49 12.26
N ALA F 70 -12.60 59.21 11.92
CA ALA F 70 -11.48 58.30 11.80
C ALA F 70 -11.08 58.14 10.33
N SER F 71 -9.84 57.73 10.12
CA SER F 71 -9.31 57.51 8.78
C SER F 71 -8.16 56.51 8.88
N ILE F 72 -7.60 56.16 7.73
CA ILE F 72 -6.52 55.17 7.67
C ILE F 72 -5.65 55.47 6.46
N ASP F 73 -4.35 55.21 6.62
CA ASP F 73 -3.37 55.34 5.53
C ASP F 73 -2.64 54.01 5.45
N ASN F 74 -3.07 53.14 4.55
CA ASN F 74 -2.56 51.78 4.45
C ASN F 74 -1.20 51.71 3.74
N SER F 75 -0.57 52.85 3.47
CA SER F 75 0.78 52.89 2.92
C SER F 75 1.83 53.17 3.98
N LYS F 76 1.54 54.08 4.92
CA LYS F 76 2.44 54.34 6.04
C LYS F 76 2.08 53.53 7.28
N ARG F 77 1.03 52.71 7.21
CA ARG F 77 0.61 51.88 8.34
C ARG F 77 0.33 52.74 9.58
N THR F 78 -0.45 53.81 9.39
CA THR F 78 -0.74 54.77 10.45
C THR F 78 -2.25 54.90 10.62
N LEU F 79 -2.67 55.10 11.87
CA LEU F 79 -4.08 55.27 12.22
C LEU F 79 -4.27 56.67 12.79
N TYR F 80 -5.42 57.27 12.49
CA TYR F 80 -5.67 58.67 12.81
C TYR F 80 -7.02 58.82 13.52
N LEU F 81 -7.18 59.96 14.18
CA LEU F 81 -8.45 60.34 14.79
C LEU F 81 -8.46 61.87 14.90
N GLN F 82 -9.25 62.52 14.05
CA GLN F 82 -9.35 63.98 14.03
C GLN F 82 -10.51 64.40 14.93
N MET F 83 -10.19 64.60 16.20
CA MET F 83 -11.22 65.01 17.17
C MET F 83 -11.59 66.47 16.96
N ASN F 84 -12.78 66.83 17.41
CA ASN F 84 -13.28 68.20 17.30
C ASN F 84 -14.29 68.47 18.40
N SER F 85 -14.31 69.72 18.85
CA SER F 85 -15.29 70.21 19.82
C SER F 85 -15.36 69.30 21.04
N LEU F 86 -14.24 69.21 21.75
CA LEU F 86 -14.21 68.46 23.00
C LEU F 86 -15.02 69.19 24.07
N ARG F 87 -15.68 68.40 24.93
CA ARG F 87 -16.56 68.95 25.96
C ARG F 87 -15.98 68.79 27.36
N ALA F 88 -14.75 68.30 27.47
CA ALA F 88 -14.10 68.06 28.76
C ALA F 88 -14.61 66.78 29.42
N GLU F 89 -15.62 66.13 28.81
CA GLU F 89 -16.01 64.81 29.27
C GLU F 89 -15.15 63.73 28.61
N ASP F 90 -14.32 64.11 27.64
CA ASP F 90 -13.51 63.14 26.92
C ASP F 90 -12.24 62.76 27.67
N THR F 91 -11.96 63.40 28.80
CA THR F 91 -10.76 63.10 29.56
C THR F 91 -10.69 61.60 29.86
N ALA F 92 -9.73 60.91 29.29
CA ALA F 92 -9.64 59.46 29.40
C ALA F 92 -8.37 58.99 28.72
N VAL F 93 -8.05 57.72 28.94
CA VAL F 93 -6.95 57.06 28.26
C VAL F 93 -7.46 56.44 26.96
N TYR F 94 -6.65 56.51 25.91
CA TYR F 94 -7.02 56.00 24.60
C TYR F 94 -6.10 54.85 24.21
N TYR F 95 -6.61 53.95 23.37
CA TYR F 95 -5.88 52.79 22.91
C TYR F 95 -6.15 52.57 21.42
N CYS F 96 -5.19 51.91 20.76
CA CYS F 96 -5.36 51.39 19.41
C CYS F 96 -5.15 49.89 19.45
N ALA F 97 -6.11 49.14 18.89
CA ALA F 97 -6.10 47.68 19.01
C ALA F 97 -6.44 47.06 17.66
N LYS F 98 -6.04 45.80 17.49
CA LYS F 98 -6.23 45.06 16.25
C LYS F 98 -7.18 43.89 16.49
N ASP F 99 -8.23 43.82 15.69
CA ASP F 99 -9.20 42.73 15.78
C ASP F 99 -8.85 41.61 14.82
N ARG F 100 -9.77 40.67 14.60
CA ARG F 100 -9.46 39.49 13.80
C ARG F 100 -10.40 39.26 12.62
N ASN F 101 -11.16 40.25 12.16
CA ASN F 101 -12.07 40.07 11.04
C ASN F 101 -11.95 41.28 10.11
N TRP F 102 -12.33 41.07 8.85
CA TRP F 102 -12.15 42.08 7.82
C TRP F 102 -13.23 43.16 7.80
N ASP F 103 -14.48 42.82 7.48
CA ASP F 103 -15.48 43.87 7.32
C ASP F 103 -16.04 44.32 8.68
N PRO F 104 -16.71 43.46 9.45
CA PRO F 104 -17.04 43.82 10.83
C PRO F 104 -15.98 43.34 11.78
N PRO F 105 -15.56 44.15 12.75
CA PRO F 105 -14.62 43.66 13.77
C PRO F 105 -15.34 42.79 14.79
N TYR F 106 -14.85 41.56 14.95
CA TYR F 106 -15.50 40.62 15.87
C TYR F 106 -15.08 40.89 17.30
N TYR F 107 -13.78 40.76 17.60
CA TYR F 107 -13.26 41.03 18.93
C TYR F 107 -11.83 41.52 18.82
N PHE F 108 -11.47 42.49 19.65
CA PHE F 108 -10.12 43.04 19.64
C PHE F 108 -9.14 42.00 20.16
N ASP F 109 -7.99 41.89 19.49
CA ASP F 109 -7.04 40.83 19.76
C ASP F 109 -5.74 41.32 20.41
N SER F 110 -5.20 42.46 19.98
CA SER F 110 -3.95 42.97 20.53
C SER F 110 -4.11 44.45 20.80
N TRP F 111 -3.45 44.94 21.85
CA TRP F 111 -3.53 46.33 22.27
C TRP F 111 -2.14 46.93 22.41
N GLY F 112 -2.09 48.25 22.37
CA GLY F 112 -0.86 48.99 22.62
C GLY F 112 -0.73 49.36 24.07
N GLN F 113 -0.06 50.49 24.32
CA GLN F 113 0.17 50.99 25.66
C GLN F 113 -0.59 52.30 25.93
N GLY F 114 -1.21 52.88 24.90
CA GLY F 114 -2.13 53.98 25.10
C GLY F 114 -1.46 55.32 25.35
N THR F 115 -2.31 56.31 25.63
CA THR F 115 -1.85 57.67 25.90
C THR F 115 -2.93 58.37 26.73
N LEU F 116 -2.60 59.56 27.21
CA LEU F 116 -3.47 60.31 28.12
C LEU F 116 -3.98 61.57 27.43
N VAL F 117 -5.25 61.90 27.68
CA VAL F 117 -5.87 63.13 27.21
C VAL F 117 -6.60 63.77 28.38
N THR F 118 -6.48 65.09 28.50
CA THR F 118 -7.06 65.80 29.63
C THR F 118 -7.49 67.20 29.18
N VAL F 119 -8.46 67.76 29.89
CA VAL F 119 -8.95 69.11 29.63
C VAL F 119 -8.95 69.87 30.94
N SER F 120 -8.65 71.18 30.87
CA SER F 120 -8.60 72.02 32.05
C SER F 120 -8.92 73.45 31.65
N SER F 121 -9.28 74.26 32.65
CA SER F 121 -9.60 75.66 32.42
C SER F 121 -8.96 76.54 33.49
N GLY G 1 -45.69 22.52 -15.57
CA GLY G 1 -45.08 21.97 -16.81
C GLY G 1 -45.92 20.89 -17.44
N LEU G 2 -46.15 21.01 -18.75
CA LEU G 2 -46.95 20.04 -19.49
C LEU G 2 -46.10 18.90 -20.03
N PHE G 3 -44.97 19.23 -20.66
CA PHE G 3 -44.06 18.24 -21.20
C PHE G 3 -42.88 18.00 -20.24
N GLY G 4 -42.10 16.97 -20.55
CA GLY G 4 -40.93 16.68 -19.75
C GLY G 4 -39.77 17.61 -20.06
N ALA G 5 -38.80 17.63 -19.15
CA ALA G 5 -37.66 18.52 -19.27
C ALA G 5 -36.70 17.97 -20.32
N ILE G 6 -35.67 18.75 -20.67
CA ILE G 6 -34.73 18.39 -21.72
C ILE G 6 -33.30 18.59 -21.21
N ALA G 7 -33.15 19.12 -19.99
CA ALA G 7 -31.85 19.54 -19.49
C ALA G 7 -30.90 18.35 -19.36
N GLY G 8 -29.61 18.64 -19.46
CA GLY G 8 -28.56 17.65 -19.35
C GLY G 8 -27.90 17.64 -17.99
N PHE G 9 -26.60 17.36 -17.97
CA PHE G 9 -25.88 17.21 -16.71
C PHE G 9 -25.69 18.57 -16.06
N LEU G 10 -25.10 18.56 -14.86
CA LEU G 10 -25.12 19.69 -13.92
C LEU G 10 -26.48 19.78 -13.23
N GLU G 11 -27.47 19.04 -13.74
CA GLU G 11 -28.77 18.97 -13.09
C GLU G 11 -29.09 17.53 -12.70
N ASN G 12 -28.91 16.60 -13.62
CA ASN G 12 -29.15 15.18 -13.37
C ASN G 12 -28.71 14.40 -14.61
N GLY G 13 -28.63 13.08 -14.45
CA GLY G 13 -28.24 12.22 -15.55
C GLY G 13 -29.42 11.68 -16.32
N TRP G 14 -29.15 11.25 -17.55
CA TRP G 14 -30.18 10.63 -18.37
C TRP G 14 -30.64 9.33 -17.73
N GLU G 15 -31.95 9.10 -17.72
CA GLU G 15 -32.49 7.86 -17.19
C GLU G 15 -32.70 6.83 -18.29
N GLY G 16 -33.37 7.22 -19.37
CA GLY G 16 -33.72 6.31 -20.44
C GLY G 16 -32.71 6.24 -21.57
N MET G 17 -31.55 5.64 -21.32
CA MET G 17 -30.55 5.47 -22.38
C MET G 17 -29.78 4.18 -22.10
N VAL G 18 -29.61 3.36 -23.14
CA VAL G 18 -28.96 2.07 -23.00
C VAL G 18 -27.79 1.89 -23.97
N ASP G 19 -27.69 2.72 -25.01
CA ASP G 19 -26.69 2.53 -26.05
C ASP G 19 -25.27 2.67 -25.51
N GLY G 20 -24.92 3.87 -25.06
CA GLY G 20 -23.58 4.13 -24.58
C GLY G 20 -23.56 5.16 -23.46
N TRP G 21 -22.42 5.21 -22.78
CA TRP G 21 -22.26 6.08 -21.62
C TRP G 21 -22.45 7.54 -22.00
N TYR G 22 -21.58 8.07 -22.86
CA TYR G 22 -21.61 9.48 -23.21
C TYR G 22 -22.41 9.70 -24.48
N GLY G 23 -23.35 10.64 -24.42
CA GLY G 23 -24.18 10.97 -25.57
C GLY G 23 -24.82 12.31 -25.36
N PHE G 24 -25.59 12.74 -26.36
CA PHE G 24 -26.30 14.00 -26.29
C PHE G 24 -27.57 13.92 -27.13
N ARG G 25 -28.51 14.81 -26.81
CA ARG G 25 -29.81 14.85 -27.47
C ARG G 25 -30.14 16.29 -27.86
N HIS G 26 -30.90 16.45 -28.93
CA HIS G 26 -31.22 17.75 -29.50
C HIS G 26 -32.71 18.02 -29.40
N GLN G 27 -33.13 19.14 -29.97
CA GLN G 27 -34.53 19.52 -30.00
C GLN G 27 -34.71 20.67 -30.97
N ASN G 28 -35.75 20.61 -31.79
CA ASN G 28 -36.08 21.67 -32.73
C ASN G 28 -37.51 21.43 -33.24
N ALA G 29 -37.91 22.22 -34.23
CA ALA G 29 -39.27 22.12 -34.74
C ALA G 29 -39.58 20.74 -35.29
N GLN G 30 -38.60 20.09 -35.92
CA GLN G 30 -38.84 18.80 -36.55
C GLN G 30 -39.19 17.73 -35.53
N GLY G 31 -38.53 17.73 -34.38
CA GLY G 31 -38.85 16.73 -33.36
C GLY G 31 -37.76 16.69 -32.30
N THR G 32 -37.53 15.47 -31.79
CA THR G 32 -36.56 15.26 -30.73
C THR G 32 -35.89 13.91 -30.97
N GLY G 33 -34.69 13.75 -30.45
CA GLY G 33 -33.94 12.53 -30.68
C GLY G 33 -32.89 12.29 -29.63
N GLN G 34 -32.09 11.25 -29.86
CA GLN G 34 -31.02 10.86 -28.96
C GLN G 34 -29.96 10.14 -29.78
N ALA G 35 -28.74 10.13 -29.24
CA ALA G 35 -27.63 9.46 -29.91
C ALA G 35 -26.47 9.32 -28.94
N ALA G 36 -25.64 8.32 -29.18
CA ALA G 36 -24.49 8.04 -28.34
C ALA G 36 -23.19 8.33 -29.09
N ASP G 37 -22.17 8.72 -28.34
CA ASP G 37 -20.83 8.96 -28.89
C ASP G 37 -20.02 7.69 -28.67
N TYR G 38 -19.59 7.07 -29.76
CA TYR G 38 -18.98 5.74 -29.66
C TYR G 38 -17.48 5.80 -29.43
N LYS G 39 -16.78 6.72 -30.12
CA LYS G 39 -15.33 6.79 -29.97
C LYS G 39 -14.94 7.13 -28.54
N SER G 40 -15.68 8.04 -27.91
CA SER G 40 -15.41 8.35 -26.51
C SER G 40 -15.84 7.22 -25.58
N THR G 41 -17.01 6.62 -25.85
CA THR G 41 -17.48 5.52 -25.01
C THR G 41 -16.54 4.33 -25.08
N GLN G 42 -16.06 3.98 -26.27
CA GLN G 42 -15.17 2.84 -26.41
C GLN G 42 -13.86 3.07 -25.65
N ALA G 43 -13.33 4.29 -25.71
CA ALA G 43 -12.11 4.60 -24.97
C ALA G 43 -12.35 4.48 -23.46
N ALA G 44 -13.50 4.96 -22.98
CA ALA G 44 -13.77 4.92 -21.55
C ALA G 44 -14.01 3.50 -21.07
N ILE G 45 -14.82 2.73 -21.78
CA ILE G 45 -15.15 1.38 -21.34
C ILE G 45 -13.92 0.49 -21.35
N ASP G 46 -13.02 0.68 -22.31
CA ASP G 46 -11.84 -0.17 -22.40
C ASP G 46 -10.88 0.06 -21.24
N GLN G 47 -10.79 1.30 -20.75
CA GLN G 47 -9.83 1.61 -19.69
C GLN G 47 -10.39 1.29 -18.31
N ILE G 48 -11.71 1.29 -18.14
CA ILE G 48 -12.30 1.08 -16.83
C ILE G 48 -12.62 -0.39 -16.59
N THR G 49 -13.12 -1.08 -17.62
CA THR G 49 -13.58 -2.45 -17.44
C THR G 49 -12.43 -3.41 -17.16
N GLY G 50 -11.24 -3.15 -17.70
CA GLY G 50 -10.12 -4.04 -17.52
C GLY G 50 -9.39 -3.90 -16.20
N LYS G 51 -9.86 -3.02 -15.31
CA LYS G 51 -9.17 -2.82 -14.03
C LYS G 51 -9.20 -4.09 -13.19
N LEU G 52 -10.26 -4.90 -13.33
CA LEU G 52 -10.39 -6.09 -12.51
C LEU G 52 -9.22 -7.04 -12.73
N ASN G 53 -8.83 -7.26 -13.99
CA ASN G 53 -7.72 -8.16 -14.28
C ASN G 53 -6.39 -7.65 -13.74
N ARG G 54 -6.16 -6.34 -13.84
CA ARG G 54 -4.89 -5.77 -13.42
C ARG G 54 -4.62 -5.93 -11.93
N LEU G 55 -5.66 -6.13 -11.12
CA LEU G 55 -5.45 -6.37 -9.69
C LEU G 55 -4.83 -7.73 -9.44
N VAL G 56 -5.23 -8.76 -10.19
CA VAL G 56 -4.70 -10.10 -9.99
C VAL G 56 -3.44 -10.27 -10.84
N GLU G 57 -2.31 -9.82 -10.31
CA GLU G 57 -1.06 -9.93 -11.05
C GLU G 57 -0.54 -11.36 -10.96
N LYS G 58 -0.05 -11.88 -12.08
CA LYS G 58 0.37 -13.27 -12.14
C LYS G 58 1.80 -13.46 -11.66
N THR G 59 2.09 -13.00 -10.44
CA THR G 59 3.30 -13.44 -9.76
C THR G 59 3.06 -14.85 -9.27
N ASN G 60 3.66 -15.83 -9.93
CA ASN G 60 3.21 -17.22 -9.83
C ASN G 60 3.87 -17.95 -8.66
N THR G 61 4.24 -17.23 -7.61
CA THR G 61 4.78 -17.87 -6.42
C THR G 61 3.82 -18.95 -5.93
N GLU G 62 4.38 -20.12 -5.63
CA GLU G 62 3.61 -21.26 -5.17
C GLU G 62 3.91 -21.50 -3.70
N PHE G 63 2.85 -21.67 -2.89
CA PHE G 63 2.98 -21.90 -1.47
C PHE G 63 2.74 -23.39 -1.15
N GLU G 64 3.18 -23.78 0.04
CA GLU G 64 3.00 -25.15 0.52
C GLU G 64 2.56 -25.10 1.98
N SER G 65 1.96 -26.20 2.43
CA SER G 65 1.39 -26.26 3.76
C SER G 65 2.49 -26.22 4.83
N ILE G 66 2.17 -25.55 5.93
CA ILE G 66 3.05 -25.51 7.10
C ILE G 66 2.25 -25.91 8.34
N GLU G 67 0.93 -25.94 8.21
CA GLU G 67 0.03 -26.28 9.31
C GLU G 67 -0.62 -27.63 9.00
N SER G 68 -0.50 -28.57 9.94
CA SER G 68 -1.12 -29.87 9.79
C SER G 68 -2.56 -29.81 10.28
N GLU G 69 -3.51 -30.06 9.36
CA GLU G 69 -4.92 -30.01 9.73
C GLU G 69 -5.27 -31.07 10.77
N PHE G 70 -4.75 -32.28 10.61
CA PHE G 70 -4.90 -33.32 11.62
C PHE G 70 -3.73 -33.20 12.60
N SER G 71 -3.83 -32.16 13.44
CA SER G 71 -2.66 -31.56 14.07
C SER G 71 -2.34 -32.24 15.40
N GLU G 72 -1.04 -32.30 15.74
CA GLU G 72 -0.55 -32.80 17.02
C GLU G 72 0.61 -31.91 17.47
N ILE G 73 0.52 -30.61 17.18
CA ILE G 73 1.67 -29.70 17.21
C ILE G 73 2.08 -29.36 18.64
N GLU G 74 3.27 -28.78 18.78
CA GLU G 74 3.75 -28.19 20.03
C GLU G 74 2.95 -26.94 20.37
N HIS G 75 3.28 -26.27 21.46
CA HIS G 75 2.56 -25.06 21.87
C HIS G 75 3.35 -23.76 21.68
N GLN G 76 4.69 -23.81 21.59
CA GLN G 76 5.45 -22.60 21.36
C GLN G 76 5.53 -22.26 19.87
N ILE G 77 6.07 -23.16 19.07
CA ILE G 77 6.20 -22.90 17.63
C ILE G 77 4.82 -22.69 17.01
N GLY G 78 3.79 -23.32 17.55
CA GLY G 78 2.45 -23.09 17.08
C GLY G 78 2.02 -21.65 17.29
N ASN G 79 2.36 -21.09 18.45
CA ASN G 79 2.03 -19.70 18.73
C ASN G 79 2.81 -18.75 17.82
N VAL G 80 4.08 -19.06 17.54
CA VAL G 80 4.87 -18.21 16.65
C VAL G 80 4.26 -18.20 15.26
N ILE G 81 3.87 -19.36 14.75
CA ILE G 81 3.25 -19.42 13.43
C ILE G 81 1.90 -18.73 13.44
N ASN G 82 1.15 -18.82 14.53
CA ASN G 82 -0.15 -18.17 14.61
C ASN G 82 -0.02 -16.65 14.55
N TRP G 83 0.99 -16.09 15.24
CA TRP G 83 1.12 -14.64 15.30
C TRP G 83 1.35 -14.03 13.93
N THR G 84 2.27 -14.62 13.15
CA THR G 84 2.61 -14.05 11.85
C THR G 84 1.43 -14.14 10.88
N LYS G 85 0.66 -15.22 10.93
CA LYS G 85 -0.44 -15.40 10.00
C LYS G 85 -1.49 -14.30 10.17
N ASP G 86 -1.85 -13.98 11.41
CA ASP G 86 -2.81 -12.92 11.64
C ASP G 86 -2.25 -11.56 11.24
N SER G 87 -0.97 -11.31 11.54
CA SER G 87 -0.37 -10.04 11.18
C SER G 87 -0.36 -9.84 9.67
N ILE G 88 0.04 -10.87 8.92
CA ILE G 88 0.02 -10.77 7.46
C ILE G 88 -1.41 -10.73 6.96
N THR G 89 -2.31 -11.50 7.58
CA THR G 89 -3.72 -11.46 7.18
C THR G 89 -4.30 -10.07 7.38
N ASP G 90 -4.00 -9.43 8.51
CA ASP G 90 -4.43 -8.05 8.72
C ASP G 90 -3.80 -7.10 7.71
N ILE G 91 -2.52 -7.34 7.37
CA ILE G 91 -1.87 -6.51 6.35
C ILE G 91 -2.62 -6.62 5.03
N TRP G 92 -2.93 -7.85 4.61
CA TRP G 92 -3.66 -8.04 3.37
C TRP G 92 -5.05 -7.43 3.45
N THR G 93 -5.76 -7.64 4.55
CA THR G 93 -7.09 -7.06 4.71
C THR G 93 -7.04 -5.54 4.71
N TYR G 94 -6.09 -4.95 5.45
CA TYR G 94 -5.95 -3.50 5.45
C TYR G 94 -5.43 -2.99 4.12
N GLN G 95 -4.47 -3.69 3.52
CA GLN G 95 -3.94 -3.28 2.22
C GLN G 95 -5.01 -3.37 1.14
N ALA G 96 -5.75 -4.49 1.11
CA ALA G 96 -6.75 -4.68 0.07
C ALA G 96 -7.88 -3.67 0.19
N GLU G 97 -8.37 -3.43 1.41
CA GLU G 97 -9.52 -2.54 1.57
C GLU G 97 -9.20 -1.13 1.11
N LEU G 98 -8.02 -0.61 1.47
CA LEU G 98 -7.64 0.73 1.05
C LEU G 98 -7.37 0.78 -0.45
N LEU G 99 -6.80 -0.29 -1.02
CA LEU G 99 -6.51 -0.30 -2.44
C LEU G 99 -7.77 -0.15 -3.28
N VAL G 100 -8.81 -0.92 -2.93
CA VAL G 100 -10.05 -0.85 -3.70
C VAL G 100 -10.75 0.49 -3.46
N ALA G 101 -10.85 0.91 -2.20
CA ALA G 101 -11.45 2.21 -1.90
C ALA G 101 -10.64 3.34 -2.54
N MET G 102 -9.33 3.15 -2.67
CA MET G 102 -8.49 4.19 -3.27
C MET G 102 -8.68 4.24 -4.78
N GLU G 103 -8.82 3.09 -5.43
CA GLU G 103 -9.00 3.05 -6.87
C GLU G 103 -10.38 3.53 -7.30
N ASN G 104 -11.39 3.31 -6.46
CA ASN G 104 -12.74 3.82 -6.78
C ASN G 104 -12.73 5.34 -6.89
N GLN G 105 -11.91 6.01 -6.07
CA GLN G 105 -11.84 7.46 -6.13
C GLN G 105 -11.34 7.93 -7.50
N HIS G 106 -10.35 7.25 -8.07
CA HIS G 106 -9.83 7.64 -9.38
C HIS G 106 -10.87 7.41 -10.47
N THR G 107 -11.56 6.28 -10.44
CA THR G 107 -12.54 5.98 -11.48
C THR G 107 -13.63 7.04 -11.53
N ILE G 108 -14.17 7.41 -10.38
CA ILE G 108 -15.19 8.45 -10.33
C ILE G 108 -14.61 9.78 -10.79
N ASP G 109 -13.41 10.11 -10.32
CA ASP G 109 -12.78 11.38 -10.71
C ASP G 109 -12.41 11.38 -12.18
N MET G 110 -11.81 10.29 -12.68
CA MET G 110 -11.38 10.25 -14.07
C MET G 110 -12.57 10.33 -15.01
N ALA G 111 -13.61 9.53 -14.76
CA ALA G 111 -14.77 9.55 -15.65
C ALA G 111 -15.43 10.91 -15.69
N ASP G 112 -15.52 11.60 -14.54
CA ASP G 112 -16.06 12.94 -14.51
C ASP G 112 -15.22 13.91 -15.35
N SER G 113 -13.91 13.69 -15.43
CA SER G 113 -13.05 14.57 -16.21
C SER G 113 -13.24 14.36 -17.71
N GLU G 114 -13.36 13.11 -18.15
CA GLU G 114 -13.57 12.84 -19.57
C GLU G 114 -14.85 13.49 -20.06
N MET G 115 -15.89 13.50 -19.21
CA MET G 115 -17.14 14.15 -19.59
C MET G 115 -16.93 15.64 -19.84
N LEU G 116 -16.15 16.30 -18.98
CA LEU G 116 -15.94 17.73 -19.13
C LEU G 116 -15.17 18.05 -20.41
N ASN G 117 -14.18 17.22 -20.75
CA ASN G 117 -13.38 17.47 -21.94
C ASN G 117 -14.26 17.45 -23.19
N LEU G 118 -15.17 16.48 -23.29
CA LEU G 118 -16.09 16.46 -24.41
C LEU G 118 -16.95 17.71 -24.44
N TYR G 119 -17.41 18.15 -23.26
CA TYR G 119 -18.17 19.39 -23.18
C TYR G 119 -17.35 20.57 -23.66
N GLU G 120 -16.06 20.59 -23.31
CA GLU G 120 -15.18 21.68 -23.76
C GLU G 120 -15.04 21.68 -25.28
N ARG G 121 -14.89 20.49 -25.87
CA ARG G 121 -14.65 20.40 -27.30
C ARG G 121 -15.80 20.96 -28.13
N VAL G 122 -17.03 20.89 -27.60
CA VAL G 122 -18.18 21.40 -28.35
C VAL G 122 -18.23 22.92 -28.32
N ARG G 123 -17.87 23.53 -27.19
CA ARG G 123 -17.90 24.98 -27.10
C ARG G 123 -16.92 25.60 -28.09
N LYS G 124 -15.73 25.00 -28.25
CA LYS G 124 -14.76 25.51 -29.21
C LYS G 124 -15.33 25.46 -30.63
N GLN G 125 -16.00 24.36 -30.98
CA GLN G 125 -16.56 24.24 -32.33
C GLN G 125 -17.60 25.30 -32.61
N LEU G 126 -18.58 25.45 -31.71
CA LEU G 126 -19.59 26.48 -31.89
C LEU G 126 -19.00 27.88 -31.83
N ARG G 127 -17.91 28.06 -31.06
CA ARG G 127 -17.15 29.29 -31.09
C ARG G 127 -18.00 30.49 -30.68
N GLN G 128 -18.63 31.17 -31.63
CA GLN G 128 -19.41 32.37 -31.35
C GLN G 128 -20.86 32.25 -31.79
N ASN G 129 -21.29 31.07 -32.26
CA ASN G 129 -22.65 30.86 -32.73
C ASN G 129 -23.57 30.30 -31.64
N ALA G 130 -23.05 30.07 -30.43
CA ALA G 130 -23.85 29.51 -29.36
C ALA G 130 -23.47 30.14 -28.03
N GLU G 131 -24.44 30.29 -27.14
CA GLU G 131 -24.22 30.84 -25.82
C GLU G 131 -24.49 29.76 -24.77
N GLU G 132 -23.62 29.70 -23.76
CA GLU G 132 -23.77 28.71 -22.71
C GLU G 132 -25.06 28.96 -21.95
N ASP G 133 -25.71 27.88 -21.52
CA ASP G 133 -27.06 27.95 -20.94
C ASP G 133 -27.02 27.63 -19.45
N GLY G 134 -25.84 27.28 -18.93
CA GLY G 134 -25.65 27.19 -17.49
C GLY G 134 -26.13 25.91 -16.84
N LYS G 135 -26.68 24.99 -17.64
CA LYS G 135 -27.11 23.68 -17.14
C LYS G 135 -26.43 22.58 -17.91
N GLY G 136 -25.15 22.75 -18.23
CA GLY G 136 -24.48 21.82 -19.12
C GLY G 136 -25.14 21.82 -20.49
N CYS G 137 -25.70 22.94 -20.91
CA CYS G 137 -26.52 22.98 -22.10
C CYS G 137 -26.17 24.20 -22.93
N PHE G 138 -26.44 24.09 -24.23
CA PHE G 138 -26.08 25.11 -25.22
C PHE G 138 -27.32 25.65 -25.90
N GLU G 139 -27.28 26.92 -26.26
CA GLU G 139 -28.35 27.57 -27.02
C GLU G 139 -27.81 27.97 -28.38
N ILE G 140 -28.30 27.31 -29.43
CA ILE G 140 -27.87 27.61 -30.79
C ILE G 140 -28.71 28.76 -31.33
N TYR G 141 -28.06 29.79 -31.85
CA TYR G 141 -28.72 31.00 -32.30
C TYR G 141 -28.96 31.04 -33.81
N HIS G 142 -28.73 29.93 -34.51
CA HIS G 142 -29.02 29.83 -35.94
C HIS G 142 -29.77 28.52 -36.19
N ALA G 143 -30.48 28.46 -37.32
CA ALA G 143 -31.47 27.41 -37.53
C ALA G 143 -30.85 26.21 -38.25
N CYS G 144 -30.52 25.18 -37.47
CA CYS G 144 -30.34 23.81 -37.95
C CYS G 144 -31.50 22.92 -37.55
N ASP G 145 -31.79 21.94 -38.42
CA ASP G 145 -32.90 21.02 -38.19
C ASP G 145 -32.46 19.58 -38.00
N ASP G 146 -31.82 18.94 -38.99
CA ASP G 146 -31.46 17.54 -38.84
C ASP G 146 -30.01 17.23 -39.23
N SER G 147 -29.52 17.83 -40.30
CA SER G 147 -28.19 17.48 -40.82
C SER G 147 -27.11 18.42 -40.34
N CYS G 148 -27.39 19.72 -40.31
CA CYS G 148 -26.55 20.66 -39.56
C CYS G 148 -26.38 20.23 -38.12
N MET G 149 -27.39 19.61 -37.52
CA MET G 149 -27.20 18.97 -36.21
C MET G 149 -26.24 17.80 -36.29
N GLU G 150 -26.35 16.97 -37.33
CA GLU G 150 -25.51 15.79 -37.40
C GLU G 150 -24.04 16.16 -37.54
N SER G 151 -23.75 17.30 -38.18
CA SER G 151 -22.36 17.69 -38.39
C SER G 151 -21.66 17.98 -37.06
N ILE G 152 -22.36 18.62 -36.12
CA ILE G 152 -21.75 18.95 -34.83
C ILE G 152 -21.26 17.69 -34.14
N ARG G 153 -22.04 16.61 -34.22
CA ARG G 153 -21.65 15.35 -33.62
C ARG G 153 -20.50 14.67 -34.36
N ASN G 154 -20.11 15.19 -35.53
CA ASN G 154 -19.22 14.48 -36.44
C ASN G 154 -17.97 15.28 -36.77
N ASN G 155 -17.73 16.40 -36.08
CA ASN G 155 -16.49 17.17 -36.21
C ASN G 155 -16.34 17.82 -37.57
N THR G 156 -17.37 17.76 -38.41
CA THR G 156 -17.34 18.40 -39.72
C THR G 156 -18.06 19.74 -39.73
N TYR G 157 -18.34 20.31 -38.56
CA TYR G 157 -19.10 21.56 -38.46
C TYR G 157 -18.18 22.73 -38.78
N ASP G 158 -18.31 23.27 -40.00
CA ASP G 158 -17.57 24.45 -40.43
C ASP G 158 -18.37 25.68 -40.02
N HIS G 159 -17.96 26.29 -38.89
CA HIS G 159 -18.72 27.39 -38.33
C HIS G 159 -18.77 28.59 -39.27
N SER G 160 -17.79 28.72 -40.17
CA SER G 160 -17.69 29.91 -40.99
C SER G 160 -18.91 30.10 -41.89
N GLN G 161 -19.67 29.04 -42.17
CA GLN G 161 -20.79 29.17 -43.07
C GLN G 161 -22.01 29.77 -42.37
N TYR G 162 -22.08 29.68 -41.05
CA TYR G 162 -23.21 30.19 -40.28
C TYR G 162 -22.89 31.40 -39.41
N ARG G 163 -21.63 31.83 -39.34
CA ARG G 163 -21.26 32.89 -38.40
C ARG G 163 -22.01 34.19 -38.70
N GLU G 164 -22.12 34.55 -39.97
CA GLU G 164 -22.78 35.80 -40.33
C GLU G 164 -24.23 35.84 -39.87
N GLU G 165 -24.88 34.68 -39.73
CA GLU G 165 -26.27 34.61 -39.31
C GLU G 165 -26.37 34.47 -37.79
N ALA G 166 -25.55 33.62 -37.19
CA ALA G 166 -25.65 33.37 -35.75
C ALA G 166 -25.32 34.62 -34.93
N LEU G 167 -24.30 35.38 -35.35
CA LEU G 167 -23.85 36.53 -34.59
C LEU G 167 -24.78 37.74 -34.70
N LEU G 168 -25.72 37.71 -35.64
CA LEU G 168 -26.64 38.84 -35.81
C LEU G 168 -27.82 38.79 -34.86
N ASN G 169 -27.96 37.72 -34.06
CA ASN G 169 -29.08 37.57 -33.15
C ASN G 169 -28.67 37.49 -31.69
N ARG G 170 -27.40 37.17 -31.39
CA ARG G 170 -26.96 37.21 -29.99
C ARG G 170 -27.01 38.63 -29.43
N LEU G 171 -26.74 39.63 -30.26
CA LEU G 171 -26.73 41.02 -29.84
C LEU G 171 -27.72 41.88 -30.62
N ASN G 172 -28.62 41.26 -31.40
CA ASN G 172 -29.58 42.01 -32.19
C ASN G 172 -28.89 42.99 -33.13
N GLU H 1 -29.94 47.59 21.00
CA GLU H 1 -28.78 48.00 21.84
C GLU H 1 -28.70 47.14 23.09
N VAL H 2 -27.70 46.26 23.14
CA VAL H 2 -27.58 45.33 24.25
C VAL H 2 -26.98 46.03 25.47
N VAL H 3 -27.48 45.67 26.64
CA VAL H 3 -26.93 46.13 27.92
C VAL H 3 -26.65 44.91 28.78
N MET H 4 -25.45 44.84 29.34
CA MET H 4 -24.99 43.67 30.07
C MET H 4 -24.72 44.02 31.52
N THR H 5 -24.89 43.02 32.39
CA THR H 5 -24.65 43.15 33.82
C THR H 5 -23.68 42.07 34.27
N GLN H 6 -22.64 42.48 34.99
CA GLN H 6 -21.68 41.55 35.59
C GLN H 6 -22.01 41.39 37.07
N SER H 7 -22.25 40.16 37.49
CA SER H 7 -22.67 39.88 38.85
C SER H 7 -21.76 38.86 39.51
N PRO H 8 -21.28 39.12 40.73
CA PRO H 8 -21.47 40.34 41.55
C PRO H 8 -20.58 41.48 41.05
N ALA H 9 -20.92 42.72 41.36
CA ALA H 9 -20.08 43.85 40.95
C ALA H 9 -18.69 43.80 41.57
N THR H 10 -18.51 43.09 42.67
CA THR H 10 -17.22 42.95 43.33
C THR H 10 -17.15 41.57 43.98
N LEU H 11 -15.95 41.03 44.06
CA LEU H 11 -15.75 39.71 44.65
C LEU H 11 -14.37 39.67 45.31
N SER H 12 -14.25 38.81 46.31
CA SER H 12 -12.99 38.61 47.03
C SER H 12 -12.74 37.12 47.20
N VAL H 13 -11.48 36.71 47.04
CA VAL H 13 -11.10 35.31 47.14
C VAL H 13 -9.70 35.23 47.73
N SER H 14 -9.45 34.17 48.53
CA SER H 14 -8.14 33.97 49.10
C SER H 14 -7.21 33.31 48.09
N PRO H 15 -5.89 33.50 48.21
CA PRO H 15 -4.97 32.90 47.24
C PRO H 15 -5.12 31.39 47.20
N GLY H 16 -5.07 30.84 45.98
CA GLY H 16 -5.14 29.41 45.77
C GLY H 16 -6.52 28.81 45.72
N GLU H 17 -7.56 29.61 45.99
CA GLU H 17 -8.92 29.10 45.98
C GLU H 17 -9.56 29.27 44.60
N ARG H 18 -10.60 28.49 44.36
CA ARG H 18 -11.34 28.59 43.11
C ARG H 18 -12.09 29.92 43.05
N ALA H 19 -12.16 30.49 41.85
CA ALA H 19 -12.85 31.75 41.60
C ALA H 19 -13.81 31.59 40.43
N THR H 20 -14.97 32.23 40.53
CA THR H 20 -15.99 32.14 39.49
C THR H 20 -16.65 33.49 39.31
N LEU H 21 -16.95 33.83 38.05
CA LEU H 21 -17.60 35.08 37.70
C LEU H 21 -18.70 34.79 36.68
N SER H 22 -19.58 35.78 36.50
CA SER H 22 -20.70 35.64 35.59
C SER H 22 -21.01 36.99 34.95
N CYS H 23 -21.61 36.93 33.76
CA CYS H 23 -22.04 38.11 33.03
C CYS H 23 -23.32 37.77 32.28
N ARG H 24 -24.32 38.64 32.39
CA ARG H 24 -25.65 38.39 31.88
C ARG H 24 -25.97 39.35 30.74
N ALA H 25 -26.85 38.92 29.84
CA ALA H 25 -27.19 39.68 28.65
C ALA H 25 -28.68 40.00 28.65
N SER H 26 -29.03 41.15 28.07
CA SER H 26 -30.42 41.56 27.96
C SER H 26 -31.18 40.78 26.89
N GLN H 27 -30.51 40.36 25.82
CA GLN H 27 -31.13 39.53 24.80
C GLN H 27 -30.08 38.58 24.25
N SER H 28 -30.55 37.53 23.58
CA SER H 28 -29.67 36.42 23.21
C SER H 28 -28.50 36.91 22.37
N VAL H 29 -27.32 36.36 22.68
CA VAL H 29 -26.11 36.62 21.91
C VAL H 29 -25.58 35.36 21.23
N SER H 30 -25.84 34.18 21.79
CA SER H 30 -25.52 32.91 21.15
C SER H 30 -24.02 32.79 20.85
N SER H 31 -23.24 32.77 21.93
CA SER H 31 -21.79 32.52 21.91
C SER H 31 -21.00 33.67 21.32
N LYS H 32 -21.64 34.77 20.91
CA LYS H 32 -20.92 35.90 20.36
C LYS H 32 -20.49 36.84 21.47
N LEU H 33 -19.72 36.31 22.43
CA LEU H 33 -19.30 37.05 23.61
C LEU H 33 -17.80 36.86 23.82
N ALA H 34 -17.17 37.84 24.47
CA ALA H 34 -15.75 37.81 24.74
C ALA H 34 -15.48 38.33 26.15
N TRP H 35 -14.27 38.03 26.65
CA TRP H 35 -13.86 38.43 27.99
C TRP H 35 -12.48 39.07 27.94
N TYR H 36 -12.24 40.01 28.85
CA TYR H 36 -10.98 40.74 28.91
C TYR H 36 -10.56 40.91 30.37
N GLN H 37 -9.26 41.15 30.57
CA GLN H 37 -8.72 41.49 31.87
C GLN H 37 -7.76 42.65 31.73
N GLN H 38 -7.68 43.46 32.79
CA GLN H 38 -6.80 44.63 32.81
C GLN H 38 -6.34 44.88 34.24
N THR H 39 -5.08 45.32 34.37
CA THR H 39 -4.53 45.73 35.65
C THR H 39 -4.32 47.24 35.66
N PRO H 40 -4.65 47.96 36.73
CA PRO H 40 -4.47 49.41 36.73
C PRO H 40 -3.03 49.79 36.40
N GLY H 41 -2.89 50.84 35.59
CA GLY H 41 -1.58 51.26 35.15
C GLY H 41 -1.01 50.46 34.00
N GLN H 42 -1.81 49.63 33.35
CA GLN H 42 -1.32 48.79 32.26
C GLN H 42 -2.38 48.68 31.16
N ALA H 43 -2.19 47.76 30.23
CA ALA H 43 -3.07 47.59 29.08
C ALA H 43 -3.91 46.32 29.25
N PRO H 44 -5.07 46.24 28.58
CA PRO H 44 -5.93 45.06 28.72
C PRO H 44 -5.33 43.81 28.08
N ARG H 45 -6.09 42.72 28.08
CA ARG H 45 -5.66 41.46 27.49
C ARG H 45 -6.90 40.60 27.24
N LEU H 46 -6.86 39.82 26.17
CA LEU H 46 -8.00 39.02 25.73
C LEU H 46 -7.82 37.58 26.19
N LEU H 47 -8.82 37.05 26.90
CA LEU H 47 -8.76 35.71 27.47
C LEU H 47 -9.55 34.69 26.67
N ILE H 48 -10.86 34.89 26.54
CA ILE H 48 -11.76 33.91 25.95
C ILE H 48 -12.51 34.55 24.80
N TYR H 49 -12.66 33.79 23.71
CA TYR H 49 -13.52 34.18 22.60
C TYR H 49 -14.37 32.98 22.20
N GLY H 50 -15.58 33.25 21.71
CA GLY H 50 -16.51 32.19 21.42
C GLY H 50 -17.20 31.64 22.64
N ALA H 51 -16.95 32.23 23.82
CA ALA H 51 -17.59 31.86 25.07
C ALA H 51 -17.11 30.51 25.59
N SER H 52 -16.26 29.81 24.82
CA SER H 52 -15.78 28.51 25.25
C SER H 52 -14.29 28.30 24.94
N THR H 53 -13.72 29.15 24.09
CA THR H 53 -12.38 28.92 23.56
C THR H 53 -11.39 29.88 24.17
N ARG H 54 -10.27 29.35 24.64
CA ARG H 54 -9.19 30.17 25.18
C ARG H 54 -8.41 30.81 24.05
N ALA H 55 -8.02 32.07 24.24
CA ALA H 55 -7.19 32.75 23.26
C ALA H 55 -5.75 32.26 23.36
N THR H 56 -4.87 32.86 22.57
CA THR H 56 -3.47 32.46 22.57
C THR H 56 -2.83 32.73 23.92
N ASP H 57 -1.85 31.89 24.27
CA ASP H 57 -1.14 31.97 25.56
C ASP H 57 -2.09 32.33 26.70
N ILE H 58 -3.12 31.52 26.89
CA ILE H 58 -4.00 31.60 28.05
C ILE H 58 -3.84 30.31 28.85
N PRO H 59 -3.31 30.35 30.07
CA PRO H 59 -3.05 29.11 30.80
C PRO H 59 -4.29 28.22 30.91
N ALA H 60 -4.05 26.97 31.33
CA ALA H 60 -5.10 25.97 31.38
C ALA H 60 -6.09 26.18 32.51
N ARG H 61 -5.75 27.01 33.50
CA ARG H 61 -6.65 27.22 34.64
C ARG H 61 -7.79 28.18 34.32
N PHE H 62 -7.88 28.67 33.08
CA PHE H 62 -8.97 29.53 32.64
C PHE H 62 -9.91 28.74 31.75
N SER H 63 -11.20 28.76 32.09
CA SER H 63 -12.21 28.05 31.30
C SER H 63 -13.57 28.63 31.66
N GLY H 64 -14.55 28.32 30.81
CA GLY H 64 -15.90 28.81 31.03
C GLY H 64 -16.86 28.19 30.03
N SER H 65 -18.14 28.47 30.25
CA SER H 65 -19.19 27.99 29.37
C SER H 65 -20.39 28.92 29.46
N GLY H 66 -21.24 28.88 28.44
CA GLY H 66 -22.43 29.70 28.45
C GLY H 66 -23.04 29.76 27.06
N SER H 67 -24.36 29.86 27.05
CA SER H 67 -25.12 30.01 25.82
C SER H 67 -26.41 30.75 26.12
N GLY H 68 -26.95 31.41 25.10
CA GLY H 68 -28.19 32.13 25.26
C GLY H 68 -27.99 33.53 25.78
N THR H 69 -28.28 33.74 27.08
CA THR H 69 -28.17 35.05 27.69
C THR H 69 -27.36 35.07 28.97
N GLU H 70 -26.83 33.93 29.43
CA GLU H 70 -26.04 33.88 30.65
C GLU H 70 -24.76 33.09 30.38
N PHE H 71 -23.68 33.50 31.04
CA PHE H 71 -22.37 32.91 30.83
C PHE H 71 -21.65 32.78 32.17
N THR H 72 -20.71 31.84 32.22
CA THR H 72 -19.93 31.58 33.42
C THR H 72 -18.46 31.45 33.06
N LEU H 73 -17.59 31.76 34.02
CA LEU H 73 -16.15 31.70 33.81
C LEU H 73 -15.49 31.43 35.15
N THR H 74 -14.82 30.28 35.26
CA THR H 74 -14.24 29.82 36.52
C THR H 74 -12.74 29.69 36.36
N ILE H 75 -12.00 30.23 37.33
CA ILE H 75 -10.56 30.02 37.43
C ILE H 75 -10.31 28.97 38.50
N SER H 76 -9.71 27.85 38.11
CA SER H 76 -9.52 26.73 39.03
C SER H 76 -8.70 27.11 40.25
N GLY H 77 -7.59 27.83 40.07
CA GLY H 77 -6.80 28.29 41.18
C GLY H 77 -6.33 29.71 40.98
N LEU H 78 -6.67 30.60 41.92
CA LEU H 78 -6.34 32.01 41.79
C LEU H 78 -4.94 32.23 42.36
N GLN H 79 -3.97 32.43 41.48
CA GLN H 79 -2.60 32.63 41.91
C GLN H 79 -2.36 34.10 42.26
N SER H 80 -1.12 34.39 42.66
CA SER H 80 -0.78 35.71 43.18
C SER H 80 -0.96 36.82 42.15
N GLU H 81 -0.94 36.51 40.86
CA GLU H 81 -1.00 37.54 39.82
C GLU H 81 -2.27 37.47 38.99
N ASP H 82 -3.27 36.69 39.39
CA ASP H 82 -4.52 36.62 38.66
C ASP H 82 -5.48 37.73 39.03
N PHE H 83 -5.20 38.49 40.10
CA PHE H 83 -6.09 39.55 40.54
C PHE H 83 -6.03 40.70 39.56
N ALA H 84 -7.18 41.08 39.00
CA ALA H 84 -7.24 42.15 38.01
C ALA H 84 -8.71 42.51 37.77
N VAL H 85 -8.91 43.49 36.90
CA VAL H 85 -10.24 43.93 36.52
C VAL H 85 -10.65 43.20 35.24
N TYR H 86 -11.85 42.62 35.25
CA TYR H 86 -12.33 41.81 34.15
C TYR H 86 -13.56 42.46 33.51
N TYR H 87 -13.74 42.21 32.22
CA TYR H 87 -14.83 42.79 31.46
C TYR H 87 -15.44 41.74 30.54
N CYS H 88 -16.73 41.87 30.27
CA CYS H 88 -17.43 41.04 29.30
C CYS H 88 -18.01 41.92 28.20
N GLN H 89 -17.75 41.55 26.95
CA GLN H 89 -18.18 42.32 25.80
C GLN H 89 -18.85 41.39 24.79
N GLN H 90 -19.87 41.90 24.11
CA GLN H 90 -20.61 41.16 23.10
C GLN H 90 -20.39 41.78 21.72
N TYR H 91 -20.32 40.93 20.70
CA TYR H 91 -20.22 41.38 19.32
C TYR H 91 -21.32 40.80 18.44
N ASN H 92 -22.56 40.80 18.95
CA ASN H 92 -23.70 40.36 18.15
C ASN H 92 -24.39 41.54 17.48
N ASN H 93 -24.55 42.65 18.20
CA ASN H 93 -25.27 43.81 17.72
C ASN H 93 -24.44 45.07 17.89
N TRP H 94 -24.67 46.05 17.01
CA TRP H 94 -24.13 47.38 17.21
C TRP H 94 -24.94 48.13 18.27
N PRO H 95 -24.28 48.96 19.10
CA PRO H 95 -22.84 49.15 19.24
C PRO H 95 -22.22 48.07 20.12
N ARG H 96 -20.89 47.91 20.10
CA ARG H 96 -20.21 46.92 20.94
C ARG H 96 -20.14 47.48 22.37
N THR H 97 -21.24 47.35 23.07
CA THR H 97 -21.37 47.94 24.40
C THR H 97 -20.60 47.16 25.44
N PHE H 98 -19.72 47.84 26.16
CA PHE H 98 -19.13 47.29 27.38
C PHE H 98 -20.14 47.46 28.51
N GLY H 99 -19.71 47.20 29.75
CA GLY H 99 -20.63 47.26 30.86
C GLY H 99 -20.04 47.83 32.14
N GLN H 100 -20.51 47.33 33.28
CA GLN H 100 -20.10 47.86 34.57
C GLN H 100 -18.65 47.52 34.90
N GLY H 101 -18.16 46.37 34.47
CA GLY H 101 -16.84 45.91 34.85
C GLY H 101 -16.89 45.12 36.14
N THR H 102 -15.71 44.67 36.58
CA THR H 102 -15.61 43.87 37.78
C THR H 102 -14.18 43.82 38.30
N LYS H 103 -14.00 44.09 39.59
CA LYS H 103 -12.69 44.03 40.23
C LYS H 103 -12.61 42.81 41.13
N LEU H 104 -11.48 42.11 41.05
CA LEU H 104 -11.23 40.93 41.88
C LEU H 104 -10.14 41.28 42.88
N GLU H 105 -10.41 41.02 44.16
CA GLU H 105 -9.52 41.43 45.24
C GLU H 105 -9.19 40.24 46.12
N ILE H 106 -8.05 40.33 46.81
CA ILE H 106 -7.66 39.30 47.77
C ILE H 106 -8.50 39.45 49.02
N LYS H 107 -9.08 38.35 49.48
CA LYS H 107 -9.90 38.37 50.69
C LYS H 107 -9.04 38.50 51.94
N GLU I 1 -44.26 -1.67 -6.04
CA GLU I 1 -43.10 -0.90 -6.57
C GLU I 1 -43.49 -0.14 -7.83
N VAL I 2 -43.79 -0.89 -8.89
CA VAL I 2 -44.26 -0.31 -10.15
C VAL I 2 -45.74 -0.67 -10.31
N GLN I 3 -46.54 0.29 -10.75
CA GLN I 3 -47.97 0.10 -10.85
C GLN I 3 -48.52 0.91 -12.00
N LEU I 4 -49.29 0.24 -12.86
CA LEU I 4 -50.03 0.88 -13.94
C LEU I 4 -51.49 0.47 -13.82
N LEU I 5 -52.40 1.44 -14.01
CA LEU I 5 -53.82 1.18 -13.87
C LEU I 5 -54.58 1.94 -14.96
N GLU I 6 -55.67 1.36 -15.43
CA GLU I 6 -56.40 1.88 -16.58
C GLU I 6 -57.91 1.84 -16.31
N SER I 7 -58.66 2.37 -17.26
CA SER I 7 -60.12 2.38 -17.20
C SER I 7 -60.64 2.99 -18.49
N GLY I 8 -61.96 2.88 -18.69
CA GLY I 8 -62.63 3.51 -19.80
C GLY I 8 -63.30 2.58 -20.78
N GLY I 9 -63.34 1.27 -20.54
CA GLY I 9 -64.00 0.38 -21.48
C GLY I 9 -65.51 0.55 -21.46
N GLY I 10 -66.14 0.24 -22.59
CA GLY I 10 -67.58 0.35 -22.69
C GLY I 10 -68.04 0.09 -24.11
N LEU I 11 -69.36 -0.01 -24.25
CA LEU I 11 -69.97 -0.24 -25.54
C LEU I 11 -69.95 1.04 -26.37
N VAL I 12 -69.91 0.89 -27.70
CA VAL I 12 -69.93 2.03 -28.61
C VAL I 12 -70.45 1.55 -29.96
N GLN I 13 -70.90 2.50 -30.77
CA GLN I 13 -71.47 2.26 -32.09
C GLN I 13 -70.75 3.13 -33.11
N PRO I 14 -70.91 2.83 -34.40
CA PRO I 14 -70.18 3.60 -35.41
C PRO I 14 -70.44 5.09 -35.29
N GLY I 15 -69.39 5.88 -35.53
CA GLY I 15 -69.42 7.32 -35.38
C GLY I 15 -68.92 7.79 -34.03
N GLY I 16 -69.39 7.17 -32.96
CA GLY I 16 -68.92 7.52 -31.63
C GLY I 16 -67.57 6.88 -31.31
N SER I 17 -67.01 7.29 -30.18
CA SER I 17 -65.70 6.78 -29.77
C SER I 17 -65.55 6.97 -28.27
N LEU I 18 -64.65 6.17 -27.70
CA LEU I 18 -64.30 6.29 -26.30
C LEU I 18 -63.11 7.23 -26.12
N ARG I 19 -62.69 7.40 -24.86
CA ARG I 19 -61.47 8.14 -24.53
C ARG I 19 -60.82 7.40 -23.36
N LEU I 20 -59.92 6.48 -23.69
CA LEU I 20 -59.27 5.66 -22.68
C LEU I 20 -58.30 6.49 -21.85
N SER I 21 -57.97 5.98 -20.67
CA SER I 21 -57.03 6.65 -19.77
C SER I 21 -56.26 5.59 -19.00
N CYS I 22 -54.99 5.88 -18.75
CA CYS I 22 -54.10 4.98 -18.03
C CYS I 22 -53.17 5.81 -17.15
N VAL I 23 -53.12 5.46 -15.88
CA VAL I 23 -52.39 6.24 -14.87
C VAL I 23 -51.13 5.50 -14.49
N ALA I 24 -50.09 6.26 -14.13
CA ALA I 24 -48.78 5.72 -13.80
C ALA I 24 -48.28 6.30 -12.49
N SER I 25 -47.53 5.51 -11.74
CA SER I 25 -46.91 5.95 -10.50
C SER I 25 -45.77 5.02 -10.15
N GLY I 26 -44.89 5.49 -9.26
CA GLY I 26 -43.76 4.70 -8.82
C GLY I 26 -42.49 4.90 -9.62
N PHE I 27 -42.54 5.67 -10.70
CA PHE I 27 -41.36 5.94 -11.52
C PHE I 27 -41.46 7.34 -12.10
N THR I 28 -40.31 7.90 -12.46
CA THR I 28 -40.28 9.23 -13.07
C THR I 28 -41.01 9.17 -14.40
N PHE I 29 -42.14 9.88 -14.49
CA PHE I 29 -42.99 9.82 -15.67
C PHE I 29 -42.40 10.52 -16.89
N SER I 30 -41.41 11.38 -16.71
CA SER I 30 -40.82 12.13 -17.81
C SER I 30 -39.55 11.48 -18.34
N ALA I 31 -39.16 10.31 -17.85
CA ALA I 31 -37.89 9.69 -18.20
C ALA I 31 -38.07 8.40 -18.99
N TYR I 32 -39.28 8.08 -19.44
CA TYR I 32 -39.52 6.89 -20.22
C TYR I 32 -40.65 7.16 -21.19
N ALA I 33 -40.71 6.32 -22.23
CA ALA I 33 -41.80 6.39 -23.20
C ALA I 33 -42.96 5.52 -22.76
N MET I 34 -44.10 5.71 -23.41
CA MET I 34 -45.32 4.95 -23.13
C MET I 34 -45.93 4.49 -24.45
N SER I 35 -46.68 3.39 -24.39
CA SER I 35 -47.24 2.81 -25.60
C SER I 35 -48.58 2.14 -25.30
N TRP I 36 -49.41 2.04 -26.32
CA TRP I 36 -50.66 1.29 -26.28
C TRP I 36 -50.48 0.00 -27.07
N VAL I 37 -51.23 -1.03 -26.68
CA VAL I 37 -51.23 -2.31 -27.40
C VAL I 37 -52.61 -2.94 -27.25
N ARG I 38 -53.02 -3.67 -28.29
CA ARG I 38 -54.34 -4.29 -28.30
C ARG I 38 -54.21 -5.75 -28.74
N GLN I 39 -55.25 -6.52 -28.43
CA GLN I 39 -55.29 -7.94 -28.74
C GLN I 39 -56.72 -8.31 -29.09
N ALA I 40 -56.96 -8.67 -30.35
CA ALA I 40 -58.29 -9.09 -30.76
C ALA I 40 -58.63 -10.43 -30.10
N PRO I 41 -59.92 -10.74 -29.96
CA PRO I 41 -60.29 -11.99 -29.27
C PRO I 41 -59.61 -13.22 -29.86
N GLY I 42 -58.73 -13.84 -29.07
CA GLY I 42 -58.11 -15.08 -29.50
C GLY I 42 -57.18 -14.98 -30.69
N LYS I 43 -56.68 -13.79 -31.00
CA LYS I 43 -55.81 -13.58 -32.14
C LYS I 43 -54.48 -12.98 -31.67
N GLY I 44 -53.63 -12.62 -32.63
CA GLY I 44 -52.30 -12.13 -32.32
C GLY I 44 -52.29 -10.68 -31.91
N LEU I 45 -51.19 -10.29 -31.25
CA LEU I 45 -51.04 -8.92 -30.79
C LEU I 45 -50.76 -7.98 -31.97
N GLU I 46 -51.01 -6.70 -31.75
CA GLU I 46 -50.77 -5.68 -32.76
C GLU I 46 -50.36 -4.37 -32.11
N TRP I 47 -49.44 -3.66 -32.75
CA TRP I 47 -49.03 -2.36 -32.27
C TRP I 47 -49.98 -1.28 -32.77
N VAL I 48 -50.23 -0.28 -31.93
CA VAL I 48 -51.19 0.77 -32.25
C VAL I 48 -50.55 2.15 -32.19
N SER I 49 -49.80 2.45 -31.13
CA SER I 49 -49.24 3.78 -30.97
C SER I 49 -48.18 3.77 -29.87
N SER I 50 -47.41 4.85 -29.84
CA SER I 50 -46.42 5.10 -28.80
C SER I 50 -46.05 6.57 -28.83
N VAL I 51 -45.47 7.05 -27.72
CA VAL I 51 -45.08 8.44 -27.57
C VAL I 51 -43.60 8.48 -27.16
N SER I 52 -42.88 9.48 -27.69
CA SER I 52 -41.44 9.54 -27.55
C SER I 52 -40.98 10.93 -27.11
N GLY I 53 -39.84 10.96 -26.41
CA GLY I 53 -39.17 12.20 -26.12
C GLY I 53 -39.97 13.19 -25.29
N GLY I 54 -40.75 12.68 -24.35
CA GLY I 54 -41.51 13.55 -23.46
C GLY I 54 -42.82 14.05 -24.01
N GLY I 55 -43.15 13.76 -25.26
CA GLY I 55 -44.44 14.14 -25.82
C GLY I 55 -44.37 14.92 -27.11
N TYR I 56 -43.16 15.25 -27.58
CA TYR I 56 -43.01 16.01 -28.81
C TYR I 56 -43.03 15.14 -30.07
N ASN I 57 -43.07 13.82 -29.93
CA ASN I 57 -43.06 12.92 -31.07
C ASN I 57 -44.09 11.81 -30.86
N THR I 58 -44.65 11.33 -31.97
CA THR I 58 -45.65 10.27 -31.92
C THR I 58 -45.57 9.44 -33.19
N ASN I 59 -46.07 8.21 -33.11
CA ASN I 59 -46.14 7.32 -34.25
C ASN I 59 -47.37 6.44 -34.13
N TYR I 60 -47.86 5.98 -35.27
CA TYR I 60 -49.07 5.16 -35.31
C TYR I 60 -48.86 3.99 -36.26
N ALA I 61 -49.56 2.90 -36.00
CA ALA I 61 -49.59 1.79 -36.95
C ALA I 61 -50.37 2.19 -38.20
N ASP I 62 -50.00 1.58 -39.32
CA ASP I 62 -50.60 1.94 -40.60
C ASP I 62 -52.09 1.63 -40.66
N SER I 63 -52.61 0.79 -39.77
CA SER I 63 -54.02 0.42 -39.81
C SER I 63 -54.93 1.50 -39.24
N VAL I 64 -54.39 2.44 -38.46
CA VAL I 64 -55.21 3.42 -37.78
C VAL I 64 -54.66 4.83 -37.99
N ARG I 65 -53.80 5.00 -38.99
CA ARG I 65 -53.21 6.31 -39.24
C ARG I 65 -54.30 7.32 -39.57
N GLY I 66 -54.25 8.46 -38.88
CA GLY I 66 -55.21 9.53 -39.11
C GLY I 66 -56.45 9.40 -38.26
N ARG I 67 -56.79 8.17 -37.87
CA ARG I 67 -58.00 7.94 -37.07
C ARG I 67 -57.74 8.20 -35.59
N PHE I 68 -56.65 7.65 -35.06
CA PHE I 68 -56.37 7.68 -33.63
C PHE I 68 -55.30 8.72 -33.33
N THR I 69 -55.50 9.48 -32.25
CA THR I 69 -54.57 10.53 -31.84
C THR I 69 -54.16 10.27 -30.40
N ALA I 70 -52.86 10.18 -30.17
CA ALA I 70 -52.31 9.99 -28.84
C ALA I 70 -51.80 11.32 -28.29
N SER I 71 -51.61 11.36 -26.98
CA SER I 71 -51.13 12.56 -26.29
C SER I 71 -50.60 12.13 -24.93
N ILE I 72 -50.07 13.11 -24.19
CA ILE I 72 -49.50 12.84 -22.86
C ILE I 72 -49.59 14.11 -22.04
N ASP I 73 -49.88 13.94 -20.75
CA ASP I 73 -49.92 15.03 -19.78
C ASP I 73 -49.03 14.63 -18.62
N ASN I 74 -47.83 15.19 -18.57
CA ASN I 74 -46.82 14.78 -17.60
C ASN I 74 -47.01 15.43 -16.23
N SER I 75 -47.96 16.36 -16.09
CA SER I 75 -48.27 16.92 -14.79
C SER I 75 -49.15 15.98 -13.97
N LYS I 76 -50.13 15.34 -14.60
CA LYS I 76 -50.98 14.36 -13.96
C LYS I 76 -50.54 12.93 -14.22
N ARG I 77 -49.50 12.73 -15.01
CA ARG I 77 -49.00 11.39 -15.33
C ARG I 77 -50.12 10.54 -15.93
N THR I 78 -50.77 11.04 -16.98
CA THR I 78 -51.90 10.37 -17.60
C THR I 78 -51.64 10.17 -19.09
N LEU I 79 -52.13 9.05 -19.62
CA LEU I 79 -51.98 8.70 -21.03
C LEU I 79 -53.36 8.68 -21.67
N TYR I 80 -53.48 9.28 -22.84
CA TYR I 80 -54.76 9.46 -23.52
C TYR I 80 -54.77 8.79 -24.88
N LEU I 81 -55.97 8.58 -25.40
CA LEU I 81 -56.16 8.08 -26.76
C LEU I 81 -57.55 8.50 -27.21
N GLN I 82 -57.62 9.46 -28.13
CA GLN I 82 -58.89 9.97 -28.63
C GLN I 82 -59.22 9.25 -29.93
N MET I 83 -60.03 8.20 -29.82
CA MET I 83 -60.41 7.42 -30.99
C MET I 83 -61.49 8.13 -31.78
N ASN I 84 -61.61 7.78 -33.07
CA ASN I 84 -62.61 8.35 -33.93
C ASN I 84 -62.91 7.39 -35.07
N SER I 85 -64.12 7.50 -35.61
CA SER I 85 -64.52 6.74 -36.80
C SER I 85 -64.28 5.24 -36.62
N LEU I 86 -64.91 4.67 -35.59
CA LEU I 86 -64.81 3.24 -35.36
C LEU I 86 -65.59 2.48 -36.43
N ARG I 87 -65.11 1.28 -36.76
CA ARG I 87 -65.72 0.45 -37.79
C ARG I 87 -66.01 -0.97 -37.28
N ALA I 88 -65.91 -1.19 -35.97
CA ALA I 88 -66.22 -2.48 -35.35
C ALA I 88 -65.15 -3.53 -35.64
N GLU I 89 -64.15 -3.18 -36.46
CA GLU I 89 -63.07 -4.11 -36.74
C GLU I 89 -62.04 -4.11 -35.60
N ASP I 90 -62.06 -3.08 -34.76
CA ASP I 90 -61.06 -2.92 -33.72
C ASP I 90 -61.50 -3.44 -32.35
N THR I 91 -62.65 -4.11 -32.27
CA THR I 91 -63.12 -4.67 -31.01
C THR I 91 -62.04 -5.56 -30.41
N ALA I 92 -61.48 -5.18 -29.27
CA ALA I 92 -60.35 -5.89 -28.71
C ALA I 92 -60.03 -5.33 -27.33
N VAL I 93 -59.15 -6.05 -26.63
CA VAL I 93 -58.67 -5.59 -25.33
C VAL I 93 -57.48 -4.66 -25.55
N TYR I 94 -57.39 -3.62 -24.73
CA TYR I 94 -56.34 -2.62 -24.84
C TYR I 94 -55.46 -2.63 -23.58
N TYR I 95 -54.19 -2.28 -23.76
CA TYR I 95 -53.23 -2.24 -22.67
C TYR I 95 -52.36 -0.97 -22.80
N CYS I 96 -51.84 -0.52 -21.67
CA CYS I 96 -50.82 0.53 -21.63
C CYS I 96 -49.57 -0.03 -20.96
N ALA I 97 -48.43 0.17 -21.60
CA ALA I 97 -47.19 -0.46 -21.16
C ALA I 97 -46.05 0.56 -21.17
N LYS I 98 -45.01 0.25 -20.39
CA LYS I 98 -43.86 1.12 -20.24
C LYS I 98 -42.61 0.43 -20.79
N ASP I 99 -41.89 1.13 -21.67
CA ASP I 99 -40.66 0.61 -22.27
C ASP I 99 -39.44 1.14 -21.53
N ARG I 100 -38.24 0.91 -22.10
CA ARG I 100 -36.98 1.20 -21.42
C ARG I 100 -36.07 2.15 -22.18
N ASN I 101 -36.60 2.98 -23.09
CA ASN I 101 -35.78 3.90 -23.85
C ASN I 101 -36.56 5.19 -24.11
N TRP I 102 -35.83 6.24 -24.47
CA TRP I 102 -36.42 7.57 -24.54
C TRP I 102 -36.97 7.93 -25.91
N ASP I 103 -36.12 8.05 -26.94
CA ASP I 103 -36.61 8.50 -28.24
C ASP I 103 -37.23 7.34 -29.05
N PRO I 104 -36.50 6.27 -29.38
CA PRO I 104 -37.18 5.07 -29.89
C PRO I 104 -37.76 4.25 -28.76
N PRO I 105 -38.98 3.72 -28.92
CA PRO I 105 -39.56 2.90 -27.84
C PRO I 105 -38.76 1.67 -27.48
N TYR I 106 -38.06 1.06 -28.44
CA TYR I 106 -37.43 -0.24 -28.22
C TYR I 106 -38.49 -1.25 -27.78
N TYR I 107 -38.26 -1.99 -26.69
CA TYR I 107 -39.12 -3.10 -26.30
C TYR I 107 -39.92 -2.73 -25.06
N PHE I 108 -41.20 -3.07 -25.06
CA PHE I 108 -42.06 -2.81 -23.92
C PHE I 108 -41.68 -3.71 -22.76
N ASP I 109 -41.76 -3.18 -21.54
CA ASP I 109 -41.29 -3.89 -20.35
C ASP I 109 -42.41 -4.27 -19.39
N SER I 110 -43.22 -3.32 -18.95
CA SER I 110 -44.24 -3.55 -17.94
C SER I 110 -45.62 -3.23 -18.50
N TRP I 111 -46.63 -3.98 -18.05
CA TRP I 111 -47.99 -3.83 -18.52
C TRP I 111 -48.94 -3.72 -17.33
N GLY I 112 -50.16 -3.25 -17.61
CA GLY I 112 -51.20 -3.14 -16.63
C GLY I 112 -52.25 -4.22 -16.77
N GLN I 113 -53.47 -3.90 -16.36
CA GLN I 113 -54.57 -4.85 -16.42
C GLN I 113 -55.39 -4.73 -17.69
N GLY I 114 -55.48 -3.54 -18.28
CA GLY I 114 -56.20 -3.38 -19.53
C GLY I 114 -57.69 -3.16 -19.34
N THR I 115 -58.38 -3.06 -20.47
CA THR I 115 -59.81 -2.84 -20.48
C THR I 115 -60.38 -3.38 -21.79
N LEU I 116 -61.70 -3.55 -21.81
CA LEU I 116 -62.39 -4.17 -22.94
C LEU I 116 -63.17 -3.12 -23.72
N VAL I 117 -63.05 -3.16 -25.03
CA VAL I 117 -63.81 -2.29 -25.94
C VAL I 117 -64.54 -3.18 -26.94
N THR I 118 -65.83 -2.91 -27.15
CA THR I 118 -66.66 -3.74 -28.01
C THR I 118 -67.61 -2.85 -28.79
N VAL I 119 -67.99 -3.32 -29.97
CA VAL I 119 -68.95 -2.63 -30.84
C VAL I 119 -70.04 -3.62 -31.23
N SER I 120 -71.25 -3.10 -31.43
CA SER I 120 -72.38 -3.93 -31.83
C SER I 120 -73.35 -3.09 -32.64
N SER I 121 -74.21 -3.76 -33.40
CA SER I 121 -75.20 -3.10 -34.22
C SER I 121 -76.37 -2.60 -33.36
N GLY J 1 -15.48 53.90 -8.60
CA GLY J 1 -14.99 52.74 -9.40
C GLY J 1 -16.09 51.77 -9.79
N LEU J 2 -15.86 51.02 -10.86
CA LEU J 2 -16.84 50.06 -11.33
C LEU J 2 -17.07 48.98 -10.28
N ASP J 3 -18.29 48.43 -10.27
CA ASP J 3 -18.62 47.40 -9.29
C ASP J 3 -17.78 46.15 -9.52
N LYS J 4 -17.55 45.39 -8.46
CA LYS J 4 -16.67 44.25 -8.50
C LYS J 4 -17.17 43.17 -7.55
N ILE J 5 -16.79 41.93 -7.85
CA ILE J 5 -17.05 40.79 -6.97
C ILE J 5 -15.91 39.80 -7.12
N CYS J 6 -15.51 39.18 -6.02
CA CYS J 6 -14.36 38.29 -6.00
C CYS J 6 -14.71 36.99 -5.31
N LEU J 7 -13.98 35.94 -5.67
CA LEU J 7 -14.13 34.61 -5.09
C LEU J 7 -12.77 34.11 -4.62
N GLY J 8 -12.77 33.39 -3.51
CA GLY J 8 -11.54 32.85 -2.97
C GLY J 8 -11.77 32.16 -1.65
N HIS J 9 -10.72 31.46 -1.20
CA HIS J 9 -10.77 30.74 0.06
C HIS J 9 -9.98 31.50 1.13
N HIS J 10 -9.91 30.93 2.32
CA HIS J 10 -9.31 31.59 3.47
C HIS J 10 -7.82 31.26 3.58
N ALA J 11 -7.13 32.04 4.41
CA ALA J 11 -5.71 31.84 4.69
C ALA J 11 -5.41 32.32 6.09
N VAL J 12 -4.29 31.84 6.64
CA VAL J 12 -3.87 32.21 7.99
C VAL J 12 -2.43 32.69 7.94
N ALA J 13 -2.04 33.46 8.96
CA ALA J 13 -0.72 34.08 8.96
C ALA J 13 0.38 33.04 9.06
N ASN J 14 0.29 32.13 10.03
CA ASN J 14 1.32 31.12 10.25
C ASN J 14 0.70 29.74 10.02
N GLY J 15 1.38 28.92 9.25
CA GLY J 15 0.87 27.62 8.85
C GLY J 15 1.57 26.46 9.50
N THR J 16 1.37 25.27 8.95
CA THR J 16 1.97 24.04 9.46
C THR J 16 2.55 23.26 8.29
N ILE J 17 3.53 22.42 8.59
CA ILE J 17 4.29 21.69 7.58
C ILE J 17 3.81 20.26 7.53
N VAL J 18 3.44 19.79 6.34
CA VAL J 18 2.99 18.42 6.11
C VAL J 18 3.66 17.88 4.87
N LYS J 19 3.75 16.55 4.79
CA LYS J 19 4.37 15.91 3.63
C LYS J 19 3.34 15.73 2.51
N THR J 20 3.85 15.40 1.32
CA THR J 20 3.02 15.14 0.16
C THR J 20 3.88 14.50 -0.91
N LEU J 21 3.26 14.17 -2.05
CA LEU J 21 3.95 13.46 -3.11
C LEU J 21 4.91 14.35 -3.89
N THR J 22 4.69 15.67 -3.93
CA THR J 22 5.50 16.55 -4.74
C THR J 22 6.37 17.40 -3.84
N ASN J 23 5.79 18.16 -2.91
CA ASN J 23 6.60 18.98 -2.01
C ASN J 23 7.01 18.16 -0.79
N GLU J 24 8.15 18.54 -0.20
CA GLU J 24 8.64 17.91 1.01
C GLU J 24 8.28 18.69 2.27
N GLN J 25 8.03 20.00 2.16
CA GLN J 25 7.49 20.80 3.25
C GLN J 25 6.41 21.72 2.65
N GLU J 26 5.16 21.30 2.81
CA GLU J 26 4.04 22.02 2.20
C GLU J 26 3.31 22.84 3.27
N GLU J 27 2.77 23.98 2.83
CA GLU J 27 2.09 24.91 3.72
C GLU J 27 0.58 24.69 3.62
N VAL J 28 -0.05 24.42 4.76
CA VAL J 28 -1.49 24.20 4.84
C VAL J 28 -2.04 24.97 6.03
N THR J 29 -3.36 25.21 6.01
CA THR J 29 -3.98 25.99 7.06
C THR J 29 -4.18 25.19 8.34
N ASN J 30 -4.20 23.85 8.25
CA ASN J 30 -4.57 23.04 9.40
C ASN J 30 -3.93 21.66 9.23
N ALA J 31 -3.72 21.00 10.36
CA ALA J 31 -3.15 19.66 10.37
C ALA J 31 -3.33 19.04 11.75
N THR J 32 -3.42 17.72 11.78
CA THR J 32 -3.59 16.97 13.02
C THR J 32 -2.64 15.79 13.04
N GLU J 33 -1.89 15.66 14.13
CA GLU J 33 -0.96 14.54 14.26
C GLU J 33 -1.74 13.24 14.44
N THR J 34 -1.31 12.19 13.75
CA THR J 34 -2.02 10.92 13.77
C THR J 34 -1.46 9.95 14.81
N VAL J 35 -0.26 10.19 15.32
CA VAL J 35 0.44 9.25 16.20
C VAL J 35 0.24 9.69 17.64
N GLU J 36 -0.37 8.82 18.43
CA GLU J 36 -0.45 9.05 19.87
C GLU J 36 0.93 8.85 20.49
N SER J 37 1.28 9.73 21.44
CA SER J 37 2.60 9.68 22.04
C SER J 37 2.58 9.84 23.56
N THR J 38 1.40 9.71 24.19
CA THR J 38 1.31 9.75 25.64
C THR J 38 0.17 8.83 26.08
N GLY J 39 0.41 8.09 27.15
CA GLY J 39 -0.56 7.15 27.65
C GLY J 39 -0.60 7.14 29.17
N ILE J 40 -1.68 6.57 29.71
CA ILE J 40 -1.83 6.49 31.15
C ILE J 40 -0.69 5.66 31.72
N ASN J 41 -0.17 6.07 32.88
CA ASN J 41 0.91 5.35 33.52
C ASN J 41 0.36 4.39 34.57
N ARG J 42 -0.87 3.93 34.37
CA ARG J 42 -1.56 3.08 35.33
C ARG J 42 -2.41 2.08 34.59
N LEU J 43 -2.61 0.91 35.19
CA LEU J 43 -3.47 -0.12 34.61
C LEU J 43 -4.91 0.13 35.06
N CYS J 44 -5.81 0.28 34.10
CA CYS J 44 -7.23 0.40 34.38
C CYS J 44 -7.93 -0.91 34.08
N MET J 45 -8.81 -1.33 34.99
CA MET J 45 -9.35 -2.69 34.93
C MET J 45 -10.83 -2.75 35.26
N LYS J 46 -11.60 -1.71 34.93
CA LYS J 46 -13.03 -1.75 35.19
C LYS J 46 -13.71 -2.79 34.32
N GLY J 47 -14.72 -3.44 34.88
CA GLY J 47 -15.49 -4.44 34.16
C GLY J 47 -14.86 -5.81 34.20
N ARG J 48 -13.55 -5.87 33.96
CA ARG J 48 -12.85 -7.15 33.98
C ARG J 48 -12.78 -7.71 35.39
N LYS J 49 -12.94 -9.03 35.50
CA LYS J 49 -12.87 -9.72 36.79
C LYS J 49 -11.41 -10.08 37.08
N HIS J 50 -10.58 -9.04 37.16
CA HIS J 50 -9.14 -9.21 37.17
C HIS J 50 -8.67 -9.90 38.44
N LYS J 51 -7.57 -10.65 38.30
CA LYS J 51 -6.84 -11.23 39.42
C LYS J 51 -5.41 -10.72 39.38
N ASP J 52 -4.96 -10.12 40.48
CA ASP J 52 -3.60 -9.62 40.60
C ASP J 52 -2.79 -10.61 41.42
N LEU J 53 -1.72 -11.15 40.83
CA LEU J 53 -0.94 -12.19 41.46
C LEU J 53 0.12 -11.66 42.42
N GLY J 54 0.39 -10.36 42.40
CA GLY J 54 1.36 -9.79 43.33
C GLY J 54 2.73 -10.42 43.21
N ASN J 55 3.11 -11.22 44.20
CA ASN J 55 4.40 -11.89 44.23
C ASN J 55 4.34 -13.32 43.72
N CYS J 56 3.25 -13.72 43.05
CA CYS J 56 3.02 -15.09 42.65
C CYS J 56 3.34 -15.25 41.16
N HIS J 57 4.21 -16.19 40.85
CA HIS J 57 4.54 -16.49 39.46
C HIS J 57 3.48 -17.43 38.87
N PRO J 58 2.84 -17.07 37.74
CA PRO J 58 1.82 -17.95 37.16
C PRO J 58 2.15 -19.43 37.18
N ILE J 59 3.43 -19.79 37.04
CA ILE J 59 3.81 -21.19 37.13
C ILE J 59 3.55 -21.72 38.53
N GLY J 60 3.77 -20.88 39.55
CA GLY J 60 3.60 -21.33 40.92
C GLY J 60 2.16 -21.50 41.33
N MET J 61 1.24 -20.82 40.64
CA MET J 61 -0.17 -20.93 40.99
C MET J 61 -0.74 -22.30 40.64
N LEU J 62 -0.07 -23.06 39.77
CA LEU J 62 -0.51 -24.39 39.40
C LEU J 62 0.09 -25.47 40.30
N ILE J 63 1.02 -25.13 41.18
CA ILE J 63 1.68 -26.09 42.05
C ILE J 63 1.55 -25.65 43.50
N GLY J 64 1.23 -24.38 43.71
CA GLY J 64 0.95 -23.88 45.05
C GLY J 64 2.18 -23.58 45.87
N THR J 65 3.05 -22.72 45.36
CA THR J 65 4.14 -22.21 46.18
C THR J 65 3.58 -21.27 47.25
N PRO J 66 4.26 -21.14 48.39
CA PRO J 66 3.68 -20.36 49.49
C PRO J 66 3.24 -18.96 49.09
N ALA J 67 3.99 -18.28 48.21
CA ALA J 67 3.58 -16.96 47.76
C ALA J 67 2.23 -17.00 47.04
N CYS J 68 1.84 -18.14 46.49
CA CYS J 68 0.56 -18.29 45.83
C CYS J 68 -0.48 -19.01 46.68
N ASP J 69 -0.24 -19.16 47.98
CA ASP J 69 -1.11 -19.96 48.82
C ASP J 69 -2.52 -19.40 48.89
N LEU J 70 -2.66 -18.07 48.90
CA LEU J 70 -3.95 -17.46 49.19
C LEU J 70 -4.96 -17.68 48.06
N HIS J 71 -4.53 -17.91 46.83
CA HIS J 71 -5.47 -18.06 45.71
C HIS J 71 -4.87 -19.03 44.69
N LEU J 72 -5.39 -20.26 44.68
CA LEU J 72 -5.08 -21.20 43.61
C LEU J 72 -6.24 -21.27 42.62
N THR J 73 -7.43 -21.58 43.12
CA THR J 73 -8.62 -21.62 42.28
C THR J 73 -9.12 -20.21 42.01
N GLY J 74 -9.89 -20.07 40.94
CA GLY J 74 -10.48 -18.79 40.61
C GLY J 74 -10.92 -18.76 39.16
N MET J 75 -11.69 -17.71 38.85
CA MET J 75 -12.15 -17.47 37.49
C MET J 75 -11.86 -16.01 37.14
N TRP J 76 -11.57 -15.77 35.87
CA TRP J 76 -11.16 -14.43 35.44
C TRP J 76 -11.21 -14.36 33.92
N ASP J 77 -10.90 -13.17 33.41
CA ASP J 77 -10.65 -12.96 31.99
C ASP J 77 -9.43 -12.08 31.76
N THR J 78 -8.66 -11.84 32.82
CA THR J 78 -7.44 -11.03 32.72
C THR J 78 -6.56 -11.37 33.91
N LEU J 79 -5.38 -11.93 33.64
CA LEU J 79 -4.45 -12.35 34.69
C LEU J 79 -3.23 -11.43 34.64
N ILE J 80 -2.90 -10.83 35.78
CA ILE J 80 -1.83 -9.84 35.88
C ILE J 80 -0.63 -10.47 36.55
N GLU J 81 0.55 -10.26 35.96
CA GLU J 81 1.81 -10.76 36.50
C GLU J 81 2.75 -9.60 36.78
N ARG J 82 3.58 -9.75 37.81
CA ARG J 82 4.46 -8.69 38.27
C ARG J 82 5.91 -9.09 38.11
N GLU J 83 6.80 -8.13 38.33
CA GLU J 83 8.23 -8.35 38.14
C GLU J 83 8.79 -9.33 39.16
N ASN J 84 9.85 -10.04 38.76
CA ASN J 84 10.63 -10.90 39.65
C ASN J 84 9.76 -11.69 40.62
N ALA J 85 8.64 -12.24 40.11
CA ALA J 85 7.78 -13.07 40.96
C ALA J 85 8.54 -14.28 41.47
N ILE J 86 8.28 -14.63 42.73
CA ILE J 86 8.95 -15.75 43.38
C ILE J 86 8.16 -17.01 43.03
N ALA J 87 8.75 -17.86 42.18
CA ALA J 87 8.08 -19.07 41.73
C ALA J 87 8.47 -20.28 42.58
N TYR J 88 9.77 -20.54 42.66
CA TYR J 88 10.28 -21.76 43.29
C TYR J 88 10.87 -21.42 44.66
N CYS J 89 10.15 -21.76 45.73
CA CYS J 89 10.75 -21.71 47.05
C CYS J 89 11.87 -22.74 47.16
N TYR J 90 11.64 -23.94 46.63
CA TYR J 90 12.71 -24.92 46.46
C TYR J 90 13.26 -24.83 45.04
N PRO J 91 14.55 -24.58 44.86
CA PRO J 91 15.07 -24.25 43.53
C PRO J 91 14.82 -25.36 42.51
N GLY J 92 14.52 -24.96 41.29
CA GLY J 92 14.28 -25.91 40.22
C GLY J 92 13.79 -25.20 38.98
N ALA J 93 13.53 -25.99 37.95
CA ALA J 93 13.03 -25.48 36.68
C ALA J 93 12.26 -26.59 35.97
N THR J 94 11.48 -26.19 34.97
CA THR J 94 10.62 -27.10 34.22
C THR J 94 11.03 -27.13 32.76
N VAL J 95 10.91 -28.31 32.15
CA VAL J 95 11.27 -28.47 30.74
C VAL J 95 10.19 -27.84 29.87
N ASN J 96 10.62 -27.15 28.82
CA ASN J 96 9.72 -26.44 27.92
C ASN J 96 8.80 -25.48 28.67
N VAL J 97 9.34 -24.79 29.67
CA VAL J 97 8.51 -23.92 30.51
C VAL J 97 7.87 -22.81 29.71
N GLU J 98 8.55 -22.34 28.66
CA GLU J 98 8.00 -21.25 27.85
C GLU J 98 6.72 -21.65 27.13
N ALA J 99 6.42 -22.95 27.04
CA ALA J 99 5.14 -23.36 26.47
C ALA J 99 4.05 -23.39 27.53
N LEU J 100 4.39 -23.85 28.74
CA LEU J 100 3.40 -23.95 29.81
C LEU J 100 2.90 -22.58 30.24
N ARG J 101 3.81 -21.60 30.36
CA ARG J 101 3.43 -20.30 30.90
C ARG J 101 2.39 -19.63 30.02
N GLN J 102 2.59 -19.62 28.70
CA GLN J 102 1.65 -18.97 27.82
C GLN J 102 0.29 -19.66 27.86
N LYS J 103 0.27 -20.98 28.08
CA LYS J 103 -0.99 -21.69 28.19
C LYS J 103 -1.80 -21.18 29.38
N ILE J 104 -1.15 -21.03 30.53
CA ILE J 104 -1.85 -20.51 31.71
C ILE J 104 -2.26 -19.06 31.49
N MET J 105 -1.36 -18.26 30.90
CA MET J 105 -1.65 -16.85 30.66
C MET J 105 -2.72 -16.64 29.60
N GLU J 106 -3.16 -17.71 28.93
CA GLU J 106 -4.23 -17.63 27.94
C GLU J 106 -5.54 -18.26 28.42
N SER J 107 -5.52 -19.02 29.51
CA SER J 107 -6.70 -19.71 29.98
C SER J 107 -7.62 -18.75 30.73
N GLY J 108 -8.81 -19.26 31.08
CA GLY J 108 -9.82 -18.46 31.73
C GLY J 108 -10.21 -18.96 33.11
N GLY J 109 -9.23 -19.41 33.89
CA GLY J 109 -9.50 -19.91 35.23
C GLY J 109 -9.15 -21.38 35.37
N ILE J 110 -8.77 -21.75 36.59
CA ILE J 110 -8.27 -23.08 36.90
C ILE J 110 -9.18 -23.71 37.96
N ASN J 111 -9.78 -24.84 37.61
CA ASN J 111 -10.50 -25.66 38.57
C ASN J 111 -9.54 -26.73 39.11
N LYS J 112 -10.05 -27.74 39.82
CA LYS J 112 -9.20 -28.77 40.39
C LYS J 112 -10.01 -30.07 40.52
N ILE J 113 -9.29 -31.18 40.66
CA ILE J 113 -9.88 -32.46 41.03
C ILE J 113 -8.81 -33.26 41.74
N SER J 114 -9.20 -33.99 42.78
CA SER J 114 -8.25 -34.73 43.60
C SER J 114 -7.79 -35.99 42.89
N THR J 115 -6.51 -36.32 43.07
CA THR J 115 -5.94 -37.50 42.43
C THR J 115 -6.62 -38.77 42.92
N GLY J 116 -6.85 -38.87 44.22
CA GLY J 116 -7.30 -40.12 44.82
C GLY J 116 -6.19 -41.10 45.11
N PHE J 117 -4.94 -40.69 44.92
CA PHE J 117 -3.81 -41.58 45.15
C PHE J 117 -3.71 -41.96 46.62
N THR J 118 -3.29 -43.19 46.88
CA THR J 118 -3.04 -43.66 48.23
C THR J 118 -1.73 -44.43 48.24
N TYR J 119 -1.08 -44.46 49.40
CA TYR J 119 0.26 -44.99 49.52
C TYR J 119 0.35 -45.90 50.74
N GLY J 120 1.34 -46.81 50.70
CA GLY J 120 1.46 -47.81 51.73
C GLY J 120 2.11 -47.29 53.00
N SER J 121 2.28 -48.20 53.95
CA SER J 121 2.84 -47.85 55.25
C SER J 121 4.29 -47.40 55.16
N SER J 122 5.06 -47.90 54.19
CA SER J 122 6.46 -47.55 54.05
C SER J 122 6.68 -46.24 53.31
N ILE J 123 5.64 -45.67 52.71
CA ILE J 123 5.73 -44.39 52.03
C ILE J 123 5.03 -43.34 52.87
N ASN J 124 5.55 -42.12 52.82
CA ASN J 124 5.01 -41.03 53.62
C ASN J 124 5.26 -39.72 52.88
N SER J 125 4.86 -38.61 53.48
CA SER J 125 5.10 -37.27 52.92
C SER J 125 5.54 -36.32 54.03
N ALA J 126 6.40 -36.81 54.93
CA ALA J 126 6.81 -36.04 56.09
C ALA J 126 7.94 -35.08 55.80
N GLY J 127 8.55 -35.13 54.62
CA GLY J 127 9.67 -34.25 54.33
C GLY J 127 9.25 -32.80 54.39
N THR J 128 10.15 -31.96 54.92
CA THR J 128 9.94 -30.52 55.02
C THR J 128 11.18 -29.80 54.55
N THR J 129 10.99 -28.62 53.98
CA THR J 129 12.08 -27.80 53.47
C THR J 129 11.99 -26.41 54.11
N ARG J 130 13.15 -25.91 54.57
CA ARG J 130 13.22 -24.59 55.17
C ARG J 130 13.10 -23.47 54.14
N ALA J 131 13.14 -23.79 52.84
CA ALA J 131 13.16 -22.78 51.81
C ALA J 131 11.79 -22.19 51.51
N CYS J 132 10.71 -22.77 52.03
CA CYS J 132 9.35 -22.35 51.74
C CYS J 132 8.73 -21.79 53.01
N MET J 133 8.04 -20.66 52.89
CA MET J 133 7.65 -19.84 54.04
C MET J 133 6.23 -20.18 54.45
N ARG J 134 6.09 -20.96 55.53
CA ARG J 134 4.81 -21.18 56.18
C ARG J 134 5.02 -21.58 57.63
N ASN J 135 4.50 -20.76 58.55
CA ASN J 135 4.49 -21.09 59.98
C ASN J 135 5.89 -21.47 60.48
N GLY J 136 6.89 -20.67 60.15
CA GLY J 136 8.24 -20.87 60.59
C GLY J 136 9.17 -21.48 59.55
N GLY J 137 8.62 -22.06 58.48
CA GLY J 137 9.44 -22.57 57.39
C GLY J 137 9.15 -24.02 57.03
N ASN J 138 8.81 -24.83 58.03
CA ASN J 138 8.56 -26.25 57.78
C ASN J 138 7.28 -26.42 56.97
N SER J 139 7.43 -26.73 55.69
CA SER J 139 6.28 -26.87 54.78
C SER J 139 6.80 -27.35 53.44
N PHE J 140 5.88 -27.53 52.49
CA PHE J 140 6.20 -27.91 51.12
C PHE J 140 5.10 -27.33 50.23
N TYR J 141 5.25 -27.50 48.92
CA TYR J 141 4.24 -27.02 47.99
C TYR J 141 2.85 -27.52 48.40
N ALA J 142 1.82 -26.79 47.95
CA ALA J 142 0.47 -27.07 48.40
C ALA J 142 -0.10 -28.36 47.82
N GLU J 143 0.24 -28.66 46.56
CA GLU J 143 -0.40 -29.79 45.87
C GLU J 143 0.63 -30.72 45.23
N LEU J 144 1.74 -30.99 45.92
CA LEU J 144 2.69 -32.02 45.51
C LEU J 144 3.29 -32.64 46.75
N LYS J 145 3.52 -33.95 46.69
CA LYS J 145 3.97 -34.73 47.84
C LYS J 145 5.40 -35.21 47.60
N TRP J 146 6.29 -34.90 48.53
CA TRP J 146 7.70 -35.30 48.45
C TRP J 146 7.83 -36.62 49.20
N LEU J 147 7.73 -37.72 48.45
CA LEU J 147 7.79 -39.04 49.05
C LEU J 147 9.20 -39.35 49.53
N VAL J 148 9.29 -40.04 50.67
CA VAL J 148 10.55 -40.51 51.23
C VAL J 148 10.26 -41.78 52.01
N SER J 149 11.33 -42.49 52.38
CA SER J 149 11.18 -43.76 53.08
C SER J 149 10.72 -43.54 54.52
N LYS J 150 9.99 -44.53 55.04
CA LYS J 150 9.55 -44.50 56.42
C LYS J 150 10.74 -44.54 57.38
N SER J 151 11.52 -45.60 57.32
CA SER J 151 12.65 -45.76 58.22
C SER J 151 13.94 -45.27 57.57
N LYS J 152 15.00 -45.22 58.37
CA LYS J 152 16.32 -44.83 57.87
C LYS J 152 17.11 -46.08 57.50
N GLY J 153 17.68 -46.07 56.30
CA GLY J 153 18.46 -47.19 55.83
C GLY J 153 17.69 -48.28 55.13
N GLN J 154 16.48 -47.98 54.67
CA GLN J 154 15.65 -48.95 53.96
C GLN J 154 15.20 -48.35 52.63
N ASN J 155 14.99 -49.21 51.64
CA ASN J 155 14.84 -48.78 50.26
C ASN J 155 13.39 -48.41 49.95
N PHE J 156 13.23 -47.73 48.82
CA PHE J 156 11.90 -47.31 48.38
C PHE J 156 11.24 -48.44 47.59
N PRO J 157 10.02 -48.85 47.94
CA PRO J 157 9.41 -49.98 47.25
C PRO J 157 9.05 -49.65 45.80
N GLN J 158 8.88 -50.70 45.00
CA GLN J 158 8.46 -50.58 43.61
C GLN J 158 6.96 -50.41 43.52
N THR J 159 6.44 -49.23 43.82
CA THR J 159 5.01 -48.99 43.85
C THR J 159 4.53 -48.45 42.52
N THR J 160 3.50 -49.09 41.96
CA THR J 160 2.87 -48.61 40.74
C THR J 160 1.59 -47.85 41.07
N ASN J 161 1.30 -46.82 40.29
CA ASN J 161 0.14 -45.98 40.52
C ASN J 161 -0.48 -45.62 39.18
N THR J 162 -1.81 -45.47 39.18
CA THR J 162 -2.54 -45.18 37.94
C THR J 162 -3.59 -44.11 38.22
N TYR J 163 -3.95 -43.39 37.16
CA TYR J 163 -4.94 -42.34 37.21
C TYR J 163 -5.92 -42.51 36.05
N ARG J 164 -7.18 -42.14 36.30
CA ARG J 164 -8.23 -42.26 35.31
C ARG J 164 -9.00 -40.95 35.21
N ASN J 165 -9.48 -40.66 34.01
CA ASN J 165 -10.24 -39.44 33.73
C ASN J 165 -11.69 -39.81 33.43
N THR J 166 -12.62 -39.17 34.14
CA THR J 166 -14.04 -39.38 33.92
C THR J 166 -14.78 -38.09 33.59
N ASP J 167 -14.07 -36.98 33.49
CA ASP J 167 -14.68 -35.70 33.15
C ASP J 167 -14.91 -35.61 31.64
N THR J 168 -15.51 -34.51 31.21
CA THR J 168 -15.79 -34.26 29.81
C THR J 168 -14.79 -33.32 29.16
N ALA J 169 -13.67 -33.04 29.83
CA ALA J 169 -12.70 -32.09 29.31
C ALA J 169 -11.29 -32.58 29.63
N GLU J 170 -10.32 -32.06 28.87
CA GLU J 170 -8.93 -32.45 29.06
C GLU J 170 -8.38 -31.84 30.35
N HIS J 171 -7.43 -32.54 30.96
CA HIS J 171 -6.77 -32.09 32.18
C HIS J 171 -5.30 -31.80 31.90
N LEU J 172 -4.57 -31.46 32.96
CA LEU J 172 -3.14 -31.16 32.86
C LEU J 172 -2.50 -31.60 34.16
N ILE J 173 -1.68 -32.65 34.11
CA ILE J 173 -1.11 -33.28 35.29
C ILE J 173 0.37 -32.94 35.35
N MET J 174 0.83 -32.51 36.52
CA MET J 174 2.21 -32.14 36.74
C MET J 174 2.84 -33.06 37.79
N TRP J 175 4.14 -33.32 37.62
CA TRP J 175 4.91 -34.09 38.60
C TRP J 175 6.36 -33.66 38.52
N GLY J 176 7.12 -33.98 39.57
CA GLY J 176 8.50 -33.58 39.64
C GLY J 176 9.45 -34.69 40.02
N ILE J 177 10.72 -34.53 39.66
CA ILE J 177 11.78 -35.48 40.00
C ILE J 177 12.88 -34.73 40.74
N HIS J 178 13.44 -35.37 41.76
CA HIS J 178 14.35 -34.73 42.69
C HIS J 178 15.78 -35.21 42.42
N HIS J 179 16.70 -34.25 42.31
CA HIS J 179 18.12 -34.54 42.10
C HIS J 179 18.89 -34.34 43.40
N PRO J 180 19.21 -35.40 44.14
CA PRO J 180 20.02 -35.23 45.36
C PRO J 180 21.38 -34.66 45.03
N SER J 181 21.90 -33.83 45.93
CA SER J 181 23.11 -33.06 45.68
C SER J 181 24.38 -33.75 46.17
N SER J 182 24.26 -34.89 46.86
CA SER J 182 25.44 -35.61 47.32
C SER J 182 25.06 -37.06 47.58
N THR J 183 26.06 -37.93 47.48
CA THR J 183 25.82 -39.36 47.67
C THR J 183 25.24 -39.63 49.06
N GLN J 184 25.64 -38.85 50.06
CA GLN J 184 25.14 -39.05 51.42
C GLN J 184 23.64 -38.82 51.52
N GLU J 185 23.03 -38.18 50.52
CA GLU J 185 21.61 -37.87 50.57
C GLU J 185 20.77 -39.04 50.08
N LYS J 186 21.06 -39.55 48.88
CA LYS J 186 20.12 -40.45 48.22
C LYS J 186 19.94 -41.76 48.98
N ASN J 187 21.02 -42.32 49.53
CA ASN J 187 20.90 -43.61 50.21
C ASN J 187 19.99 -43.50 51.43
N ASP J 188 20.03 -42.37 52.14
CA ASP J 188 19.18 -42.19 53.31
C ASP J 188 17.73 -42.01 52.88
N LEU J 189 17.49 -41.24 51.81
CA LEU J 189 16.12 -40.88 51.44
C LEU J 189 15.42 -42.02 50.70
N TYR J 190 16.07 -42.57 49.68
CA TYR J 190 15.42 -43.51 48.77
C TYR J 190 15.98 -44.92 48.80
N GLY J 191 17.27 -45.10 49.00
CA GLY J 191 17.88 -46.41 49.03
C GLY J 191 19.18 -46.44 48.22
N THR J 192 19.78 -47.64 48.21
CA THR J 192 21.07 -47.84 47.58
C THR J 192 20.99 -48.37 46.15
N GLN J 193 19.80 -48.71 45.66
CA GLN J 193 19.68 -49.27 44.32
C GLN J 193 19.65 -48.15 43.29
N SER J 194 19.74 -48.54 42.02
CA SER J 194 19.71 -47.59 40.91
C SER J 194 18.26 -47.18 40.67
N LEU J 195 17.97 -45.90 40.92
CA LEU J 195 16.60 -45.42 40.83
C LEU J 195 16.17 -45.23 39.38
N SER J 196 14.86 -45.27 39.16
CA SER J 196 14.31 -45.08 37.82
C SER J 196 12.85 -44.67 37.94
N ILE J 197 12.33 -44.07 36.86
CA ILE J 197 10.93 -43.71 36.77
C ILE J 197 10.52 -43.74 35.31
N SER J 198 9.32 -44.25 35.06
CA SER J 198 8.76 -44.27 33.71
C SER J 198 7.30 -43.81 33.78
N VAL J 199 6.90 -43.04 32.78
CA VAL J 199 5.55 -42.50 32.69
C VAL J 199 4.97 -42.87 31.33
N GLY J 200 3.77 -43.44 31.34
CA GLY J 200 3.15 -43.83 30.09
C GLY J 200 1.64 -43.66 30.07
N SER J 201 1.16 -42.85 29.14
CA SER J 201 -0.26 -42.75 28.81
C SER J 201 -0.50 -43.49 27.50
N SER J 202 -1.71 -43.39 26.95
CA SER J 202 -2.00 -43.91 25.62
C SER J 202 -1.52 -42.96 24.53
N THR J 203 -0.87 -41.85 24.91
CA THR J 203 -0.37 -40.88 23.94
C THR J 203 1.03 -40.41 24.29
N TYR J 204 1.49 -40.69 25.52
CA TYR J 204 2.75 -40.14 26.02
C TYR J 204 3.62 -41.26 26.58
N ARG J 205 4.94 -41.06 26.49
CA ARG J 205 5.90 -42.04 26.98
C ARG J 205 7.23 -41.34 27.23
N ASN J 206 7.85 -41.63 28.37
CA ASN J 206 9.12 -41.02 28.73
C ASN J 206 9.75 -41.79 29.88
N ASN J 207 10.96 -41.39 30.24
CA ASN J 207 11.72 -42.05 31.30
C ASN J 207 12.75 -41.07 31.85
N PHE J 208 12.98 -41.15 33.16
CA PHE J 208 13.93 -40.27 33.82
C PHE J 208 14.75 -41.08 34.82
N VAL J 209 15.88 -40.51 35.23
CA VAL J 209 16.78 -41.17 36.17
C VAL J 209 17.40 -40.13 37.11
N PRO J 210 17.38 -40.34 38.42
CA PRO J 210 18.10 -39.42 39.32
C PRO J 210 19.60 -39.50 39.10
N VAL J 211 20.28 -38.37 39.34
CA VAL J 211 21.74 -38.28 39.25
C VAL J 211 22.23 -37.34 40.32
N VAL J 212 23.45 -37.57 40.80
CA VAL J 212 23.99 -36.85 41.96
C VAL J 212 25.38 -36.34 41.64
N GLY J 213 25.77 -35.29 42.32
CA GLY J 213 27.08 -34.69 42.15
C GLY J 213 27.18 -33.36 42.89
N ALA J 214 28.40 -32.83 42.96
CA ALA J 214 28.63 -31.57 43.64
C ALA J 214 27.91 -30.44 42.92
N ARG J 215 27.44 -29.47 43.70
CA ARG J 215 26.66 -28.35 43.16
C ARG J 215 26.87 -27.15 44.06
N PRO J 216 26.61 -25.94 43.56
CA PRO J 216 26.78 -24.74 44.40
C PRO J 216 25.76 -24.69 45.53
N GLN J 217 25.83 -23.59 46.28
CA GLN J 217 24.88 -23.31 47.34
C GLN J 217 23.85 -22.27 46.88
N VAL J 218 22.62 -22.44 47.35
CA VAL J 218 21.53 -21.55 47.00
C VAL J 218 20.60 -21.42 48.20
N ASN J 219 19.63 -20.51 48.12
CA ASN J 219 18.75 -20.22 49.25
C ASN J 219 17.93 -21.43 49.70
N GLY J 220 17.80 -22.46 48.87
CA GLY J 220 16.94 -23.58 49.16
C GLY J 220 17.69 -24.88 49.35
N GLN J 221 18.77 -24.84 50.12
CA GLN J 221 19.63 -26.01 50.32
C GLN J 221 20.39 -26.31 49.03
N SER J 222 21.20 -27.37 49.05
CA SER J 222 21.93 -27.82 47.87
C SER J 222 21.16 -28.95 47.22
N GLY J 223 20.78 -28.76 45.96
CA GLY J 223 20.00 -29.75 45.24
C GLY J 223 19.03 -29.06 44.30
N ARG J 224 18.43 -29.88 43.43
CA ARG J 224 17.50 -29.40 42.43
C ARG J 224 16.39 -30.41 42.24
N ILE J 225 15.24 -29.93 41.77
CA ILE J 225 14.15 -30.77 41.30
C ILE J 225 13.62 -30.18 40.01
N ASP J 226 13.39 -31.03 39.01
CA ASP J 226 12.86 -30.60 37.73
C ASP J 226 11.47 -31.22 37.53
N PHE J 227 10.58 -30.44 36.94
CA PHE J 227 9.18 -30.82 36.79
C PHE J 227 8.87 -31.20 35.35
N HIS J 228 7.86 -32.07 35.20
CA HIS J 228 7.40 -32.52 33.90
C HIS J 228 5.88 -32.55 33.91
N TRP J 229 5.29 -32.54 32.71
CA TRP J 229 3.84 -32.44 32.60
C TRP J 229 3.40 -33.04 31.27
N THR J 230 2.10 -33.33 31.20
CA THR J 230 1.48 -33.87 29.99
C THR J 230 -0.02 -33.65 30.07
N LEU J 231 -0.68 -33.70 28.91
CA LEU J 231 -2.12 -33.57 28.85
C LEU J 231 -2.77 -34.95 28.86
N VAL J 232 -4.01 -35.01 29.35
CA VAL J 232 -4.77 -36.24 29.44
C VAL J 232 -6.13 -36.02 28.81
N GLN J 233 -6.57 -36.99 28.01
CA GLN J 233 -7.81 -36.89 27.25
C GLN J 233 -8.97 -37.47 28.05
N PRO J 234 -10.21 -37.09 27.73
CA PRO J 234 -11.35 -37.72 28.39
C PRO J 234 -11.42 -39.20 28.07
N GLY J 235 -11.89 -39.98 29.04
CA GLY J 235 -11.90 -41.42 28.88
C GLY J 235 -10.54 -42.01 28.66
N ASP J 236 -9.52 -41.47 29.33
CA ASP J 236 -8.13 -41.88 29.14
C ASP J 236 -7.50 -42.17 30.50
N ASN J 237 -6.41 -42.93 30.49
CA ASN J 237 -5.69 -43.26 31.71
C ASN J 237 -4.26 -42.73 31.59
N ILE J 238 -3.55 -42.78 32.71
CA ILE J 238 -2.11 -42.51 32.74
C ILE J 238 -1.54 -43.22 33.96
N THR J 239 -0.43 -43.93 33.77
CA THR J 239 0.13 -44.79 34.80
C THR J 239 1.53 -44.33 35.17
N PHE J 240 1.85 -44.38 36.46
CA PHE J 240 3.16 -44.03 36.98
C PHE J 240 3.79 -45.28 37.60
N SER J 241 4.98 -45.63 37.12
CA SER J 241 5.80 -46.68 37.71
C SER J 241 7.09 -46.05 38.20
N HIS J 242 7.39 -46.24 39.49
CA HIS J 242 8.49 -45.51 40.09
C HIS J 242 8.94 -46.18 41.38
N ASN J 243 10.24 -46.09 41.64
CA ASN J 243 10.78 -46.26 42.98
C ASN J 243 11.70 -45.12 43.40
N GLY J 244 11.98 -44.18 42.49
CA GLY J 244 12.82 -43.05 42.83
C GLY J 244 12.04 -41.89 43.43
N GLY J 245 12.74 -40.77 43.55
CA GLY J 245 12.17 -39.61 44.21
C GLY J 245 11.13 -38.89 43.39
N LEU J 246 10.04 -39.58 43.05
CA LEU J 246 8.94 -38.93 42.36
C LEU J 246 8.26 -37.95 43.29
N ILE J 247 8.22 -36.68 42.90
CA ILE J 247 7.44 -35.69 43.65
C ILE J 247 6.01 -35.82 43.17
N ALA J 248 5.27 -36.72 43.82
CA ALA J 248 4.00 -37.19 43.28
C ALA J 248 2.90 -36.14 43.50
N PRO J 249 2.13 -35.81 42.47
CA PRO J 249 0.98 -34.92 42.68
C PRO J 249 -0.09 -35.58 43.53
N SER J 250 -0.77 -34.75 44.33
CA SER J 250 -1.94 -35.19 45.07
C SER J 250 -3.22 -34.50 44.63
N ARG J 251 -3.14 -33.32 44.03
CA ARG J 251 -4.27 -32.67 43.40
C ARG J 251 -3.83 -32.15 42.03
N VAL J 252 -4.63 -32.45 41.01
CA VAL J 252 -4.28 -32.15 39.63
C VAL J 252 -5.09 -30.94 39.18
N SER J 253 -4.55 -30.21 38.21
CA SER J 253 -5.17 -28.98 37.73
C SER J 253 -6.12 -29.28 36.57
N LYS J 254 -6.93 -28.27 36.23
CA LYS J 254 -7.83 -28.34 35.11
C LYS J 254 -8.11 -26.93 34.62
N LEU J 255 -8.08 -26.75 33.30
CA LEU J 255 -8.20 -25.44 32.67
C LEU J 255 -9.49 -25.37 31.86
N ILE J 256 -10.23 -24.27 32.03
CA ILE J 256 -11.48 -24.05 31.33
C ILE J 256 -11.55 -22.60 30.85
N GLY J 257 -12.36 -22.38 29.82
CA GLY J 257 -12.58 -21.04 29.31
C GLY J 257 -11.33 -20.45 28.70
N ARG J 258 -11.30 -19.13 28.65
CA ARG J 258 -10.14 -18.40 28.12
C ARG J 258 -10.07 -17.05 28.80
N GLY J 259 -8.89 -16.44 28.76
CA GLY J 259 -8.68 -15.15 29.37
C GLY J 259 -7.77 -14.24 28.56
N LEU J 260 -6.90 -13.51 29.24
CA LEU J 260 -5.96 -12.62 28.57
C LEU J 260 -4.83 -12.33 29.54
N GLY J 261 -3.59 -12.37 29.05
CA GLY J 261 -2.44 -12.19 29.91
C GLY J 261 -1.78 -10.83 29.70
N ILE J 262 -1.51 -10.16 30.82
CA ILE J 262 -0.77 -8.90 30.83
C ILE J 262 0.34 -9.01 31.85
N GLN J 263 1.52 -8.53 31.49
CA GLN J 263 2.74 -8.68 32.31
C GLN J 263 3.41 -7.32 32.38
N SER J 264 3.19 -6.59 33.47
CA SER J 264 3.65 -5.22 33.61
C SER J 264 3.86 -4.92 35.08
N ASP J 265 4.04 -3.64 35.40
CA ASP J 265 4.23 -3.20 36.79
C ASP J 265 3.74 -1.75 36.88
N ALA J 266 2.54 -1.57 37.43
CA ALA J 266 1.96 -0.25 37.60
C ALA J 266 0.76 -0.37 38.52
N PRO J 267 0.33 0.74 39.12
CA PRO J 267 -0.86 0.69 39.98
C PRO J 267 -2.10 0.32 39.19
N ILE J 268 -3.05 -0.34 39.86
CA ILE J 268 -4.29 -0.75 39.22
C ILE J 268 -5.36 0.31 39.44
N ASP J 269 -6.26 0.44 38.47
CA ASP J 269 -7.38 1.37 38.56
C ASP J 269 -8.66 0.64 38.15
N ASN J 270 -9.77 1.06 38.75
CA ASN J 270 -11.07 0.45 38.49
C ASN J 270 -12.08 1.46 37.94
N ASN J 271 -11.62 2.56 37.34
CA ASN J 271 -12.51 3.65 36.92
C ASN J 271 -12.34 4.06 35.47
N CYS J 272 -11.79 3.18 34.62
CA CYS J 272 -11.79 3.43 33.19
C CYS J 272 -11.69 2.09 32.46
N GLU J 273 -11.93 2.13 31.15
CA GLU J 273 -12.21 0.92 30.39
C GLU J 273 -11.19 0.68 29.29
N SER J 274 -9.90 0.79 29.63
CA SER J 274 -8.85 0.51 28.66
C SER J 274 -9.07 -0.83 27.99
N LYS J 275 -8.44 -1.00 26.82
CA LYS J 275 -8.65 -2.17 25.99
C LYS J 275 -7.36 -2.83 25.51
N CYS J 276 -6.22 -2.14 25.60
CA CYS J 276 -4.93 -2.74 25.29
C CYS J 276 -3.89 -2.15 26.23
N PHE J 277 -2.86 -2.94 26.50
CA PHE J 277 -1.90 -2.63 27.56
C PHE J 277 -0.48 -2.92 27.09
N TRP J 278 0.48 -2.35 27.81
CA TRP J 278 1.89 -2.64 27.59
C TRP J 278 2.60 -2.57 28.94
N ARG J 279 3.93 -2.60 28.91
CA ARG J 279 4.69 -2.72 30.15
C ARG J 279 4.54 -1.48 31.02
N GLY J 280 4.57 -0.28 30.42
CA GLY J 280 4.61 0.95 31.19
C GLY J 280 3.27 1.49 31.61
N GLY J 281 2.18 0.88 31.14
CA GLY J 281 0.86 1.35 31.49
C GLY J 281 -0.21 0.98 30.47
N SER J 282 -0.98 1.96 30.03
CA SER J 282 -2.08 1.75 29.10
C SER J 282 -2.03 2.81 28.00
N ILE J 283 -2.60 2.46 26.85
CA ILE J 283 -2.57 3.33 25.68
C ILE J 283 -4.00 3.63 25.24
N ASN J 284 -4.91 3.72 26.20
CA ASN J 284 -6.31 4.03 25.90
C ASN J 284 -6.36 5.31 25.06
N THR J 285 -6.78 5.17 23.81
CA THR J 285 -6.84 6.30 22.89
C THR J 285 -7.65 5.88 21.67
N ARG J 286 -7.90 6.85 20.80
CA ARG J 286 -8.72 6.65 19.60
C ARG J 286 -8.04 7.27 18.39
N LEU J 287 -6.76 6.93 18.19
CA LEU J 287 -5.99 7.36 17.04
C LEU J 287 -5.43 6.13 16.33
N PRO J 288 -5.15 6.24 15.02
CA PRO J 288 -4.78 5.03 14.27
C PRO J 288 -3.42 4.46 14.61
N PHE J 289 -2.43 5.28 14.93
CA PHE J 289 -1.05 4.83 15.09
C PHE J 289 -0.51 5.22 16.46
N GLN J 290 0.52 4.50 16.89
CA GLN J 290 1.12 4.67 18.20
C GLN J 290 2.64 4.73 18.08
N ASN J 291 3.29 5.19 19.15
CA ASN J 291 4.74 5.23 19.22
C ASN J 291 5.29 4.80 20.58
N LEU J 292 4.42 4.45 21.54
CA LEU J 292 4.90 4.20 22.90
C LEU J 292 5.82 2.98 22.96
N SER J 293 5.39 1.86 22.39
CA SER J 293 6.16 0.62 22.49
C SER J 293 5.91 -0.24 21.26
N PRO J 294 6.88 -1.07 20.87
CA PRO J 294 6.63 -2.01 19.78
C PRO J 294 5.83 -3.24 20.20
N ARG J 295 5.74 -3.52 21.50
CA ARG J 295 5.05 -4.70 22.01
C ARG J 295 3.77 -4.28 22.72
N THR J 296 2.67 -4.95 22.38
CA THR J 296 1.38 -4.70 23.01
C THR J 296 0.61 -6.01 23.07
N VAL J 297 -0.48 -6.00 23.83
CA VAL J 297 -1.37 -7.14 23.96
C VAL J 297 -2.81 -6.64 23.90
N GLY J 298 -3.66 -7.40 23.23
CA GLY J 298 -5.02 -6.99 22.98
C GLY J 298 -5.16 -6.18 21.70
N GLN J 299 -6.41 -5.85 21.38
CA GLN J 299 -6.69 -5.04 20.20
C GLN J 299 -6.16 -3.64 20.41
N CYS J 300 -5.01 -3.34 19.81
CA CYS J 300 -4.29 -2.09 20.03
C CYS J 300 -3.86 -1.56 18.67
N PRO J 301 -3.59 -0.25 18.57
CA PRO J 301 -3.11 0.29 17.29
C PRO J 301 -1.79 -0.31 16.87
N LYS J 302 -1.41 -0.04 15.63
CA LYS J 302 -0.16 -0.55 15.08
C LYS J 302 1.00 0.35 15.50
N TYR J 303 2.19 -0.23 15.55
CA TYR J 303 3.39 0.53 15.91
C TYR J 303 4.06 1.07 14.66
N VAL J 304 4.34 2.37 14.65
CA VAL J 304 4.97 3.04 13.51
C VAL J 304 6.25 3.70 14.04
N ASN J 305 7.35 3.47 13.33
CA ASN J 305 8.67 3.91 13.80
C ASN J 305 8.99 5.31 13.28
N ARG J 306 8.25 6.29 13.80
CA ARG J 306 8.48 7.69 13.48
C ARG J 306 8.12 8.54 14.69
N ARG J 307 8.79 9.69 14.79
CA ARG J 307 8.50 10.61 15.88
C ARG J 307 7.09 11.17 15.75
N SER J 308 6.75 11.68 14.57
CA SER J 308 5.41 12.21 14.33
C SER J 308 5.11 12.11 12.85
N LEU J 309 3.81 12.14 12.52
CA LEU J 309 3.35 11.98 11.14
C LEU J 309 2.07 12.82 11.01
N MET J 310 2.21 14.02 10.47
CA MET J 310 1.10 14.97 10.41
C MET J 310 0.17 14.60 9.26
N LEU J 311 -1.13 14.71 9.51
CA LEU J 311 -2.16 14.46 8.52
C LEU J 311 -2.94 15.75 8.28
N ALA J 312 -3.06 16.14 7.01
CA ALA J 312 -3.69 17.41 6.69
C ALA J 312 -5.18 17.39 6.98
N THR J 313 -5.68 18.50 7.50
CA THR J 313 -7.11 18.72 7.71
C THR J 313 -7.51 20.09 7.20
N GLY J 314 -6.99 20.45 6.03
CA GLY J 314 -7.26 21.76 5.46
C GLY J 314 -6.71 21.84 4.05
N MET J 315 -6.78 23.04 3.49
CA MET J 315 -6.30 23.30 2.14
C MET J 315 -4.96 24.03 2.20
N ARG J 316 -4.35 24.21 1.03
CA ARG J 316 -3.05 24.86 0.96
C ARG J 316 -3.16 26.30 1.45
N ASN J 317 -2.10 26.77 2.12
CA ASN J 317 -2.06 28.11 2.68
C ASN J 317 -1.10 28.96 1.87
N VAL J 318 -1.60 30.08 1.35
CA VAL J 318 -0.77 31.05 0.63
C VAL J 318 -1.00 32.43 1.25
N PRO J 319 -0.14 32.86 2.17
CA PRO J 319 -0.39 34.15 2.84
C PRO J 319 -0.22 35.32 1.88
N GLU J 320 -0.73 36.48 2.32
CA GLU J 320 -0.75 37.66 1.50
C GLU J 320 0.63 38.31 1.44
N LEU J 321 0.74 39.33 0.58
CA LEU J 321 1.94 40.14 0.47
C LEU J 321 1.57 41.60 0.70
N ILE J 322 2.54 42.37 1.19
CA ILE J 322 2.30 43.76 1.56
C ILE J 322 2.46 44.65 0.35
N GLN J 323 1.35 44.96 -0.32
CA GLN J 323 1.37 45.82 -1.50
C GLN J 323 1.11 47.27 -1.09
N GLY J 324 2.00 47.85 -0.31
CA GLY J 324 1.86 49.22 0.12
C GLY J 324 2.52 50.20 -0.83
N ARG J 325 2.53 49.86 -2.12
CA ARG J 325 3.15 50.71 -3.14
C ARG J 325 2.56 52.11 -3.11
N GLU K 1 -40.44 -3.54 -43.82
CA GLU K 1 -41.50 -4.04 -42.88
C GLU K 1 -41.33 -5.53 -42.63
N VAL K 2 -40.84 -5.87 -41.43
CA VAL K 2 -40.54 -7.27 -41.11
C VAL K 2 -41.84 -8.03 -40.88
N VAL K 3 -41.91 -9.23 -41.43
CA VAL K 3 -42.97 -10.18 -41.15
C VAL K 3 -42.33 -11.48 -40.69
N MET K 4 -42.80 -12.01 -39.57
CA MET K 4 -42.15 -13.13 -38.91
C MET K 4 -43.11 -14.32 -38.82
N THR K 5 -42.53 -15.51 -38.76
CA THR K 5 -43.27 -16.76 -38.62
C THR K 5 -42.73 -17.53 -37.42
N GLN K 6 -43.63 -18.09 -36.62
CA GLN K 6 -43.26 -18.92 -35.49
C GLN K 6 -43.67 -20.36 -35.78
N SER K 7 -42.70 -21.27 -35.73
CA SER K 7 -42.92 -22.66 -36.11
C SER K 7 -42.53 -23.59 -34.97
N PRO K 8 -43.39 -24.56 -34.62
CA PRO K 8 -44.74 -24.82 -35.17
C PRO K 8 -45.77 -23.84 -34.61
N ALA K 9 -46.92 -23.69 -35.26
CA ALA K 9 -47.96 -22.82 -34.73
C ALA K 9 -48.48 -23.29 -33.39
N THR K 10 -48.28 -24.58 -33.07
CA THR K 10 -48.71 -25.13 -31.78
C THR K 10 -47.83 -26.31 -31.46
N LEU K 11 -47.57 -26.52 -30.17
CA LEU K 11 -46.71 -27.60 -29.72
C LEU K 11 -47.25 -28.13 -28.39
N SER K 12 -46.94 -29.40 -28.12
CA SER K 12 -47.36 -30.05 -26.89
C SER K 12 -46.18 -30.80 -26.28
N VAL K 13 -46.06 -30.70 -24.96
CA VAL K 13 -44.97 -31.35 -24.23
C VAL K 13 -45.50 -31.85 -22.90
N SER K 14 -44.96 -32.98 -22.44
CA SER K 14 -45.36 -33.54 -21.17
C SER K 14 -44.67 -32.79 -20.01
N PRO K 15 -45.25 -32.80 -18.82
CA PRO K 15 -44.64 -32.11 -17.69
C PRO K 15 -43.23 -32.63 -17.40
N GLY K 16 -42.33 -31.73 -17.07
CA GLY K 16 -40.97 -32.08 -16.70
C GLY K 16 -40.03 -32.31 -17.85
N GLU K 17 -40.50 -32.26 -19.09
CA GLU K 17 -39.64 -32.47 -20.24
C GLU K 17 -39.13 -31.15 -20.80
N ARG K 18 -38.06 -31.24 -21.59
CA ARG K 18 -37.49 -30.06 -22.21
C ARG K 18 -38.41 -29.55 -23.31
N ALA K 19 -38.52 -28.22 -23.41
CA ALA K 19 -39.32 -27.56 -24.43
C ALA K 19 -38.45 -26.57 -25.20
N THR K 20 -38.63 -26.54 -26.51
CA THR K 20 -37.84 -25.65 -27.38
C THR K 20 -38.78 -25.00 -28.39
N LEU K 21 -38.52 -23.74 -28.69
CA LEU K 21 -39.31 -22.97 -29.64
C LEU K 21 -38.38 -22.15 -30.52
N SER K 22 -38.93 -21.65 -31.64
CA SER K 22 -38.16 -20.88 -32.59
C SER K 22 -39.05 -19.84 -33.25
N CYS K 23 -38.42 -18.75 -33.71
CA CYS K 23 -39.10 -17.69 -34.43
C CYS K 23 -38.17 -17.21 -35.54
N ARG K 24 -38.73 -17.03 -36.73
CA ARG K 24 -37.96 -16.74 -37.93
C ARG K 24 -38.28 -15.35 -38.43
N ALA K 25 -37.33 -14.73 -39.13
CA ALA K 25 -37.45 -13.36 -39.61
C ALA K 25 -37.29 -13.31 -41.12
N SER K 26 -37.83 -12.26 -41.72
CA SER K 26 -37.75 -12.05 -43.16
C SER K 26 -36.49 -11.32 -43.59
N GLN K 27 -35.92 -10.49 -42.72
CA GLN K 27 -34.66 -9.82 -43.01
C GLN K 27 -33.90 -9.63 -41.70
N SER K 28 -32.60 -9.35 -41.83
CA SER K 28 -31.72 -9.38 -40.67
C SER K 28 -32.19 -8.41 -39.58
N VAL K 29 -32.14 -8.88 -38.34
CA VAL K 29 -32.47 -8.04 -37.19
C VAL K 29 -31.27 -7.81 -36.27
N SER K 30 -30.32 -8.73 -36.18
CA SER K 30 -29.09 -8.56 -35.42
C SER K 30 -29.38 -8.26 -33.94
N SER K 31 -29.98 -9.26 -33.30
CA SER K 31 -30.15 -9.26 -31.84
C SER K 31 -31.19 -8.26 -31.36
N LYS K 32 -31.81 -7.52 -32.28
CA LYS K 32 -32.84 -6.55 -31.92
C LYS K 32 -34.22 -7.20 -31.84
N LEU K 33 -34.35 -8.26 -31.06
CA LEU K 33 -35.58 -9.05 -30.96
C LEU K 33 -35.86 -9.36 -29.50
N ALA K 34 -37.14 -9.56 -29.18
CA ALA K 34 -37.57 -9.85 -27.81
C ALA K 34 -38.62 -10.94 -27.82
N TRP K 35 -38.92 -11.45 -26.61
CA TRP K 35 -39.88 -12.51 -26.42
C TRP K 35 -40.82 -12.15 -25.28
N TYR K 36 -42.03 -12.71 -25.30
CA TYR K 36 -43.05 -12.41 -24.31
C TYR K 36 -43.79 -13.67 -23.89
N GLN K 37 -44.44 -13.59 -22.74
CA GLN K 37 -45.29 -14.66 -22.21
C GLN K 37 -46.61 -14.07 -21.75
N GLN K 38 -47.70 -14.82 -21.94
CA GLN K 38 -49.02 -14.31 -21.59
C GLN K 38 -49.98 -15.48 -21.47
N THR K 39 -50.79 -15.47 -20.41
CA THR K 39 -51.86 -16.44 -20.24
C THR K 39 -53.21 -15.81 -20.58
N PRO K 40 -54.19 -16.61 -20.99
CA PRO K 40 -55.50 -16.05 -21.34
C PRO K 40 -56.16 -15.39 -20.13
N GLY K 41 -56.93 -14.35 -20.43
CA GLY K 41 -57.55 -13.58 -19.38
C GLY K 41 -56.58 -12.89 -18.44
N GLN K 42 -55.43 -12.45 -18.95
CA GLN K 42 -54.39 -11.84 -18.14
C GLN K 42 -53.64 -10.84 -19.00
N ALA K 43 -52.48 -10.41 -18.53
CA ALA K 43 -51.62 -9.46 -19.23
C ALA K 43 -50.29 -10.14 -19.54
N PRO K 44 -49.56 -9.67 -20.56
CA PRO K 44 -48.32 -10.34 -20.95
C PRO K 44 -47.19 -10.16 -19.94
N ARG K 45 -46.02 -10.71 -20.27
CA ARG K 45 -44.84 -10.62 -19.43
C ARG K 45 -43.61 -10.73 -20.32
N LEU K 46 -42.65 -9.84 -20.08
CA LEU K 46 -41.42 -9.78 -20.88
C LEU K 46 -40.41 -10.78 -20.35
N LEU K 47 -39.81 -11.55 -21.25
CA LEU K 47 -38.91 -12.63 -20.89
C LEU K 47 -37.46 -12.35 -21.26
N ILE K 48 -37.18 -12.10 -22.53
CA ILE K 48 -35.81 -12.03 -23.04
C ILE K 48 -35.67 -10.79 -23.92
N TYR K 49 -34.57 -10.06 -23.73
CA TYR K 49 -34.22 -8.94 -24.57
C TYR K 49 -32.77 -9.06 -24.97
N GLY K 50 -32.45 -8.59 -26.17
CA GLY K 50 -31.11 -8.80 -26.71
C GLY K 50 -30.92 -10.20 -27.27
N ALA K 51 -31.97 -11.02 -27.25
CA ALA K 51 -31.94 -12.37 -27.80
C ALA K 51 -31.10 -13.32 -26.97
N SER K 52 -30.43 -12.83 -25.93
CA SER K 52 -29.62 -13.71 -25.09
C SER K 52 -29.68 -13.35 -23.61
N THR K 53 -30.39 -12.29 -23.26
CA THR K 53 -30.38 -11.76 -21.90
C THR K 53 -31.75 -11.93 -21.25
N ARG K 54 -31.76 -12.47 -20.03
CA ARG K 54 -32.99 -12.65 -19.28
C ARG K 54 -33.39 -11.35 -18.61
N ALA K 55 -34.68 -11.04 -18.63
CA ALA K 55 -35.18 -9.87 -17.93
C ALA K 55 -35.31 -10.16 -16.44
N THR K 56 -35.63 -9.13 -15.68
CA THR K 56 -35.75 -9.27 -14.23
C THR K 56 -36.83 -10.29 -13.88
N ASP K 57 -36.54 -11.11 -12.87
CA ASP K 57 -37.45 -12.16 -12.42
C ASP K 57 -37.78 -13.10 -13.58
N ILE K 58 -36.74 -13.79 -14.05
CA ILE K 58 -36.88 -14.84 -15.07
C ILE K 58 -36.05 -16.03 -14.60
N PRO K 59 -36.68 -17.12 -14.12
CA PRO K 59 -35.90 -18.22 -13.52
C PRO K 59 -34.77 -18.72 -14.41
N ALA K 60 -33.86 -19.49 -13.83
CA ALA K 60 -32.66 -19.93 -14.53
C ALA K 60 -32.95 -20.95 -15.63
N ARG K 61 -34.16 -21.49 -15.68
CA ARG K 61 -34.48 -22.49 -16.70
C ARG K 61 -34.86 -21.89 -18.04
N PHE K 62 -34.76 -20.57 -18.18
CA PHE K 62 -35.05 -19.88 -19.44
C PHE K 62 -33.74 -19.42 -20.08
N SER K 63 -33.56 -19.75 -21.35
CA SER K 63 -32.36 -19.34 -22.08
C SER K 63 -32.62 -19.50 -23.57
N GLY K 64 -31.74 -18.90 -24.37
CA GLY K 64 -31.87 -18.99 -25.81
C GLY K 64 -30.70 -18.29 -26.48
N SER K 65 -30.65 -18.44 -27.80
CA SER K 65 -29.61 -17.83 -28.61
C SER K 65 -30.12 -17.66 -30.03
N GLY K 66 -29.44 -16.82 -30.79
CA GLY K 66 -29.83 -16.58 -32.16
C GLY K 66 -29.20 -15.29 -32.67
N SER K 67 -28.97 -15.27 -33.98
CA SER K 67 -28.38 -14.10 -34.62
C SER K 67 -28.79 -14.07 -36.08
N GLY K 68 -28.90 -12.85 -36.61
CA GLY K 68 -29.15 -12.64 -38.02
C GLY K 68 -30.62 -12.72 -38.39
N THR K 69 -31.16 -13.93 -38.49
CA THR K 69 -32.55 -14.09 -38.90
C THR K 69 -33.26 -15.24 -38.20
N GLU K 70 -32.57 -16.03 -37.38
CA GLU K 70 -33.17 -17.19 -36.73
C GLU K 70 -32.78 -17.19 -35.26
N PHE K 71 -33.72 -17.59 -34.41
CA PHE K 71 -33.52 -17.55 -32.97
C PHE K 71 -34.10 -18.82 -32.34
N THR K 72 -33.53 -19.20 -31.20
CA THR K 72 -33.94 -20.40 -30.48
C THR K 72 -34.14 -20.05 -29.01
N LEU K 73 -35.11 -20.73 -28.39
CA LEU K 73 -35.45 -20.47 -26.99
C LEU K 73 -35.90 -21.80 -26.37
N THR K 74 -35.11 -22.30 -25.43
CA THR K 74 -35.35 -23.61 -24.81
C THR K 74 -35.70 -23.39 -23.34
N ILE K 75 -36.83 -23.96 -22.93
CA ILE K 75 -37.24 -23.95 -21.53
C ILE K 75 -36.78 -25.28 -20.93
N SER K 76 -35.67 -25.24 -20.20
CA SER K 76 -35.07 -26.45 -19.62
C SER K 76 -35.86 -26.98 -18.43
N GLY K 77 -36.93 -27.72 -18.69
CA GLY K 77 -37.78 -28.25 -17.63
C GLY K 77 -39.09 -27.52 -17.55
N LEU K 78 -40.15 -28.12 -18.08
CA LEU K 78 -41.46 -27.47 -18.14
C LEU K 78 -42.25 -27.82 -16.89
N GLN K 79 -42.44 -26.83 -16.02
CA GLN K 79 -43.15 -27.04 -14.77
C GLN K 79 -44.65 -26.96 -14.98
N SER K 80 -45.39 -27.07 -13.87
CA SER K 80 -46.85 -27.17 -13.94
C SER K 80 -47.52 -25.89 -14.45
N GLU K 81 -46.85 -24.74 -14.38
CA GLU K 81 -47.44 -23.48 -14.77
C GLU K 81 -46.65 -22.75 -15.86
N ASP K 82 -45.78 -23.45 -16.58
CA ASP K 82 -45.03 -22.81 -17.66
C ASP K 82 -45.82 -22.74 -18.97
N PHE K 83 -46.99 -23.38 -19.02
CA PHE K 83 -47.79 -23.42 -20.24
C PHE K 83 -48.48 -22.07 -20.43
N ALA K 84 -48.25 -21.45 -21.59
CA ALA K 84 -48.86 -20.15 -21.89
C ALA K 84 -48.57 -19.81 -23.34
N VAL K 85 -49.17 -18.72 -23.81
CA VAL K 85 -48.95 -18.23 -25.16
C VAL K 85 -47.70 -17.38 -25.19
N TYR K 86 -46.85 -17.62 -26.18
CA TYR K 86 -45.58 -16.92 -26.34
C TYR K 86 -45.57 -16.15 -27.66
N TYR K 87 -44.82 -15.04 -27.67
CA TYR K 87 -44.75 -14.17 -28.83
C TYR K 87 -43.31 -13.72 -29.06
N CYS K 88 -42.96 -13.49 -30.32
CA CYS K 88 -41.67 -12.92 -30.69
C CYS K 88 -41.90 -11.60 -31.42
N GLN K 89 -41.14 -10.58 -31.02
CA GLN K 89 -41.30 -9.24 -31.55
C GLN K 89 -39.93 -8.66 -31.86
N GLN K 90 -39.87 -7.84 -32.90
CA GLN K 90 -38.63 -7.18 -33.32
C GLN K 90 -38.78 -5.67 -33.19
N TYR K 91 -37.72 -5.02 -32.71
CA TYR K 91 -37.68 -3.57 -32.61
C TYR K 91 -36.59 -2.96 -33.47
N ASN K 92 -36.40 -3.47 -34.70
CA ASN K 92 -35.35 -2.94 -35.57
C ASN K 92 -35.90 -1.92 -36.57
N ASN K 93 -37.10 -2.14 -37.09
CA ASN K 93 -37.68 -1.23 -38.08
C ASN K 93 -39.15 -1.01 -37.78
N TRP K 94 -39.65 0.15 -38.21
CA TRP K 94 -41.07 0.46 -38.11
C TRP K 94 -41.86 -0.27 -39.20
N PRO K 95 -43.05 -0.79 -38.89
CA PRO K 95 -43.66 -0.91 -37.55
C PRO K 95 -43.09 -2.10 -36.79
N ARG K 96 -43.12 -2.08 -35.47
CA ARG K 96 -42.60 -3.19 -34.66
C ARG K 96 -43.66 -4.29 -34.59
N THR K 97 -43.76 -5.01 -35.71
CA THR K 97 -44.84 -5.96 -35.92
C THR K 97 -44.72 -7.15 -34.99
N PHE K 98 -45.85 -7.57 -34.42
CA PHE K 98 -45.97 -8.89 -33.81
C PHE K 98 -46.26 -9.89 -34.93
N GLY K 99 -46.61 -11.12 -34.57
CA GLY K 99 -46.83 -12.15 -35.57
C GLY K 99 -47.93 -13.14 -35.27
N GLN K 100 -47.74 -14.37 -35.74
CA GLN K 100 -48.77 -15.39 -35.61
C GLN K 100 -49.04 -15.74 -34.15
N GLY K 101 -48.00 -15.83 -33.33
CA GLY K 101 -48.16 -16.29 -31.97
C GLY K 101 -48.02 -17.81 -31.89
N THR K 102 -47.98 -18.29 -30.64
CA THR K 102 -47.80 -19.71 -30.39
C THR K 102 -48.37 -20.11 -29.04
N LYS K 103 -49.13 -21.21 -29.02
CA LYS K 103 -49.72 -21.73 -27.79
C LYS K 103 -49.01 -23.04 -27.41
N LEU K 104 -48.66 -23.16 -26.14
CA LEU K 104 -48.01 -24.36 -25.61
C LEU K 104 -48.98 -25.08 -24.70
N GLU K 105 -49.11 -26.40 -24.88
CA GLU K 105 -50.12 -27.19 -24.18
C GLU K 105 -49.49 -28.46 -23.64
N ILE K 106 -50.14 -29.04 -22.63
CA ILE K 106 -49.71 -30.31 -22.08
C ILE K 106 -50.05 -31.43 -23.07
N LYS K 107 -49.08 -32.32 -23.29
CA LYS K 107 -49.28 -33.44 -24.20
C LYS K 107 -50.12 -34.53 -23.55
N GLY L 1 -0.76 53.55 -3.85
CA GLY L 1 -1.81 52.78 -3.12
C GLY L 1 -2.11 53.35 -1.74
N LEU L 2 -3.31 53.90 -1.58
CA LEU L 2 -3.73 54.47 -0.30
C LEU L 2 -4.54 53.48 0.52
N PHE L 3 -5.44 52.74 -0.12
CA PHE L 3 -6.28 51.76 0.55
C PHE L 3 -5.75 50.35 0.31
N GLY L 4 -6.36 49.38 0.99
CA GLY L 4 -5.98 47.99 0.80
C GLY L 4 -6.55 47.42 -0.48
N ALA L 5 -5.98 46.29 -0.91
CA ALA L 5 -6.39 45.64 -2.14
C ALA L 5 -7.69 44.88 -1.92
N ILE L 6 -8.29 44.40 -3.01
CA ILE L 6 -9.58 43.71 -2.96
C ILE L 6 -9.50 42.42 -3.77
N ALA L 7 -8.31 42.08 -4.26
CA ALA L 7 -8.17 40.96 -5.17
C ALA L 7 -8.45 39.64 -4.46
N GLY L 8 -8.96 38.68 -5.22
CA GLY L 8 -9.26 37.35 -4.73
C GLY L 8 -8.14 36.37 -5.00
N PHE L 9 -8.52 35.11 -5.22
CA PHE L 9 -7.52 34.06 -5.43
C PHE L 9 -6.88 34.21 -6.80
N LEU L 10 -5.94 33.32 -7.12
CA LEU L 10 -5.02 33.46 -8.25
C LEU L 10 -3.93 34.47 -7.90
N GLU L 11 -4.09 35.19 -6.80
CA GLU L 11 -3.05 36.08 -6.29
C GLU L 11 -2.65 35.69 -4.87
N ASN L 12 -3.63 35.57 -3.98
CA ASN L 12 -3.39 35.18 -2.60
C ASN L 12 -4.74 34.88 -1.96
N GLY L 13 -4.68 34.15 -0.85
CA GLY L 13 -5.90 33.84 -0.12
C GLY L 13 -6.27 34.94 0.86
N TRP L 14 -7.57 34.99 1.20
CA TRP L 14 -8.04 35.94 2.19
C TRP L 14 -7.33 35.71 3.52
N GLU L 15 -6.86 36.80 4.12
CA GLU L 15 -6.17 36.67 5.40
C GLU L 15 -7.15 36.76 6.56
N GLY L 16 -8.07 37.70 6.52
CA GLY L 16 -9.08 37.84 7.56
C GLY L 16 -10.40 37.18 7.21
N MET L 17 -10.65 36.02 7.78
CA MET L 17 -11.91 35.31 7.59
C MET L 17 -11.96 34.15 8.57
N VAL L 18 -13.09 34.01 9.26
CA VAL L 18 -13.25 32.97 10.27
C VAL L 18 -14.54 32.18 10.12
N ASP L 19 -15.49 32.60 9.28
CA ASP L 19 -16.78 31.91 9.20
C ASP L 19 -16.68 30.63 8.39
N GLY L 20 -16.32 30.74 7.11
CA GLY L 20 -16.28 29.59 6.23
C GLY L 20 -15.08 29.64 5.32
N TRP L 21 -14.82 28.51 4.67
CA TRP L 21 -13.67 28.41 3.77
C TRP L 21 -13.90 29.21 2.50
N TYR L 22 -14.94 28.85 1.74
CA TYR L 22 -15.22 29.49 0.46
C TYR L 22 -16.17 30.66 0.71
N GLY L 23 -15.74 31.87 0.37
CA GLY L 23 -16.48 33.07 0.67
C GLY L 23 -16.70 33.98 -0.52
N PHE L 24 -17.05 35.23 -0.21
CA PHE L 24 -17.36 36.23 -1.20
C PHE L 24 -16.88 37.59 -0.70
N ARG L 25 -16.70 38.53 -1.63
CA ARG L 25 -16.35 39.90 -1.27
C ARG L 25 -16.81 40.81 -2.40
N HIS L 26 -17.83 41.61 -2.14
CA HIS L 26 -18.34 42.56 -3.11
C HIS L 26 -17.75 43.94 -2.84
N GLN L 27 -18.05 44.90 -3.72
CA GLN L 27 -17.59 46.26 -3.55
C GLN L 27 -18.34 47.21 -4.47
N ASN L 28 -18.81 48.33 -3.95
CA ASN L 28 -19.53 49.32 -4.73
C ASN L 28 -19.58 50.61 -3.93
N ALA L 29 -20.35 51.59 -4.42
CA ALA L 29 -20.39 52.89 -3.78
C ALA L 29 -20.88 52.81 -2.34
N GLN L 30 -21.80 51.89 -2.05
CA GLN L 30 -22.37 51.83 -0.72
C GLN L 30 -21.33 51.41 0.33
N GLY L 31 -20.41 50.54 -0.03
CA GLY L 31 -19.38 50.11 0.92
C GLY L 31 -18.75 48.81 0.48
N THR L 32 -18.35 48.01 1.47
CA THR L 32 -17.70 46.73 1.23
C THR L 32 -18.19 45.74 2.28
N GLY L 33 -18.08 44.47 1.97
CA GLY L 33 -18.59 43.46 2.87
C GLY L 33 -17.87 42.14 2.72
N GLN L 34 -18.50 41.10 3.28
CA GLN L 34 -17.92 39.76 3.29
C GLN L 34 -19.05 38.77 3.49
N ALA L 35 -18.80 37.52 3.09
CA ALA L 35 -19.82 36.49 3.20
C ALA L 35 -19.16 35.13 3.05
N ALA L 36 -19.92 34.09 3.41
CA ALA L 36 -19.46 32.71 3.33
C ALA L 36 -20.52 31.85 2.65
N ASP L 37 -20.08 30.95 1.78
CA ASP L 37 -20.98 30.01 1.11
C ASP L 37 -21.11 28.78 1.99
N TYR L 38 -22.23 28.68 2.71
CA TYR L 38 -22.37 27.64 3.72
C TYR L 38 -22.62 26.27 3.10
N LYS L 39 -23.44 26.20 2.04
CA LYS L 39 -23.78 24.91 1.46
C LYS L 39 -22.53 24.21 0.92
N SER L 40 -21.64 24.95 0.26
CA SER L 40 -20.40 24.35 -0.25
C SER L 40 -19.42 24.08 0.88
N THR L 41 -19.36 24.98 1.87
CA THR L 41 -18.43 24.78 2.98
C THR L 41 -18.77 23.52 3.77
N GLN L 42 -20.06 23.28 4.02
CA GLN L 42 -20.46 22.10 4.77
C GLN L 42 -20.15 20.83 4.01
N ALA L 43 -20.31 20.84 2.68
CA ALA L 43 -19.95 19.66 1.90
C ALA L 43 -18.45 19.40 1.97
N ALA L 44 -17.64 20.46 1.91
CA ALA L 44 -16.19 20.28 1.94
C ALA L 44 -15.72 19.83 3.32
N ILE L 45 -16.21 20.47 4.38
CA ILE L 45 -15.75 20.14 5.72
C ILE L 45 -16.12 18.72 6.09
N ASP L 46 -17.32 18.26 5.70
CA ASP L 46 -17.75 16.91 6.05
C ASP L 46 -16.88 15.85 5.39
N GLN L 47 -16.52 16.04 4.11
CA GLN L 47 -15.77 15.02 3.40
C GLN L 47 -14.31 14.97 3.83
N ILE L 48 -13.76 16.10 4.28
CA ILE L 48 -12.33 16.16 4.60
C ILE L 48 -12.08 15.80 6.06
N THR L 49 -12.90 16.35 6.96
CA THR L 49 -12.64 16.18 8.39
C THR L 49 -12.78 14.73 8.83
N GLY L 50 -13.71 13.99 8.23
CA GLY L 50 -13.95 12.61 8.64
C GLY L 50 -12.90 11.62 8.17
N LYS L 51 -11.86 12.09 7.47
CA LYS L 51 -10.85 11.18 6.94
C LYS L 51 -10.10 10.47 8.07
N LEU L 52 -9.89 11.17 9.19
CA LEU L 52 -9.12 10.57 10.28
C LEU L 52 -9.73 9.27 10.76
N ASN L 53 -11.06 9.21 10.89
CA ASN L 53 -11.71 8.00 11.36
C ASN L 53 -11.61 6.86 10.34
N ARG L 54 -11.63 7.18 9.05
CA ARG L 54 -11.61 6.15 8.02
C ARG L 54 -10.29 5.38 7.97
N LEU L 55 -9.23 5.91 8.57
CA LEU L 55 -7.95 5.19 8.60
C LEU L 55 -7.89 4.13 9.68
N VAL L 56 -8.55 4.34 10.81
CA VAL L 56 -8.54 3.36 11.90
C VAL L 56 -9.69 2.39 11.68
N GLU L 57 -9.44 1.36 10.87
CA GLU L 57 -10.48 0.39 10.56
C GLU L 57 -10.57 -0.64 11.68
N LYS L 58 -11.80 -0.90 12.13
CA LYS L 58 -12.03 -1.82 13.25
C LYS L 58 -12.15 -3.27 12.81
N THR L 59 -11.16 -3.78 12.08
CA THR L 59 -11.05 -5.22 11.84
C THR L 59 -10.33 -5.82 13.04
N ASN L 60 -11.05 -5.85 14.16
CA ASN L 60 -10.44 -6.16 15.45
C ASN L 60 -9.80 -7.55 15.44
N THR L 61 -8.61 -7.63 16.02
CA THR L 61 -7.91 -8.90 16.22
C THR L 61 -7.31 -8.90 17.62
N GLU L 62 -7.49 -10.01 18.33
CA GLU L 62 -7.02 -10.12 19.71
C GLU L 62 -5.60 -10.70 19.72
N PHE L 63 -4.64 -9.82 19.46
CA PHE L 63 -3.24 -10.21 19.51
C PHE L 63 -2.84 -10.57 20.93
N GLU L 64 -1.91 -11.51 21.05
CA GLU L 64 -1.43 -11.97 22.35
C GLU L 64 0.09 -12.04 22.33
N SER L 65 0.68 -11.96 23.51
CA SER L 65 2.12 -11.91 23.65
C SER L 65 2.76 -13.22 23.19
N ILE L 66 3.95 -13.09 22.61
CA ILE L 66 4.77 -14.24 22.24
C ILE L 66 6.18 -14.16 22.80
N GLU L 67 6.51 -13.10 23.53
CA GLU L 67 7.82 -12.93 24.16
C GLU L 67 7.61 -12.61 25.63
N SER L 68 8.47 -13.17 26.47
CA SER L 68 8.42 -12.90 27.91
C SER L 68 9.28 -11.69 28.24
N GLU L 69 8.68 -10.70 28.90
CA GLU L 69 9.41 -9.50 29.27
C GLU L 69 10.36 -9.72 30.44
N PHE L 70 10.13 -10.75 31.24
CA PHE L 70 11.07 -11.22 32.26
C PHE L 70 11.71 -12.45 31.64
N SER L 71 12.78 -12.22 30.88
CA SER L 71 13.04 -13.03 29.69
C SER L 71 13.89 -14.27 29.90
N GLU L 72 13.83 -15.13 28.88
CA GLU L 72 14.52 -16.41 28.76
C GLU L 72 14.55 -16.65 27.26
N ILE L 73 14.73 -17.90 26.82
CA ILE L 73 14.26 -18.40 25.54
C ILE L 73 15.35 -19.27 24.92
N GLU L 74 16.11 -18.69 23.98
CA GLU L 74 17.01 -19.42 23.12
C GLU L 74 17.80 -18.41 22.30
N HIS L 75 18.59 -18.86 21.33
CA HIS L 75 19.20 -17.93 20.39
C HIS L 75 18.76 -18.14 18.95
N GLN L 76 18.20 -19.30 18.59
CA GLN L 76 17.69 -19.50 17.24
C GLN L 76 16.27 -18.94 17.10
N ILE L 77 15.34 -19.48 17.89
CA ILE L 77 13.95 -19.03 17.78
C ILE L 77 13.82 -17.57 18.15
N GLY L 78 14.61 -17.10 19.11
CA GLY L 78 14.60 -15.69 19.44
C GLY L 78 14.97 -14.82 18.25
N ASN L 79 15.92 -15.28 17.44
CA ASN L 79 16.34 -14.56 16.25
C ASN L 79 15.36 -14.69 15.09
N VAL L 80 14.46 -15.67 15.12
CA VAL L 80 13.44 -15.80 14.09
C VAL L 80 12.28 -14.84 14.34
N ILE L 81 11.84 -14.73 15.60
CA ILE L 81 10.79 -13.78 15.94
C ILE L 81 11.28 -12.36 15.73
N ASN L 82 12.55 -12.10 16.04
CA ASN L 82 13.08 -10.74 15.90
C ASN L 82 13.11 -10.30 14.44
N TRP L 83 13.50 -11.19 13.53
CA TRP L 83 13.62 -10.82 12.12
C TRP L 83 12.26 -10.39 11.56
N THR L 84 11.23 -11.19 11.78
CA THR L 84 9.91 -10.88 11.22
C THR L 84 9.35 -9.59 11.81
N LYS L 85 9.56 -9.36 13.10
CA LYS L 85 8.99 -8.18 13.74
C LYS L 85 9.51 -6.90 13.11
N ASP L 86 10.82 -6.82 12.86
CA ASP L 86 11.38 -5.65 12.19
C ASP L 86 10.85 -5.53 10.76
N SER L 87 10.76 -6.66 10.05
CA SER L 87 10.28 -6.62 8.67
C SER L 87 8.84 -6.11 8.61
N ILE L 88 7.97 -6.62 9.47
CA ILE L 88 6.60 -6.13 9.50
C ILE L 88 6.56 -4.69 9.99
N THR L 89 7.40 -4.35 10.96
CA THR L 89 7.44 -2.98 11.44
C THR L 89 7.86 -2.01 10.34
N ASP L 90 8.87 -2.39 9.55
CA ASP L 90 9.26 -1.55 8.42
C ASP L 90 8.14 -1.49 7.38
N ILE L 91 7.43 -2.59 7.18
CA ILE L 91 6.31 -2.60 6.24
C ILE L 91 5.26 -1.59 6.69
N TRP L 92 4.89 -1.62 7.98
CA TRP L 92 3.90 -0.68 8.49
C TRP L 92 4.42 0.75 8.45
N THR L 93 5.69 0.95 8.81
CA THR L 93 6.27 2.29 8.75
C THR L 93 6.31 2.80 7.32
N TYR L 94 6.78 1.96 6.38
CA TYR L 94 6.80 2.37 4.98
C TYR L 94 5.38 2.55 4.44
N GLN L 95 4.48 1.63 4.78
CA GLN L 95 3.09 1.75 4.31
C GLN L 95 2.42 2.97 4.92
N ALA L 96 2.59 3.18 6.23
CA ALA L 96 1.92 4.28 6.90
C ALA L 96 2.40 5.62 6.37
N GLU L 97 3.71 5.80 6.22
CA GLU L 97 4.24 7.08 5.78
C GLU L 97 3.79 7.43 4.38
N LEU L 98 3.80 6.46 3.46
CA LEU L 98 3.35 6.73 2.09
C LEU L 98 1.84 6.93 2.01
N LEU L 99 1.07 6.17 2.79
CA LEU L 99 -0.38 6.29 2.75
C LEU L 99 -0.82 7.70 3.13
N VAL L 100 -0.26 8.25 4.21
CA VAL L 100 -0.61 9.60 4.63
C VAL L 100 -0.08 10.63 3.64
N ALA L 101 1.12 10.39 3.10
CA ALA L 101 1.71 11.36 2.18
C ALA L 101 0.86 11.54 0.93
N MET L 102 0.36 10.44 0.37
CA MET L 102 -0.39 10.53 -0.88
C MET L 102 -1.86 10.87 -0.66
N GLU L 103 -2.41 10.57 0.52
CA GLU L 103 -3.76 11.03 0.83
C GLU L 103 -3.77 12.55 0.98
N ASN L 104 -2.69 13.13 1.49
CA ASN L 104 -2.58 14.58 1.55
C ASN L 104 -2.63 15.19 0.15
N GLN L 105 -2.06 14.50 -0.83
CA GLN L 105 -2.07 15.01 -2.20
C GLN L 105 -3.51 15.14 -2.71
N HIS L 106 -4.35 14.14 -2.45
CA HIS L 106 -5.73 14.20 -2.92
C HIS L 106 -6.49 15.34 -2.24
N THR L 107 -6.28 15.52 -0.93
CA THR L 107 -6.98 16.57 -0.21
C THR L 107 -6.66 17.94 -0.81
N ILE L 108 -5.37 18.21 -1.04
CA ILE L 108 -4.97 19.48 -1.62
C ILE L 108 -5.50 19.59 -3.04
N ASP L 109 -5.35 18.52 -3.84
CA ASP L 109 -5.83 18.55 -5.22
C ASP L 109 -7.34 18.67 -5.28
N MET L 110 -8.08 17.93 -4.45
CA MET L 110 -9.53 17.97 -4.50
C MET L 110 -10.05 19.34 -4.10
N ALA L 111 -9.50 19.92 -3.02
CA ALA L 111 -9.96 21.23 -2.56
C ALA L 111 -9.76 22.29 -3.62
N ASP L 112 -8.61 22.28 -4.30
CA ASP L 112 -8.37 23.23 -5.37
C ASP L 112 -9.37 23.09 -6.50
N SER L 113 -9.87 21.88 -6.76
CA SER L 113 -10.85 21.67 -7.80
C SER L 113 -12.24 22.18 -7.40
N GLU L 114 -12.65 21.92 -6.16
CA GLU L 114 -13.96 22.40 -5.71
C GLU L 114 -14.03 23.92 -5.78
N MET L 115 -12.93 24.60 -5.47
CA MET L 115 -12.90 26.05 -5.56
C MET L 115 -13.11 26.50 -7.01
N LEU L 116 -12.50 25.81 -7.97
CA LEU L 116 -12.64 26.21 -9.36
C LEU L 116 -14.06 26.01 -9.86
N ASN L 117 -14.72 24.93 -9.44
CA ASN L 117 -16.09 24.68 -9.89
C ASN L 117 -17.02 25.81 -9.48
N LEU L 118 -16.88 26.31 -8.23
CA LEU L 118 -17.68 27.45 -7.80
C LEU L 118 -17.39 28.66 -8.67
N TYR L 119 -16.13 28.87 -9.03
CA TYR L 119 -15.78 29.98 -9.91
C TYR L 119 -16.42 29.83 -11.27
N GLU L 120 -16.53 28.60 -11.78
CA GLU L 120 -17.16 28.37 -13.08
C GLU L 120 -18.65 28.70 -13.03
N ARG L 121 -19.32 28.34 -11.92
CA ARG L 121 -20.76 28.52 -11.84
C ARG L 121 -21.15 29.99 -11.95
N VAL L 122 -20.39 30.88 -11.29
CA VAL L 122 -20.74 32.29 -11.28
C VAL L 122 -20.67 32.87 -12.69
N ARG L 123 -19.60 32.57 -13.43
CA ARG L 123 -19.48 33.11 -14.78
C ARG L 123 -20.53 32.54 -15.72
N LYS L 124 -21.06 31.35 -15.43
CA LYS L 124 -22.23 30.87 -16.15
C LYS L 124 -23.45 31.71 -15.80
N GLN L 125 -23.61 32.05 -14.52
CA GLN L 125 -24.75 32.84 -14.09
C GLN L 125 -24.76 34.22 -14.73
N LEU L 126 -23.60 34.88 -14.75
CA LEU L 126 -23.52 36.22 -15.32
C LEU L 126 -23.61 36.23 -16.84
N ARG L 127 -23.50 35.08 -17.49
CA ARG L 127 -23.63 34.98 -18.94
C ARG L 127 -22.79 36.05 -19.65
N GLN L 128 -23.45 37.03 -20.27
CA GLN L 128 -22.78 38.03 -21.08
C GLN L 128 -22.65 39.37 -20.37
N ASN L 129 -22.88 39.41 -19.05
CA ASN L 129 -22.92 40.66 -18.31
C ASN L 129 -21.65 40.96 -17.52
N ALA L 130 -20.62 40.11 -17.61
CA ALA L 130 -19.41 40.31 -16.83
C ALA L 130 -18.19 39.82 -17.60
N GLU L 131 -17.10 40.55 -17.47
CA GLU L 131 -15.82 40.14 -18.03
C GLU L 131 -14.90 39.61 -16.94
N GLU L 132 -14.06 38.65 -17.31
CA GLU L 132 -13.07 38.14 -16.38
C GLU L 132 -12.02 39.20 -16.09
N ASP L 133 -11.44 39.13 -14.89
CA ASP L 133 -10.49 40.15 -14.43
C ASP L 133 -9.08 39.61 -14.31
N GLY L 134 -8.88 38.31 -14.51
CA GLY L 134 -7.56 37.72 -14.50
C GLY L 134 -6.93 37.58 -13.13
N LYS L 135 -7.63 37.98 -12.06
CA LYS L 135 -7.11 37.86 -10.70
C LYS L 135 -8.10 37.13 -9.81
N GLY L 136 -8.96 36.30 -10.40
CA GLY L 136 -9.96 35.56 -9.67
C GLY L 136 -11.24 36.30 -9.40
N CYS L 137 -11.40 37.52 -9.91
CA CYS L 137 -12.58 38.33 -9.68
C CYS L 137 -13.34 38.53 -10.99
N PHE L 138 -14.45 39.25 -10.91
CA PHE L 138 -15.28 39.59 -12.05
C PHE L 138 -15.56 41.08 -12.06
N GLU L 139 -15.72 41.64 -13.25
CA GLU L 139 -16.10 43.03 -13.43
C GLU L 139 -17.54 43.08 -13.95
N ILE L 140 -18.40 43.75 -13.21
CA ILE L 140 -19.83 43.82 -13.52
C ILE L 140 -20.11 45.15 -14.18
N TYR L 141 -20.80 45.12 -15.32
CA TYR L 141 -21.01 46.30 -16.14
C TYR L 141 -22.38 46.93 -15.95
N HIS L 142 -23.15 46.50 -14.96
CA HIS L 142 -24.44 47.10 -14.63
C HIS L 142 -24.52 47.34 -13.14
N ALA L 143 -25.42 48.22 -12.72
CA ALA L 143 -25.37 48.76 -11.37
C ALA L 143 -26.20 47.91 -10.41
N CYS L 144 -25.52 47.10 -9.61
CA CYS L 144 -26.07 46.60 -8.35
C CYS L 144 -25.34 47.16 -7.15
N ASP L 145 -26.08 47.32 -6.08
CA ASP L 145 -25.61 47.90 -4.82
C ASP L 145 -25.66 46.92 -3.67
N ASP L 146 -26.84 46.42 -3.31
CA ASP L 146 -26.96 45.52 -2.16
C ASP L 146 -27.79 44.26 -2.40
N SER L 147 -28.92 44.37 -3.12
CA SER L 147 -29.83 43.23 -3.24
C SER L 147 -29.64 42.46 -4.53
N CYS L 148 -29.50 43.16 -5.65
CA CYS L 148 -28.89 42.60 -6.84
C CYS L 148 -27.55 41.93 -6.57
N MET L 149 -26.75 42.44 -5.62
CA MET L 149 -25.57 41.70 -5.19
C MET L 149 -25.96 40.42 -4.45
N GLU L 150 -26.93 40.50 -3.54
CA GLU L 150 -27.27 39.34 -2.73
C GLU L 150 -27.85 38.22 -3.59
N SER L 151 -28.49 38.56 -4.71
CA SER L 151 -29.10 37.54 -5.56
C SER L 151 -28.06 36.63 -6.19
N ILE L 152 -26.92 37.20 -6.62
CA ILE L 152 -25.89 36.38 -7.27
C ILE L 152 -25.42 35.28 -6.34
N ARG L 153 -25.35 35.55 -5.03
CA ARG L 153 -24.92 34.56 -4.08
C ARG L 153 -26.01 33.54 -3.77
N ASN L 154 -27.24 33.76 -4.26
CA ASN L 154 -28.41 33.00 -3.84
C ASN L 154 -29.08 32.26 -5.00
N ASN L 155 -28.47 32.27 -6.19
CA ASN L 155 -28.96 31.49 -7.33
C ASN L 155 -30.31 31.99 -7.84
N THR L 156 -30.82 33.09 -7.30
CA THR L 156 -32.09 33.65 -7.78
C THR L 156 -31.83 34.81 -8.73
N TYR L 157 -30.65 34.83 -9.33
CA TYR L 157 -30.24 35.93 -10.22
C TYR L 157 -30.75 35.63 -11.62
N ASP L 158 -31.83 36.31 -12.01
CA ASP L 158 -32.39 36.20 -13.35
C ASP L 158 -31.72 37.25 -14.22
N HIS L 159 -30.72 36.82 -14.99
CA HIS L 159 -29.93 37.75 -15.77
C HIS L 159 -30.73 38.47 -16.84
N SER L 160 -31.86 37.90 -17.27
CA SER L 160 -32.60 38.48 -18.39
C SER L 160 -33.05 39.91 -18.13
N GLN L 161 -33.17 40.31 -16.87
CA GLN L 161 -33.59 41.67 -16.55
C GLN L 161 -32.49 42.68 -16.87
N TYR L 162 -31.22 42.30 -16.71
CA TYR L 162 -30.10 43.23 -16.84
C TYR L 162 -29.30 43.09 -18.12
N ARG L 163 -29.57 42.10 -18.97
CA ARG L 163 -28.75 41.88 -20.16
C ARG L 163 -28.78 43.10 -21.07
N GLU L 164 -29.96 43.69 -21.28
CA GLU L 164 -30.08 44.81 -22.20
C GLU L 164 -29.32 46.04 -21.73
N GLU L 165 -28.91 46.08 -20.46
CA GLU L 165 -28.17 47.22 -19.93
C GLU L 165 -26.66 46.93 -19.89
N ALA L 166 -26.27 45.76 -19.37
CA ALA L 166 -24.86 45.44 -19.26
C ALA L 166 -24.18 45.35 -20.62
N LEU L 167 -24.85 44.75 -21.61
CA LEU L 167 -24.21 44.57 -22.91
C LEU L 167 -23.92 45.89 -23.60
N LEU L 168 -24.74 46.91 -23.36
CA LEU L 168 -24.56 48.19 -24.04
C LEU L 168 -23.29 48.93 -23.61
N ASN L 169 -22.65 48.48 -22.52
CA ASN L 169 -21.47 49.16 -21.99
C ASN L 169 -20.18 48.36 -22.17
N ARG L 170 -20.25 47.05 -22.35
CA ARG L 170 -19.04 46.28 -22.61
C ARG L 170 -18.39 46.71 -23.92
N LEU L 171 -19.20 46.93 -24.96
CA LEU L 171 -18.71 47.30 -26.28
C LEU L 171 -19.10 48.72 -26.66
N ASN L 172 -19.56 49.53 -25.71
CA ASN L 172 -19.97 50.90 -25.98
C ASN L 172 -21.05 50.93 -27.06
C1 NAG M . 15.25 11.86 -18.31
C2 NAG M . 15.73 13.32 -18.43
C3 NAG M . 17.15 13.47 -17.89
C4 NAG M . 17.20 12.92 -16.47
C5 NAG M . 16.76 11.46 -16.52
C6 NAG M . 16.84 10.75 -15.19
C7 NAG M . 14.69 14.43 -20.43
C8 NAG M . 13.45 14.79 -19.65
N2 NAG M . 15.69 13.76 -19.80
O3 NAG M . 17.49 14.83 -17.94
O4 NAG M . 18.52 13.07 -16.01
O5 NAG M . 15.43 11.41 -16.98
O6 NAG M . 16.09 11.46 -14.23
O7 NAG M . 14.78 14.75 -21.62
C1 NAG M . 18.51 13.61 -14.67
C2 NAG M . 19.90 13.35 -14.06
C3 NAG M . 20.00 13.98 -12.68
C4 NAG M . 19.63 15.46 -12.77
C5 NAG M . 18.22 15.58 -13.39
C6 NAG M . 17.72 17.00 -13.53
C7 NAG M . 20.70 11.23 -15.03
C8 NAG M . 20.86 9.76 -14.77
N2 NAG M . 20.15 11.94 -14.02
O3 NAG M . 21.30 13.79 -12.20
O4 NAG M . 19.77 16.08 -11.50
O5 NAG M . 18.25 14.99 -14.67
O6 NAG M . 16.66 17.05 -14.44
O7 NAG M . 21.04 11.73 -16.09
C1 BMA M . 18.83 15.67 -10.48
C2 BMA M . 19.59 15.83 -9.16
C3 BMA M . 18.69 15.49 -7.95
C4 BMA M . 17.17 15.62 -8.20
C5 BMA M . 16.75 16.46 -9.41
C6 BMA M . 16.41 17.91 -9.03
O2 BMA M . 20.11 17.13 -9.11
O3 BMA M . 19.14 16.33 -6.91
O4 BMA M . 16.71 14.29 -8.34
O5 BMA M . 17.67 16.47 -10.49
O6 BMA M . 15.22 17.86 -8.26
C1 NAG N . -21.72 -3.71 -15.16
C2 NAG N . -21.60 -3.32 -16.63
C3 NAG N . -21.44 -4.68 -17.29
C4 NAG N . -20.25 -5.44 -16.68
C5 NAG N . -20.00 -5.21 -15.18
C6 NAG N . -18.56 -5.44 -14.77
C7 NAG N . -22.58 -1.61 -18.10
C8 NAG N . -23.84 -0.95 -18.56
N2 NAG N . -22.71 -2.58 -17.17
O3 NAG N . -21.28 -4.49 -18.67
O4 NAG N . -20.59 -6.80 -16.86
O5 NAG N . -20.40 -3.91 -14.73
O6 NAG N . -17.68 -4.83 -15.69
O7 NAG N . -21.48 -1.27 -18.56
C1 NAG N . -19.69 -7.48 -17.74
C2 NAG N . -19.74 -8.97 -17.37
C3 NAG N . -18.82 -9.76 -18.31
C4 NAG N . -19.29 -9.49 -19.74
C5 NAG N . -19.22 -7.97 -20.01
C6 NAG N . -19.64 -7.58 -21.41
C7 NAG N . -20.31 -9.24 -15.00
C8 NAG N . -19.76 -9.43 -13.61
N2 NAG N . -19.41 -9.15 -15.99
O3 NAG N . -18.90 -11.12 -17.96
O4 NAG N . -18.57 -10.30 -20.66
O5 NAG N . -20.07 -7.32 -19.10
O6 NAG N . -20.95 -8.04 -21.66
O7 NAG N . -21.52 -9.18 -15.19
C1 BMA N . -17.12 -10.26 -20.59
C2 BMA N . -16.67 -10.48 -22.03
C3 BMA N . -15.13 -10.38 -22.19
C4 BMA N . -14.40 -9.58 -21.10
C5 BMA N . -15.27 -8.63 -20.26
C6 BMA N . -15.23 -7.19 -20.76
O2 BMA N . -17.36 -9.56 -22.85
O3 BMA N . -14.92 -9.88 -23.48
O4 BMA N . -13.79 -10.55 -20.27
O5 BMA N . -16.62 -9.03 -20.10
O6 BMA N . -13.94 -6.69 -20.50
C1 NAG O . -8.31 21.77 12.35
C2 NAG O . -9.65 22.51 12.41
C3 NAG O . -10.37 22.21 13.71
C4 NAG O . -10.51 20.70 13.86
C5 NAG O . -9.12 20.08 13.80
C6 NAG O . -9.10 18.58 13.98
C7 NAG O . -9.87 24.61 11.14
C8 NAG O . -9.56 26.09 11.16
N2 NAG O . -9.46 23.92 12.23
O3 NAG O . -11.61 22.86 13.70
O4 NAG O . -11.17 20.45 15.09
O5 NAG O . -8.52 20.39 12.55
O6 NAG O . -9.99 17.99 13.06
O7 NAG O . -10.45 24.10 10.21
C1 NAG O . -12.21 19.46 14.90
C2 NAG O . -12.83 19.19 16.27
C3 NAG O . -13.96 18.15 16.13
C4 NAG O . -14.97 18.73 15.14
C5 NAG O . -14.26 18.99 13.81
C6 NAG O . -15.17 19.54 12.73
C7 NAG O . -11.11 17.73 17.45
C8 NAG O . -11.27 16.58 16.48
N2 NAG O . -11.85 18.85 17.28
O3 NAG O . -14.50 17.91 17.39
O4 NAG O . -16.10 17.87 15.06
O5 NAG O . -13.21 19.91 14.02
O6 NAG O . -14.45 20.42 11.90
O7 NAG O . -10.31 17.62 18.37
C1 BMA O . -15.91 16.56 14.48
C2 BMA O . -17.08 15.75 15.00
C3 BMA O . -17.13 14.34 14.37
C4 BMA O . -16.41 14.18 13.01
C5 BMA O . -16.09 15.47 12.26
C6 BMA O . -17.09 15.80 11.16
O2 BMA O . -18.26 16.47 14.77
O3 BMA O . -18.50 14.00 14.30
O4 BMA O . -15.23 13.45 13.29
O5 BMA O . -15.89 16.61 13.07
O6 BMA O . -16.99 14.77 10.19
C1 NAG P . 30.92 -17.71 43.52
C2 NAG P . 29.59 -17.82 44.30
C3 NAG P . 29.64 -16.88 45.49
C4 NAG P . 30.88 -17.18 46.35
C5 NAG P . 32.13 -17.15 45.46
C6 NAG P . 33.41 -17.47 46.19
C7 NAG P . 27.35 -18.41 43.54
C8 NAG P . 26.19 -18.02 42.66
N2 NAG P . 28.41 -17.59 43.51
O3 NAG P . 28.46 -17.03 46.24
O4 NAG P . 30.94 -16.20 47.36
O5 NAG P . 31.97 -18.05 44.39
O6 NAG P . 33.30 -18.75 46.78
O7 NAG P . 27.30 -19.42 44.23
C1 NAG Q . 9.83 41.88 -19.36
C2 NAG Q . 10.50 43.01 -20.14
C3 NAG Q . 11.60 43.66 -19.30
C4 NAG Q . 11.01 44.10 -17.97
C5 NAG Q . 10.35 42.89 -17.29
C6 NAG Q . 9.74 43.21 -15.95
C7 NAG Q . 12.12 41.81 -21.61
C8 NAG Q . 12.38 41.45 -23.05
N2 NAG Q . 11.00 42.53 -21.42
O3 NAG Q . 12.12 44.74 -20.03
O4 NAG Q . 12.07 44.62 -17.19
O5 NAG Q . 9.35 42.38 -18.14
O6 NAG Q . 10.73 43.68 -15.07
O7 NAG Q . 12.86 41.44 -20.72
C1 NAG R . 13.84 -23.33 1.69
C2 NAG R . 14.08 -24.84 1.67
C3 NAG R . 15.47 -25.14 1.09
C4 NAG R . 15.61 -24.47 -0.26
C5 NAG R . 15.28 -22.98 -0.15
C6 NAG R . 15.35 -22.24 -1.47
C7 NAG R . 13.06 -26.34 3.33
C8 NAG R . 12.15 -26.79 2.22
N2 NAG R . 13.96 -25.40 2.99
O3 NAG R . 15.61 -26.53 1.02
O4 NAG R . 16.95 -24.68 -0.69
O5 NAG R . 13.98 -22.84 0.37
O6 NAG R . 14.84 -20.94 -1.31
O7 NAG R . 12.97 -26.81 4.45
C1 NAG S . 32.06 -47.24 2.87
C2 NAG S . 33.17 -46.17 2.86
C3 NAG S . 33.93 -46.22 1.54
C4 NAG S . 34.42 -47.64 1.28
C5 NAG S . 33.24 -48.60 1.33
C6 NAG S . 33.62 -50.05 1.11
C7 NAG S . 32.89 -44.08 4.12
C8 NAG S . 32.19 -42.73 4.12
N2 NAG S . 32.61 -44.86 3.05
O3 NAG S . 34.98 -45.30 1.60
O4 NAG S . 35.04 -47.64 0.01
O5 NAG S . 32.62 -48.50 2.60
O6 NAG S . 34.20 -50.19 -0.17
O7 NAG S . 33.64 -44.41 5.02
C1 NAG T . -18.49 12.61 -40.82
C2 NAG T . -19.39 12.46 -42.05
C3 NAG T . -18.74 11.46 -43.01
C4 NAG T . -17.34 11.95 -43.37
C5 NAG T . -16.54 12.22 -42.08
C6 NAG T . -15.16 12.80 -42.34
C7 NAG T . -21.05 11.08 -40.82
C8 NAG T . -22.53 10.89 -40.61
N2 NAG T . -20.73 12.06 -41.68
O3 NAG T . -19.56 11.36 -44.14
O4 NAG T . -16.73 10.96 -44.15
O5 NAG T . -17.24 13.12 -41.25
O6 NAG T . -14.37 11.85 -43.01
O7 NAG T . -20.23 10.37 -40.25
C1 NAG U . -3.27 -21.35 16.74
C2 NAG U . -3.81 -21.71 18.14
C3 NAG U . -4.68 -22.95 18.06
C4 NAG U . -5.77 -22.76 17.01
C5 NAG U . -5.13 -22.34 15.69
C6 NAG U . -6.13 -22.08 14.58
C7 NAG U . -1.73 -22.76 19.09
C8 NAG U . -1.69 -23.72 17.92
N2 NAG U . -2.74 -21.87 19.10
O3 NAG U . -5.22 -23.20 19.33
O4 NAG U . -6.47 -23.97 16.89
O5 NAG U . -4.36 -21.17 15.87
O6 NAG U . -7.00 -21.04 14.97
O7 NAG U . -0.89 -22.82 19.96
C1 NAG V . -9.26 -45.71 31.59
C2 NAG V . -9.26 -46.42 30.22
C3 NAG V . -10.57 -47.18 30.07
C4 NAG V . -10.73 -48.14 31.24
C5 NAG V . -10.60 -47.39 32.57
C6 NAG V . -10.66 -48.29 33.78
C7 NAG V . -8.18 -45.82 28.12
C8 NAG V . -8.07 -44.79 27.02
N2 NAG V . -9.04 -45.53 29.11
O3 NAG V . -10.56 -47.84 28.84
O4 NAG V . -12.00 -48.75 31.12
O5 NAG V . -9.36 -46.70 32.59
O6 NAG V . -11.90 -48.95 33.81
O7 NAG V . -7.51 -46.84 28.09
C1 NAG W . -32.80 33.09 -1.76
C2 NAG W . -33.72 34.16 -1.15
C3 NAG W . -34.91 33.51 -0.46
C4 NAG W . -35.62 32.56 -1.42
C5 NAG W . -34.59 31.56 -1.97
C6 NAG W . -35.18 30.57 -2.95
C7 NAG W . -32.72 36.30 -0.43
C8 NAG W . -31.94 36.96 0.67
N2 NAG W . -32.99 35.00 -0.23
O3 NAG W . -35.75 34.53 0.00
O4 NAG W . -36.64 31.92 -0.69
O5 NAG W . -33.55 32.27 -2.62
O6 NAG W . -36.05 29.69 -2.28
O7 NAG W . -33.07 36.93 -1.43
C1 NAG X . 15.76 -9.38 19.82
C2 NAG X . 17.03 -9.85 20.52
C3 NAG X . 17.05 -9.31 21.95
C4 NAG X . 16.86 -7.80 21.93
C5 NAG X . 15.60 -7.45 21.14
C6 NAG X . 15.35 -5.96 21.04
C7 NAG X . 18.14 -12.00 20.04
C8 NAG X . 19.25 -11.17 19.43
N2 NAG X . 17.11 -11.29 20.55
O3 NAG X . 18.27 -9.69 22.53
O4 NAG X . 16.78 -7.37 23.28
O5 NAG X . 15.72 -7.98 19.84
O6 NAG X . 14.30 -5.72 20.12
O7 NAG X . 18.20 -13.22 20.07
#